data_8PT4
#
_entry.id   8PT4
#
_entity_poly.entity_id   1
_entity_poly.type   'polypeptide(L)'
_entity_poly.pdbx_seq_one_letter_code
;MAGAEWKSLEECLEKHLPLPDLQEVKRVLYGKELRKLDLPREAFEAASREDFELQGYAFEAAEEQLRRPRIVHVGLVQNR
IPLPANAPVAEQVSALHRRIKAIVEVAAMCGVNIICFQEAWTMPFAFCTREKLPWTEFAESAEDGPTTRFCQKLAKNHDM
VVVSPILERDSEHGDVLWNTAVVISNSGAVLGKTRKNHIPRVGDFNESTYYMEGNLGHPVFQTQFGRIAVNICYGRHHPL
NWLMYSINGAEIIFNPSATIGALSESLWPIEARNAAIANHCFTCAINRVGTEHFPNEFTSGDGKKAHQDFGYFYGSSYVA
APDSSRTPGLSRSRDGLLVAKLDLNLCQQVNDVWNFKMTGRYEMYARELAEAVKSNYSPTIVKE
;
_entity_poly.pdbx_strand_id   A,B,C,D
#
# COMPACT_ATOMS: atom_id res chain seq x y z
N GLY A 3 -16.31 -25.01 -6.79
CA GLY A 3 -16.04 -26.23 -6.05
C GLY A 3 -16.21 -26.06 -4.55
N ALA A 4 -17.44 -26.23 -4.08
CA ALA A 4 -17.76 -26.13 -2.66
C ALA A 4 -18.25 -27.46 -2.08
N GLU A 5 -19.24 -28.08 -2.73
CA GLU A 5 -19.74 -29.36 -2.26
C GLU A 5 -18.68 -30.45 -2.35
N TRP A 6 -17.86 -30.42 -3.40
CA TRP A 6 -16.85 -31.44 -3.60
C TRP A 6 -15.88 -31.48 -2.43
N LYS A 7 -15.54 -32.69 -1.99
CA LYS A 7 -14.70 -32.90 -0.82
C LYS A 7 -13.23 -32.91 -1.23
N SER A 8 -12.36 -33.35 -0.32
CA SER A 8 -10.93 -33.33 -0.57
C SER A 8 -10.56 -34.23 -1.74
N LEU A 9 -9.47 -33.87 -2.41
CA LEU A 9 -9.03 -34.59 -3.60
C LEU A 9 -8.68 -36.04 -3.27
N GLU A 10 -7.99 -36.25 -2.15
CA GLU A 10 -7.56 -37.58 -1.76
C GLU A 10 -8.76 -38.51 -1.59
N GLU A 11 -9.82 -38.02 -0.94
CA GLU A 11 -11.00 -38.83 -0.70
C GLU A 11 -11.64 -39.25 -2.02
N CYS A 12 -11.77 -38.31 -2.96
CA CYS A 12 -12.36 -38.62 -4.26
C CYS A 12 -11.52 -39.64 -5.02
N LEU A 13 -10.19 -39.45 -5.03
CA LEU A 13 -9.32 -40.37 -5.75
C LEU A 13 -9.41 -41.77 -5.16
N GLU A 14 -9.34 -41.87 -3.83
CA GLU A 14 -9.50 -43.16 -3.17
C GLU A 14 -10.87 -43.75 -3.46
N LYS A 15 -11.88 -42.89 -3.64
CA LYS A 15 -13.25 -43.33 -3.83
C LYS A 15 -13.47 -43.95 -5.22
N HIS A 16 -12.75 -43.49 -6.24
CA HIS A 16 -13.10 -43.88 -7.60
C HIS A 16 -12.12 -44.87 -8.23
N LEU A 17 -10.84 -44.50 -8.33
CA LEU A 17 -9.90 -45.36 -9.03
C LEU A 17 -9.50 -46.55 -8.17
N PRO A 18 -9.14 -47.69 -8.79
CA PRO A 18 -8.79 -48.88 -8.00
C PRO A 18 -7.48 -48.71 -7.25
N LEU A 19 -7.19 -49.68 -6.39
CA LEU A 19 -6.05 -49.60 -5.47
C LEU A 19 -4.69 -49.44 -6.15
N PRO A 20 -4.33 -50.23 -7.17
CA PRO A 20 -3.00 -50.02 -7.80
C PRO A 20 -2.87 -48.65 -8.44
N ASP A 21 -3.89 -48.25 -9.21
CA ASP A 21 -3.88 -46.92 -9.82
C ASP A 21 -3.89 -45.84 -8.75
N LEU A 22 -4.66 -46.03 -7.68
CA LEU A 22 -4.68 -45.07 -6.59
C LEU A 22 -3.30 -44.92 -5.96
N GLN A 23 -2.60 -46.04 -5.73
CA GLN A 23 -1.27 -45.98 -5.15
C GLN A 23 -0.29 -45.27 -6.08
N GLU A 24 -0.39 -45.54 -7.38
CA GLU A 24 0.50 -44.87 -8.33
C GLU A 24 0.23 -43.36 -8.35
N VAL A 25 -1.05 -42.97 -8.35
CA VAL A 25 -1.40 -41.56 -8.33
C VAL A 25 -0.91 -40.91 -7.03
N LYS A 26 -1.03 -41.63 -5.92
CA LYS A 26 -0.50 -41.15 -4.65
C LYS A 26 1.00 -40.90 -4.74
N ARG A 27 1.74 -41.86 -5.32
CA ARG A 27 3.18 -41.73 -5.41
C ARG A 27 3.59 -40.63 -6.38
N VAL A 28 2.73 -40.28 -7.33
CA VAL A 28 3.01 -39.18 -8.25
C VAL A 28 2.68 -37.83 -7.63
N LEU A 29 1.56 -37.74 -6.92
CA LEU A 29 1.09 -36.46 -6.40
C LEU A 29 1.61 -36.18 -4.99
N TYR A 30 1.34 -37.09 -4.05
CA TYR A 30 1.62 -36.85 -2.64
C TYR A 30 3.00 -37.36 -2.24
N GLY A 31 3.85 -37.66 -3.22
CA GLY A 31 5.20 -38.10 -2.93
C GLY A 31 5.26 -39.56 -2.53
N LYS A 32 5.49 -39.80 -1.25
CA LYS A 32 5.61 -41.16 -0.74
C LYS A 32 4.46 -41.48 0.20
N GLU A 33 4.08 -42.75 0.26
CA GLU A 33 3.02 -43.20 1.16
C GLU A 33 3.56 -43.30 2.59
N LEU A 34 3.58 -42.16 3.27
CA LEU A 34 4.04 -42.12 4.65
C LEU A 34 3.05 -42.85 5.57
N ARG A 35 3.58 -43.41 6.65
CA ARG A 35 2.75 -44.16 7.58
C ARG A 35 1.78 -43.22 8.30
N LYS A 36 0.54 -43.69 8.46
CA LYS A 36 -0.45 -42.92 9.20
C LYS A 36 -0.13 -42.96 10.69
N LEU A 37 -0.17 -41.79 11.33
CA LEU A 37 0.12 -41.70 12.76
C LEU A 37 -0.89 -42.53 13.55
N ASP A 38 -0.39 -43.30 14.51
CA ASP A 38 -1.24 -44.11 15.37
C ASP A 38 -1.78 -43.25 16.51
N LEU A 39 -3.00 -42.74 16.31
CA LEU A 39 -3.62 -41.88 17.30
C LEU A 39 -4.56 -42.70 18.19
N PRO A 40 -4.80 -42.24 19.42
CA PRO A 40 -5.74 -42.96 20.30
C PRO A 40 -7.12 -43.07 19.68
N ARG A 41 -7.74 -44.24 19.85
CA ARG A 41 -9.05 -44.49 19.26
C ARG A 41 -10.10 -43.53 19.81
N GLU A 42 -10.12 -43.34 21.14
CA GLU A 42 -11.12 -42.46 21.74
C GLU A 42 -10.99 -41.04 21.23
N ALA A 43 -9.75 -40.59 20.94
CA ALA A 43 -9.57 -39.28 20.32
C ALA A 43 -10.32 -39.21 19.00
N PHE A 44 -10.20 -40.25 18.17
CA PHE A 44 -10.98 -40.29 16.95
C PHE A 44 -12.47 -40.19 17.24
N GLU A 45 -12.94 -40.88 18.29
CA GLU A 45 -14.34 -40.77 18.66
C GLU A 45 -14.69 -39.32 18.98
N ALA A 46 -13.82 -38.64 19.71
CA ALA A 46 -14.04 -37.22 19.99
C ALA A 46 -14.11 -36.42 18.71
N ALA A 47 -13.24 -36.75 17.74
CA ALA A 47 -13.28 -36.07 16.45
C ALA A 47 -14.63 -36.27 15.78
N SER A 48 -15.20 -37.47 15.92
CA SER A 48 -16.54 -37.70 15.38
C SER A 48 -17.59 -36.88 16.13
N ARG A 49 -17.41 -36.72 17.44
CA ARG A 49 -18.43 -36.08 18.26
C ARG A 49 -18.44 -34.56 18.06
N GLU A 50 -17.25 -33.96 17.91
CA GLU A 50 -17.11 -32.52 17.88
C GLU A 50 -17.15 -31.94 16.46
N ASP A 51 -17.57 -32.74 15.48
CA ASP A 51 -17.82 -32.27 14.11
C ASP A 51 -16.56 -31.67 13.47
N PHE A 52 -15.41 -32.30 13.70
CA PHE A 52 -14.19 -31.90 13.03
C PHE A 52 -13.38 -33.15 12.68
N GLU A 53 -12.74 -33.11 11.51
CA GLU A 53 -12.00 -34.26 11.01
C GLU A 53 -10.59 -34.28 11.59
N LEU A 54 -10.14 -35.47 11.97
CA LEU A 54 -8.80 -35.67 12.52
C LEU A 54 -8.01 -36.57 11.58
N GLN A 55 -6.80 -36.12 11.22
CA GLN A 55 -5.93 -36.86 10.33
C GLN A 55 -4.53 -36.93 10.94
N GLY A 56 -3.96 -38.13 10.97
CA GLY A 56 -2.63 -38.30 11.53
C GLY A 56 -1.65 -38.95 10.57
N TYR A 57 -0.53 -38.29 10.33
CA TYR A 57 0.51 -38.80 9.45
C TYR A 57 1.88 -38.61 10.11
N ALA A 58 2.80 -39.53 9.83
CA ALA A 58 4.13 -39.51 10.42
C ALA A 58 5.17 -39.51 9.32
N PHE A 59 6.05 -38.51 9.33
CA PHE A 59 7.14 -38.45 8.36
C PHE A 59 8.30 -39.30 8.84
N GLU A 60 8.71 -40.26 8.02
CA GLU A 60 9.81 -41.14 8.37
C GLU A 60 11.15 -40.47 8.11
N ALA A 61 12.14 -40.84 8.92
CA ALA A 61 13.47 -40.25 8.83
C ALA A 61 14.52 -41.34 8.96
N ALA A 62 15.70 -41.06 8.41
CA ALA A 62 16.82 -41.99 8.47
C ALA A 62 17.48 -41.93 9.84
N GLU A 63 17.64 -43.08 10.48
CA GLU A 63 18.26 -43.13 11.80
C GLU A 63 19.69 -42.63 11.74
N GLU A 64 20.07 -41.81 12.73
CA GLU A 64 21.42 -41.29 12.87
C GLU A 64 22.05 -41.88 14.11
N GLN A 65 23.22 -42.50 13.94
CA GLN A 65 23.88 -43.19 15.05
C GLN A 65 24.34 -42.23 16.13
N LEU A 66 24.61 -40.97 15.78
CA LEU A 66 25.12 -40.00 16.72
C LEU A 66 24.04 -39.05 17.25
N ARG A 67 23.03 -38.73 16.45
CA ARG A 67 21.98 -37.80 16.85
C ARG A 67 20.66 -38.54 16.86
N ARG A 68 20.01 -38.57 18.02
CA ARG A 68 18.69 -39.19 18.11
C ARG A 68 17.65 -38.30 17.43
N PRO A 69 16.63 -38.92 16.82
CA PRO A 69 15.59 -38.12 16.15
C PRO A 69 14.84 -37.24 17.14
N ARG A 70 14.61 -35.99 16.73
CA ARG A 70 13.88 -35.02 17.54
C ARG A 70 12.42 -34.95 17.10
N ILE A 71 11.68 -36.00 17.43
CA ILE A 71 10.29 -36.14 17.05
C ILE A 71 9.47 -35.00 17.65
N VAL A 72 8.80 -34.24 16.79
CA VAL A 72 7.92 -33.14 17.21
C VAL A 72 6.57 -33.34 16.54
N HIS A 73 5.52 -33.49 17.34
CA HIS A 73 4.17 -33.55 16.80
C HIS A 73 3.65 -32.15 16.55
N VAL A 74 3.10 -31.93 15.36
CA VAL A 74 2.62 -30.62 14.94
C VAL A 74 1.14 -30.72 14.58
N GLY A 75 0.36 -29.77 15.07
CA GLY A 75 -1.06 -29.73 14.79
C GLY A 75 -1.43 -28.50 13.98
N LEU A 76 -2.39 -28.69 13.07
CA LEU A 76 -2.90 -27.62 12.22
C LEU A 76 -4.41 -27.63 12.31
N VAL A 77 -4.98 -26.52 12.77
CA VAL A 77 -6.42 -26.40 12.96
C VAL A 77 -6.98 -25.48 11.89
N GLN A 78 -7.95 -25.97 11.12
CA GLN A 78 -8.72 -25.16 10.20
C GLN A 78 -10.18 -25.21 10.63
N ASN A 79 -10.76 -24.04 10.90
CA ASN A 79 -12.13 -23.97 11.38
C ASN A 79 -12.88 -22.85 10.67
N ARG A 80 -14.19 -23.01 10.58
CA ARG A 80 -15.06 -21.98 10.04
C ARG A 80 -15.42 -20.99 11.16
N ILE A 81 -16.25 -20.01 10.82
CA ILE A 81 -16.84 -19.12 11.81
C ILE A 81 -18.16 -19.74 12.25
N PRO A 82 -18.32 -20.07 13.54
CA PRO A 82 -19.57 -20.71 13.97
C PRO A 82 -20.74 -19.75 14.03
N LEU A 83 -20.49 -18.45 14.03
CA LEU A 83 -21.52 -17.42 14.03
C LEU A 83 -21.45 -16.59 12.76
N PRO A 84 -22.55 -15.98 12.35
CA PRO A 84 -22.51 -15.12 11.16
C PRO A 84 -21.65 -13.89 11.40
N ALA A 85 -21.15 -13.32 10.30
CA ALA A 85 -20.24 -12.17 10.40
C ALA A 85 -20.93 -10.98 11.06
N ASN A 86 -22.20 -10.75 10.73
CA ASN A 86 -22.98 -9.66 11.31
C ASN A 86 -23.44 -10.06 12.71
N ALA A 87 -22.48 -10.13 13.62
CA ALA A 87 -22.71 -10.53 15.00
C ALA A 87 -21.87 -9.66 15.92
N PRO A 88 -22.26 -9.54 17.19
CA PRO A 88 -21.44 -8.77 18.14
C PRO A 88 -20.04 -9.33 18.25
N VAL A 89 -19.07 -8.42 18.44
CA VAL A 89 -17.67 -8.82 18.46
C VAL A 89 -17.40 -9.79 19.60
N ALA A 90 -17.92 -9.49 20.80
CA ALA A 90 -17.66 -10.32 21.96
C ALA A 90 -18.21 -11.73 21.77
N GLU A 91 -19.44 -11.84 21.24
CA GLU A 91 -20.04 -13.15 21.04
C GLU A 91 -19.25 -13.99 20.05
N GLN A 92 -18.84 -13.37 18.92
CA GLN A 92 -18.05 -14.10 17.93
C GLN A 92 -16.71 -14.53 18.50
N VAL A 93 -16.04 -13.64 19.24
CA VAL A 93 -14.75 -13.97 19.81
C VAL A 93 -14.88 -15.12 20.81
N SER A 94 -15.91 -15.08 21.65
CA SER A 94 -16.12 -16.15 22.63
C SER A 94 -16.43 -17.47 21.94
N ALA A 95 -17.27 -17.44 20.91
CA ALA A 95 -17.61 -18.66 20.19
C ALA A 95 -16.38 -19.26 19.52
N LEU A 96 -15.55 -18.42 18.90
CA LEU A 96 -14.32 -18.90 18.30
C LEU A 96 -13.35 -19.43 19.34
N HIS A 97 -13.28 -18.79 20.52
CA HIS A 97 -12.43 -19.29 21.59
C HIS A 97 -12.87 -20.68 22.03
N ARG A 98 -14.17 -20.88 22.22
CA ARG A 98 -14.66 -22.20 22.63
C ARG A 98 -14.41 -23.24 21.55
N ARG A 99 -14.65 -22.88 20.28
CA ARG A 99 -14.45 -23.83 19.18
C ARG A 99 -12.98 -24.22 19.07
N ILE A 100 -12.08 -23.24 19.20
CA ILE A 100 -10.64 -23.55 19.14
C ILE A 100 -10.23 -24.37 20.36
N LYS A 101 -10.79 -24.05 21.54
CA LYS A 101 -10.40 -24.76 22.75
C LYS A 101 -10.78 -26.24 22.69
N ALA A 102 -11.95 -26.54 22.12
CA ALA A 102 -12.36 -27.94 22.00
C ALA A 102 -11.36 -28.74 21.16
N ILE A 103 -10.96 -28.18 20.02
CA ILE A 103 -10.00 -28.86 19.15
C ILE A 103 -8.65 -28.97 19.84
N VAL A 104 -8.26 -27.95 20.61
CA VAL A 104 -7.02 -28.01 21.37
C VAL A 104 -7.07 -29.12 22.40
N GLU A 105 -8.22 -29.28 23.07
CA GLU A 105 -8.37 -30.36 24.04
C GLU A 105 -8.22 -31.72 23.37
N VAL A 106 -8.79 -31.88 22.17
CA VAL A 106 -8.64 -33.13 21.44
C VAL A 106 -7.19 -33.34 21.00
N ALA A 107 -6.49 -32.27 20.63
CA ALA A 107 -5.11 -32.41 20.19
C ALA A 107 -4.16 -32.71 21.33
N ALA A 108 -4.45 -32.18 22.53
CA ALA A 108 -3.56 -32.34 23.67
C ALA A 108 -3.39 -33.79 24.07
N MET A 109 -4.40 -34.63 23.83
CA MET A 109 -4.32 -36.06 24.13
C MET A 109 -3.75 -36.85 22.95
N CYS A 110 -2.98 -36.20 22.08
CA CYS A 110 -2.34 -36.87 20.95
C CYS A 110 -0.86 -36.55 20.85
N GLY A 111 -0.29 -35.85 21.83
CA GLY A 111 1.12 -35.57 21.85
C GLY A 111 1.57 -34.34 21.09
N VAL A 112 0.63 -33.53 20.59
CA VAL A 112 1.00 -32.36 19.81
C VAL A 112 1.81 -31.39 20.66
N ASN A 113 2.81 -30.76 20.05
CA ASN A 113 3.65 -29.78 20.72
C ASN A 113 3.50 -28.38 20.17
N ILE A 114 3.23 -28.24 18.87
CA ILE A 114 3.03 -26.94 18.23
C ILE A 114 1.71 -26.99 17.48
N ILE A 115 0.96 -25.89 17.58
CA ILE A 115 -0.35 -25.78 16.93
C ILE A 115 -0.43 -24.44 16.23
N CYS A 116 -1.30 -24.38 15.22
CA CYS A 116 -1.46 -23.17 14.42
C CYS A 116 -2.90 -23.06 13.95
N PHE A 117 -3.34 -21.83 13.71
CA PHE A 117 -4.69 -21.53 13.28
C PHE A 117 -4.64 -20.71 12.00
N GLN A 118 -5.81 -20.54 11.38
CA GLN A 118 -5.88 -19.78 10.15
C GLN A 118 -5.58 -18.30 10.42
N GLU A 119 -5.29 -17.57 9.34
CA GLU A 119 -4.98 -16.15 9.45
C GLU A 119 -6.15 -15.39 10.05
N ALA A 120 -5.89 -14.67 11.14
CA ALA A 120 -6.90 -13.88 11.85
C ALA A 120 -8.12 -14.75 12.19
N TRP A 121 -7.87 -15.82 12.94
CA TRP A 121 -8.94 -16.75 13.29
C TRP A 121 -9.96 -16.11 14.23
N THR A 122 -9.58 -15.04 14.93
CA THR A 122 -10.48 -14.41 15.89
C THR A 122 -11.57 -13.60 15.23
N MET A 123 -11.40 -13.22 13.97
CA MET A 123 -12.39 -12.38 13.30
C MET A 123 -12.63 -12.88 11.88
N PRO A 124 -13.87 -12.75 11.38
CA PRO A 124 -14.12 -13.09 9.97
C PRO A 124 -13.41 -12.12 9.05
N PHE A 125 -12.94 -12.64 7.91
CA PHE A 125 -12.22 -11.82 6.95
C PHE A 125 -13.18 -10.84 6.31
N ALA A 126 -13.05 -9.56 6.68
CA ALA A 126 -13.95 -8.52 6.21
C ALA A 126 -13.22 -7.37 5.52
N PHE A 127 -11.99 -7.60 5.06
CA PHE A 127 -11.25 -6.55 4.37
C PHE A 127 -11.88 -6.22 3.02
N CYS A 128 -12.69 -7.13 2.48
CA CYS A 128 -13.34 -6.89 1.20
C CYS A 128 -14.33 -5.74 1.26
N THR A 129 -15.06 -5.62 2.36
CA THR A 129 -16.10 -4.59 2.48
C THR A 129 -15.53 -3.18 2.51
N ARG A 130 -14.23 -3.04 2.80
CA ARG A 130 -13.56 -1.73 2.84
C ARG A 130 -14.24 -0.78 3.82
N GLU A 131 -14.71 -1.31 4.94
CA GLU A 131 -15.40 -0.54 5.96
C GLU A 131 -14.58 -0.58 7.25
N LYS A 132 -14.31 0.59 7.82
CA LYS A 132 -13.54 0.67 9.05
C LYS A 132 -14.37 0.24 10.26
N LEU A 133 -15.67 0.42 10.21
CA LEU A 133 -16.50 0.03 11.34
C LEU A 133 -17.61 -0.92 10.89
N PRO A 134 -17.91 -1.95 11.69
CA PRO A 134 -17.25 -2.33 12.94
C PRO A 134 -16.19 -3.41 12.75
N TRP A 135 -15.65 -3.53 11.54
CA TRP A 135 -14.71 -4.62 11.23
C TRP A 135 -13.32 -4.39 11.81
N THR A 136 -12.98 -3.16 12.16
CA THR A 136 -11.72 -2.88 12.84
C THR A 136 -11.87 -2.93 14.36
N GLU A 137 -13.07 -3.20 14.86
CA GLU A 137 -13.30 -3.31 16.29
C GLU A 137 -12.78 -4.63 16.86
N PHE A 138 -12.60 -5.64 16.02
CA PHE A 138 -12.00 -6.89 16.47
C PHE A 138 -10.54 -6.73 16.85
N ALA A 139 -9.87 -5.69 16.36
CA ALA A 139 -8.44 -5.51 16.63
C ALA A 139 -8.22 -5.09 18.08
N GLU A 140 -7.22 -5.71 18.71
CA GLU A 140 -6.81 -5.35 20.07
C GLU A 140 -5.30 -5.41 20.15
N SER A 141 -4.77 -5.09 21.33
CA SER A 141 -3.33 -5.14 21.55
C SER A 141 -2.86 -6.59 21.50
N ALA A 142 -1.84 -6.85 20.70
CA ALA A 142 -1.34 -8.21 20.54
C ALA A 142 -0.75 -8.74 21.84
N GLU A 143 0.04 -7.91 22.54
CA GLU A 143 0.70 -8.38 23.76
C GLU A 143 -0.30 -8.51 24.90
N ASP A 144 -1.35 -7.69 24.92
CA ASP A 144 -2.34 -7.70 25.99
C ASP A 144 -3.73 -7.61 25.36
N GLY A 145 -4.32 -8.75 25.05
CA GLY A 145 -5.67 -8.80 24.54
C GLY A 145 -6.43 -9.97 25.12
N PRO A 146 -7.76 -9.94 24.99
CA PRO A 146 -8.56 -11.09 25.46
C PRO A 146 -8.18 -12.38 24.75
N THR A 147 -7.94 -12.31 23.44
CA THR A 147 -7.52 -13.49 22.69
C THR A 147 -6.13 -13.94 23.10
N THR A 148 -5.21 -13.02 23.34
CA THR A 148 -3.85 -13.38 23.74
C THR A 148 -3.84 -14.07 25.10
N ARG A 149 -4.56 -13.52 26.07
CA ARG A 149 -4.65 -14.16 27.38
C ARG A 149 -5.38 -15.49 27.31
N PHE A 150 -6.44 -15.58 26.49
CA PHE A 150 -7.12 -16.86 26.31
C PHE A 150 -6.18 -17.91 25.73
N CYS A 151 -5.39 -17.53 24.73
CA CYS A 151 -4.43 -18.46 24.15
C CYS A 151 -3.35 -18.85 25.16
N GLN A 152 -2.89 -17.89 25.98
CA GLN A 152 -1.91 -18.22 27.01
C GLN A 152 -2.49 -19.18 28.04
N LYS A 153 -3.80 -19.11 28.27
CA LYS A 153 -4.44 -20.11 29.13
C LYS A 153 -4.32 -21.51 28.55
N LEU A 154 -4.49 -21.65 27.24
CA LEU A 154 -4.35 -22.95 26.58
C LEU A 154 -2.89 -23.35 26.40
N ALA A 155 -1.96 -22.39 26.47
CA ALA A 155 -0.56 -22.71 26.28
C ALA A 155 0.03 -23.39 27.51
N LYS A 156 -0.34 -22.91 28.71
CA LYS A 156 0.32 -23.32 29.94
C LYS A 156 -0.37 -24.48 30.64
N ASN A 157 -1.47 -24.98 30.09
CA ASN A 157 -2.13 -26.15 30.65
C ASN A 157 -1.88 -27.42 29.86
N HIS A 158 -1.73 -27.31 28.55
CA HIS A 158 -1.42 -28.46 27.70
C HIS A 158 0.01 -28.43 27.16
N ASP A 159 0.84 -27.51 27.64
CA ASP A 159 2.25 -27.37 27.25
C ASP A 159 2.46 -27.52 25.75
N MET A 160 1.66 -26.80 24.97
CA MET A 160 1.76 -26.82 23.52
C MET A 160 2.03 -25.41 23.03
N VAL A 161 2.97 -25.28 22.08
CA VAL A 161 3.22 -23.98 21.46
C VAL A 161 2.04 -23.62 20.57
N VAL A 162 1.49 -22.43 20.76
CA VAL A 162 0.30 -21.98 20.06
C VAL A 162 0.68 -20.82 19.17
N VAL A 163 0.30 -20.91 17.90
CA VAL A 163 0.49 -19.83 16.92
C VAL A 163 -0.90 -19.28 16.61
N SER A 164 -1.21 -18.10 17.13
CA SER A 164 -2.53 -17.51 16.99
C SER A 164 -2.47 -16.26 16.13
N PRO A 165 -2.78 -16.34 14.84
CA PRO A 165 -2.83 -15.13 14.02
C PRO A 165 -4.00 -14.24 14.43
N ILE A 166 -3.70 -12.96 14.65
CA ILE A 166 -4.69 -12.00 15.10
C ILE A 166 -4.56 -10.71 14.30
N LEU A 167 -5.33 -9.70 14.68
CA LEU A 167 -5.27 -8.38 14.05
C LEU A 167 -4.80 -7.36 15.09
N GLU A 168 -3.48 -7.21 15.21
CA GLU A 168 -2.90 -6.36 16.24
C GLU A 168 -3.25 -4.90 16.03
N ARG A 169 -3.94 -4.32 17.01
CA ARG A 169 -4.21 -2.89 17.02
C ARG A 169 -3.06 -2.18 17.75
N ASP A 170 -2.05 -1.76 16.99
CA ASP A 170 -0.87 -1.12 17.55
C ASP A 170 -1.26 0.25 18.09
N SER A 171 -1.59 0.30 19.38
CA SER A 171 -2.11 1.51 19.99
C SER A 171 -1.02 2.43 20.52
N GLU A 172 0.13 1.87 20.93
CA GLU A 172 1.20 2.69 21.47
C GLU A 172 1.81 3.60 20.40
N HIS A 173 1.59 3.31 19.12
CA HIS A 173 2.15 4.10 18.03
C HIS A 173 1.02 4.55 17.10
N GLY A 174 -0.05 5.08 17.69
CA GLY A 174 -1.10 5.72 16.91
C GLY A 174 -2.28 4.86 16.52
N ASP A 175 -2.61 3.84 17.32
CA ASP A 175 -3.86 3.10 17.18
C ASP A 175 -4.06 2.55 15.77
N VAL A 176 -3.00 1.99 15.19
CA VAL A 176 -3.04 1.48 13.82
C VAL A 176 -3.10 -0.04 13.84
N LEU A 177 -3.97 -0.60 12.99
CA LEU A 177 -4.13 -2.04 12.89
C LEU A 177 -2.97 -2.67 12.14
N TRP A 178 -2.61 -3.88 12.53
CA TRP A 178 -1.62 -4.68 11.82
C TRP A 178 -2.04 -6.14 11.88
N ASN A 179 -1.79 -6.85 10.78
CA ASN A 179 -2.09 -8.29 10.72
C ASN A 179 -0.91 -9.07 11.27
N THR A 180 -0.90 -9.25 12.59
CA THR A 180 0.21 -9.87 13.29
C THR A 180 -0.20 -11.22 13.84
N ALA A 181 0.76 -12.16 13.87
CA ALA A 181 0.50 -13.51 14.35
C ALA A 181 1.39 -13.78 15.56
N VAL A 182 0.81 -13.67 16.75
CA VAL A 182 1.55 -13.88 17.99
C VAL A 182 1.81 -15.37 18.18
N VAL A 183 3.00 -15.70 18.67
CA VAL A 183 3.40 -17.08 18.97
C VAL A 183 3.79 -17.15 20.43
N ILE A 184 3.09 -17.99 21.20
CA ILE A 184 3.35 -18.16 22.62
C ILE A 184 3.97 -19.53 22.85
N SER A 185 4.86 -19.62 23.82
CA SER A 185 5.52 -20.88 24.14
C SER A 185 4.59 -21.78 24.94
N ASN A 186 5.12 -22.93 25.38
CA ASN A 186 4.36 -23.82 26.23
C ASN A 186 4.21 -23.27 27.65
N SER A 187 4.99 -22.23 27.99
CA SER A 187 4.86 -21.58 29.29
C SER A 187 3.92 -20.40 29.24
N GLY A 188 3.26 -20.16 28.11
CA GLY A 188 2.33 -19.07 27.97
C GLY A 188 2.94 -17.69 28.07
N ALA A 189 4.12 -17.48 27.49
CA ALA A 189 4.76 -16.17 27.49
C ALA A 189 5.18 -15.76 26.08
N VAL A 190 4.23 -15.22 25.32
CA VAL A 190 4.45 -14.44 24.10
C VAL A 190 5.90 -14.43 23.64
N LEU A 191 6.27 -15.43 22.83
CA LEU A 191 7.62 -15.51 22.30
C LEU A 191 7.90 -14.46 21.24
N GLY A 192 6.86 -13.95 20.57
CA GLY A 192 7.05 -12.96 19.52
C GLY A 192 5.77 -12.74 18.77
N LYS A 193 5.81 -11.79 17.84
CA LYS A 193 4.66 -11.42 17.03
C LYS A 193 5.12 -11.00 15.64
N THR A 194 4.99 -11.93 14.68
CA THR A 194 5.40 -11.66 13.30
C THR A 194 4.31 -10.89 12.57
N ARG A 195 4.71 -9.79 11.92
CA ARG A 195 3.79 -8.95 11.17
C ARG A 195 3.70 -9.42 9.73
N LYS A 196 2.81 -8.79 8.96
CA LYS A 196 2.55 -9.18 7.57
C LYS A 196 3.47 -8.38 6.66
N ASN A 197 4.42 -9.08 6.02
CA ASN A 197 5.38 -8.40 5.15
C ASN A 197 4.77 -8.02 3.81
N HIS A 198 3.89 -8.86 3.26
CA HIS A 198 3.33 -8.67 1.94
C HIS A 198 1.82 -8.52 2.03
N ILE A 199 1.27 -7.56 1.29
CA ILE A 199 -0.15 -7.27 1.29
C ILE A 199 -0.72 -7.59 -0.09
N PRO A 200 -1.73 -8.45 -0.20
CA PRO A 200 -2.31 -8.75 -1.51
C PRO A 200 -3.33 -7.70 -1.94
N ARG A 201 -2.95 -6.85 -2.89
CA ARG A 201 -3.84 -5.82 -3.40
C ARG A 201 -4.60 -6.28 -4.63
N VAL A 202 -5.30 -7.41 -4.52
CA VAL A 202 -5.95 -8.04 -5.66
C VAL A 202 -7.42 -8.28 -5.34
N GLY A 203 -8.29 -7.80 -6.24
CA GLY A 203 -9.70 -8.18 -6.22
C GLY A 203 -10.35 -8.02 -4.86
N ASP A 204 -10.94 -9.11 -4.35
CA ASP A 204 -11.63 -9.08 -3.07
C ASP A 204 -10.67 -8.78 -1.91
N PHE A 205 -9.40 -9.12 -2.07
CA PHE A 205 -8.39 -8.84 -1.06
C PHE A 205 -8.07 -7.36 -1.04
N ASN A 206 -8.95 -6.58 -0.40
CA ASN A 206 -8.71 -5.15 -0.19
C ASN A 206 -8.06 -4.96 1.19
N GLU A 207 -6.95 -5.67 1.38
CA GLU A 207 -6.23 -5.66 2.65
C GLU A 207 -5.27 -4.48 2.78
N SER A 208 -5.02 -3.75 1.70
CA SER A 208 -4.14 -2.59 1.76
C SER A 208 -4.81 -1.40 2.45
N THR A 209 -6.14 -1.33 2.42
CA THR A 209 -6.87 -0.23 3.03
C THR A 209 -7.10 -0.44 4.53
N TYR A 210 -6.39 -1.38 5.14
CA TYR A 210 -6.52 -1.65 6.58
C TYR A 210 -5.20 -1.59 7.32
N TYR A 211 -4.09 -1.91 6.68
CA TYR A 211 -2.78 -1.88 7.33
C TYR A 211 -1.70 -1.73 6.27
N MET A 212 -0.46 -1.58 6.73
CA MET A 212 0.70 -1.44 5.84
C MET A 212 1.58 -2.68 5.96
N GLU A 213 2.63 -2.74 5.15
CA GLU A 213 3.54 -3.86 5.19
C GLU A 213 4.31 -3.87 6.50
N GLY A 214 4.47 -5.07 7.07
CA GLY A 214 5.12 -5.20 8.37
C GLY A 214 6.61 -4.90 8.30
N ASN A 215 7.06 -4.05 9.21
CA ASN A 215 8.48 -3.70 9.31
C ASN A 215 9.26 -4.68 10.18
N LEU A 216 8.59 -5.69 10.74
CA LEU A 216 9.26 -6.62 11.63
C LEU A 216 10.30 -7.48 10.91
N GLY A 217 10.25 -7.53 9.58
CA GLY A 217 11.21 -8.33 8.85
C GLY A 217 10.83 -9.79 8.85
N HIS A 218 11.80 -10.66 9.12
CA HIS A 218 11.59 -12.11 9.14
C HIS A 218 12.06 -12.69 10.46
N PRO A 219 11.28 -12.57 11.53
CA PRO A 219 11.67 -13.15 12.81
C PRO A 219 11.49 -14.66 12.81
N VAL A 220 12.36 -15.33 13.58
CA VAL A 220 12.28 -16.77 13.80
C VAL A 220 12.19 -17.01 15.30
N PHE A 221 11.13 -17.69 15.72
CA PHE A 221 10.88 -17.89 17.14
C PHE A 221 11.43 -19.25 17.56
N GLN A 222 12.23 -19.23 18.62
CA GLN A 222 12.87 -20.44 19.13
C GLN A 222 12.02 -21.02 20.25
N THR A 223 11.48 -22.21 20.02
CA THR A 223 10.72 -22.94 21.03
C THR A 223 11.57 -24.09 21.56
N GLN A 224 11.17 -24.63 22.71
CA GLN A 224 11.90 -25.73 23.32
C GLN A 224 11.97 -26.95 22.42
N PHE A 225 11.00 -27.13 21.53
CA PHE A 225 11.00 -28.23 20.58
C PHE A 225 11.81 -27.92 19.33
N GLY A 226 11.58 -26.77 18.71
CA GLY A 226 12.31 -26.39 17.52
C GLY A 226 11.93 -25.00 17.06
N ARG A 227 12.80 -24.43 16.23
CA ARG A 227 12.57 -23.11 15.66
C ARG A 227 11.36 -23.14 14.73
N ILE A 228 10.48 -22.15 14.85
CA ILE A 228 9.28 -22.05 14.04
C ILE A 228 9.11 -20.63 13.55
N ALA A 229 8.70 -20.46 12.31
CA ALA A 229 8.40 -19.17 11.72
C ALA A 229 6.94 -19.13 11.27
N VAL A 230 6.46 -17.92 11.02
CA VAL A 230 5.08 -17.69 10.58
C VAL A 230 5.11 -16.93 9.26
N ASN A 231 4.41 -17.45 8.27
CA ASN A 231 4.32 -16.84 6.95
C ASN A 231 2.87 -16.47 6.69
N ILE A 232 2.61 -15.18 6.46
CA ILE A 232 1.25 -14.69 6.29
C ILE A 232 0.77 -15.02 4.88
N CYS A 233 -0.54 -14.86 4.65
CA CYS A 233 -1.20 -15.31 3.43
C CYS A 233 -0.47 -14.92 2.14
N TYR A 234 -0.31 -13.62 1.90
CA TYR A 234 0.27 -13.18 0.64
C TYR A 234 1.77 -13.43 0.57
N GLY A 235 2.43 -13.56 1.72
CA GLY A 235 3.84 -13.90 1.71
C GLY A 235 4.13 -15.28 1.18
N ARG A 236 3.10 -16.12 1.07
CA ARG A 236 3.26 -17.47 0.54
C ARG A 236 3.73 -17.44 -0.91
N HIS A 237 3.20 -16.51 -1.71
CA HIS A 237 3.47 -16.50 -3.15
C HIS A 237 4.95 -16.27 -3.44
N HIS A 238 5.59 -15.36 -2.71
CA HIS A 238 6.96 -14.99 -3.03
C HIS A 238 7.94 -16.02 -2.46
N PRO A 239 8.71 -16.71 -3.30
CA PRO A 239 9.70 -17.66 -2.78
C PRO A 239 10.80 -16.99 -1.98
N LEU A 240 11.07 -15.71 -2.23
CA LEU A 240 12.10 -15.00 -1.47
C LEU A 240 11.74 -14.91 0.00
N ASN A 241 10.45 -14.79 0.31
CA ASN A 241 10.03 -14.77 1.71
C ASN A 241 10.40 -16.07 2.41
N TRP A 242 10.09 -17.21 1.79
CA TRP A 242 10.44 -18.50 2.36
C TRP A 242 11.96 -18.67 2.46
N LEU A 243 12.68 -18.20 1.44
CA LEU A 243 14.14 -18.30 1.47
C LEU A 243 14.72 -17.51 2.63
N MET A 244 14.22 -16.29 2.85
CA MET A 244 14.71 -15.47 3.96
C MET A 244 14.35 -16.11 5.30
N TYR A 245 13.15 -16.68 5.40
CA TYR A 245 12.78 -17.37 6.63
C TYR A 245 13.70 -18.56 6.91
N SER A 246 14.04 -19.32 5.87
CA SER A 246 14.91 -20.48 6.05
C SER A 246 16.37 -20.10 6.25
N ILE A 247 16.76 -18.90 5.83
CA ILE A 247 18.13 -18.45 6.06
C ILE A 247 18.41 -18.21 7.54
N ASN A 248 17.43 -17.67 8.28
CA ASN A 248 17.61 -17.38 9.69
C ASN A 248 17.60 -18.63 10.56
N GLY A 249 17.45 -19.81 9.97
CA GLY A 249 17.49 -21.06 10.72
C GLY A 249 16.15 -21.66 11.04
N ALA A 250 15.05 -21.08 10.56
CA ALA A 250 13.73 -21.60 10.84
C ALA A 250 13.60 -23.03 10.35
N GLU A 251 13.07 -23.91 11.21
CA GLU A 251 12.92 -25.32 10.87
C GLU A 251 11.52 -25.67 10.40
N ILE A 252 10.49 -25.19 11.10
CA ILE A 252 9.10 -25.46 10.74
C ILE A 252 8.44 -24.12 10.43
N ILE A 253 8.15 -23.89 9.14
CA ILE A 253 7.54 -22.63 8.72
C ILE A 253 6.05 -22.85 8.52
N PHE A 254 5.24 -22.11 9.27
CA PHE A 254 3.80 -22.18 9.16
C PHE A 254 3.30 -21.10 8.20
N ASN A 255 2.20 -21.41 7.52
CA ASN A 255 1.59 -20.49 6.55
C ASN A 255 0.09 -20.37 6.83
N PRO A 256 -0.28 -19.63 7.87
CA PRO A 256 -1.71 -19.34 8.08
C PRO A 256 -2.21 -18.38 7.02
N SER A 257 -3.24 -18.82 6.28
CA SER A 257 -3.77 -18.03 5.19
C SER A 257 -5.30 -18.09 5.22
N ALA A 258 -5.93 -17.10 4.60
CA ALA A 258 -7.38 -17.04 4.45
C ALA A 258 -7.71 -16.70 2.99
N THR A 259 -7.07 -17.40 2.06
CA THR A 259 -7.22 -17.10 0.65
C THR A 259 -8.46 -17.78 0.10
N ILE A 260 -9.10 -17.11 -0.87
CA ILE A 260 -10.33 -17.59 -1.49
C ILE A 260 -9.98 -18.64 -2.53
N GLY A 261 -11.00 -19.32 -3.04
CA GLY A 261 -10.81 -20.42 -3.98
C GLY A 261 -10.45 -19.93 -5.35
N ALA A 262 -10.35 -20.87 -6.30
CA ALA A 262 -10.24 -20.61 -7.74
C ALA A 262 -8.79 -20.67 -8.16
N LEU A 263 -8.21 -19.55 -8.62
CA LEU A 263 -6.81 -19.53 -9.01
C LEU A 263 -5.91 -19.90 -7.84
N SER A 264 -6.19 -19.37 -6.65
CA SER A 264 -5.34 -19.63 -5.50
C SER A 264 -5.35 -21.10 -5.12
N GLU A 265 -6.45 -21.81 -5.44
CA GLU A 265 -6.51 -23.23 -5.14
C GLU A 265 -5.47 -24.00 -5.93
N SER A 266 -5.18 -23.56 -7.16
CA SER A 266 -4.15 -24.22 -7.96
C SER A 266 -2.75 -23.96 -7.41
N LEU A 267 -2.52 -22.75 -6.89
CA LEU A 267 -1.22 -22.41 -6.32
C LEU A 267 -1.00 -23.03 -4.95
N TRP A 268 -2.07 -23.50 -4.31
CA TRP A 268 -1.98 -24.01 -2.94
C TRP A 268 -1.03 -25.21 -2.82
N PRO A 269 -1.15 -26.26 -3.66
CA PRO A 269 -0.23 -27.39 -3.49
C PRO A 269 1.12 -27.17 -4.12
N ILE A 270 1.37 -25.99 -4.69
CA ILE A 270 2.57 -25.74 -5.47
C ILE A 270 3.59 -24.94 -4.68
N GLU A 271 3.20 -23.74 -4.23
CA GLU A 271 4.19 -22.81 -3.68
C GLU A 271 4.77 -23.31 -2.36
N ALA A 272 3.91 -23.81 -1.46
CA ALA A 272 4.39 -24.30 -0.18
C ALA A 272 5.31 -25.50 -0.36
N ARG A 273 4.93 -26.44 -1.25
CA ARG A 273 5.77 -27.60 -1.50
C ARG A 273 7.11 -27.19 -2.10
N ASN A 274 7.09 -26.25 -3.03
CA ASN A 274 8.34 -25.79 -3.63
C ASN A 274 9.23 -25.11 -2.61
N ALA A 275 8.64 -24.34 -1.69
CA ALA A 275 9.41 -23.72 -0.63
C ALA A 275 10.06 -24.78 0.26
N ALA A 276 9.30 -25.82 0.63
CA ALA A 276 9.85 -26.88 1.45
C ALA A 276 10.97 -27.61 0.74
N ILE A 277 10.81 -27.86 -0.56
CA ILE A 277 11.83 -28.59 -1.32
C ILE A 277 13.09 -27.74 -1.47
N ALA A 278 12.95 -26.45 -1.75
CA ALA A 278 14.09 -25.58 -2.03
C ALA A 278 14.65 -24.93 -0.78
N ASN A 279 14.09 -25.21 0.39
CA ASN A 279 14.65 -24.72 1.64
C ASN A 279 15.00 -25.82 2.63
N HIS A 280 14.61 -27.06 2.35
CA HIS A 280 14.90 -28.20 3.22
C HIS A 280 14.40 -27.98 4.63
N CYS A 281 13.25 -27.33 4.78
CA CYS A 281 12.63 -27.10 6.07
C CYS A 281 11.14 -27.40 5.96
N PHE A 282 10.59 -28.04 7.00
CA PHE A 282 9.18 -28.39 6.99
C PHE A 282 8.31 -27.14 6.87
N THR A 283 7.33 -27.20 5.98
CA THR A 283 6.40 -26.11 5.78
C THR A 283 4.98 -26.61 6.03
N CYS A 284 4.20 -25.78 6.71
CA CYS A 284 2.80 -26.08 7.01
C CYS A 284 1.93 -25.06 6.30
N ALA A 285 0.78 -25.52 5.80
CA ALA A 285 -0.15 -24.67 5.07
C ALA A 285 -1.51 -24.74 5.76
N ILE A 286 -2.05 -23.58 6.12
CA ILE A 286 -3.31 -23.47 6.84
C ILE A 286 -4.21 -22.50 6.08
N ASN A 287 -5.45 -22.93 5.83
CA ASN A 287 -6.45 -22.08 5.20
C ASN A 287 -7.79 -22.37 5.84
N ARG A 288 -8.52 -21.30 6.17
CA ARG A 288 -9.82 -21.46 6.82
C ARG A 288 -10.82 -22.08 5.86
N VAL A 289 -11.87 -22.68 6.42
CA VAL A 289 -12.91 -23.34 5.65
C VAL A 289 -14.20 -22.56 5.79
N GLY A 290 -15.15 -22.85 4.91
CA GLY A 290 -16.47 -22.25 4.96
C GLY A 290 -16.57 -21.01 4.10
N THR A 291 -17.74 -20.39 4.16
CA THR A 291 -18.03 -19.16 3.41
C THR A 291 -18.50 -18.09 4.37
N GLU A 292 -18.09 -16.85 4.11
CA GLU A 292 -18.44 -15.71 4.94
C GLU A 292 -19.47 -14.86 4.22
N HIS A 293 -20.54 -14.49 4.94
CA HIS A 293 -21.63 -13.70 4.39
C HIS A 293 -21.68 -12.36 5.11
N PHE A 294 -21.98 -11.30 4.35
CA PHE A 294 -22.05 -9.96 4.90
C PHE A 294 -23.37 -9.32 4.56
N PRO A 295 -23.93 -8.48 5.42
CA PRO A 295 -25.15 -7.74 5.07
C PRO A 295 -24.98 -6.81 3.89
N ASN A 296 -23.79 -6.25 3.69
CA ASN A 296 -23.52 -5.36 2.59
C ASN A 296 -22.84 -6.09 1.44
N GLU A 297 -22.86 -5.47 0.27
CA GLU A 297 -22.22 -6.01 -0.92
C GLU A 297 -20.94 -5.24 -1.23
N PHE A 298 -19.98 -5.94 -1.84
CA PHE A 298 -18.70 -5.34 -2.20
C PHE A 298 -18.33 -5.73 -3.62
N THR A 299 -17.79 -4.79 -4.36
CA THR A 299 -17.34 -5.02 -5.73
C THR A 299 -15.84 -5.26 -5.74
N SER A 300 -15.42 -6.35 -6.37
CA SER A 300 -14.00 -6.68 -6.49
C SER A 300 -13.24 -5.60 -7.25
N HIS A 307 -21.11 -8.16 -3.66
CA HIS A 307 -21.88 -9.36 -3.36
C HIS A 307 -21.86 -9.67 -1.87
N GLN A 308 -22.92 -10.32 -1.39
CA GLN A 308 -23.08 -10.62 0.03
C GLN A 308 -22.04 -11.60 0.54
N ASP A 309 -21.72 -12.63 -0.25
CA ASP A 309 -20.79 -13.66 0.18
C ASP A 309 -19.35 -13.26 -0.13
N PHE A 310 -18.41 -13.98 0.48
CA PHE A 310 -16.99 -13.75 0.22
C PHE A 310 -16.38 -14.98 -0.45
N GLY A 311 -17.10 -15.55 -1.41
CA GLY A 311 -16.62 -16.72 -2.10
C GLY A 311 -16.57 -17.92 -1.18
N TYR A 312 -15.92 -18.97 -1.67
CA TYR A 312 -15.78 -20.20 -0.90
C TYR A 312 -14.32 -20.41 -0.53
N PHE A 313 -14.11 -21.01 0.64
CA PHE A 313 -12.76 -21.31 1.13
C PHE A 313 -12.53 -22.80 1.00
N TYR A 314 -11.50 -23.18 0.26
CA TYR A 314 -11.27 -24.58 -0.05
C TYR A 314 -10.52 -25.30 1.06
N GLY A 315 -10.08 -24.56 2.07
CA GLY A 315 -9.33 -25.13 3.17
C GLY A 315 -8.13 -25.93 2.71
N SER A 316 -8.25 -27.27 2.77
CA SER A 316 -7.22 -28.18 2.29
C SER A 316 -5.87 -27.89 2.93
N SER A 317 -5.83 -27.91 4.26
CA SER A 317 -4.60 -27.69 4.98
C SER A 317 -3.71 -28.93 4.90
N TYR A 318 -2.41 -28.70 4.75
CA TYR A 318 -1.46 -29.79 4.63
C TYR A 318 -0.09 -29.34 5.10
N VAL A 319 0.78 -30.31 5.35
CA VAL A 319 2.16 -30.06 5.77
C VAL A 319 3.08 -30.72 4.75
N ALA A 320 4.06 -29.96 4.28
CA ALA A 320 5.06 -30.46 3.35
C ALA A 320 6.37 -30.74 4.07
N ALA A 321 7.17 -31.64 3.50
CA ALA A 321 8.42 -32.07 4.11
C ALA A 321 9.59 -31.81 3.18
N PRO A 322 10.80 -31.68 3.72
CA PRO A 322 11.97 -31.42 2.86
C PRO A 322 12.26 -32.53 1.87
N ASP A 323 11.77 -33.74 2.09
CA ASP A 323 12.00 -34.86 1.17
C ASP A 323 10.87 -35.03 0.17
N SER A 324 10.24 -33.92 -0.22
CA SER A 324 9.23 -33.87 -1.27
C SER A 324 7.96 -34.66 -0.91
N SER A 325 7.80 -35.04 0.35
CA SER A 325 6.58 -35.71 0.77
C SER A 325 5.65 -34.72 1.46
N ARG A 326 4.35 -34.90 1.26
CA ARG A 326 3.35 -34.02 1.84
C ARG A 326 2.23 -34.86 2.45
N THR A 327 1.63 -34.34 3.52
CA THR A 327 0.43 -34.94 4.07
C THR A 327 -0.75 -34.69 3.13
N PRO A 328 -1.67 -35.63 2.99
CA PRO A 328 -2.87 -35.37 2.19
C PRO A 328 -3.66 -34.20 2.75
N GLY A 329 -4.22 -33.40 1.85
CA GLY A 329 -4.96 -32.22 2.26
C GLY A 329 -6.22 -32.59 3.02
N LEU A 330 -6.60 -31.74 3.97
CA LEU A 330 -7.83 -31.95 4.73
C LEU A 330 -9.04 -31.69 3.85
N SER A 331 -10.21 -32.05 4.38
CA SER A 331 -11.46 -31.87 3.64
C SER A 331 -11.69 -30.41 3.33
N ARG A 332 -12.31 -30.15 2.17
CA ARG A 332 -12.53 -28.80 1.71
C ARG A 332 -13.77 -28.15 2.31
N SER A 333 -14.64 -28.92 2.96
CA SER A 333 -15.88 -28.38 3.50
C SER A 333 -15.90 -28.36 5.02
N ARG A 334 -15.68 -29.51 5.65
CA ARG A 334 -15.75 -29.58 7.11
C ARG A 334 -14.45 -29.10 7.74
N ASP A 335 -14.58 -28.35 8.83
CA ASP A 335 -13.43 -27.94 9.61
C ASP A 335 -12.76 -29.17 10.24
N GLY A 336 -11.46 -29.09 10.46
CA GLY A 336 -10.75 -30.23 10.99
C GLY A 336 -9.41 -29.86 11.59
N LEU A 337 -8.68 -30.91 11.99
CA LEU A 337 -7.37 -30.80 12.61
C LEU A 337 -6.46 -31.88 12.05
N LEU A 338 -5.24 -31.48 11.71
CA LEU A 338 -4.23 -32.38 11.17
C LEU A 338 -3.09 -32.52 12.17
N VAL A 339 -2.72 -33.76 12.47
CA VAL A 339 -1.63 -34.04 13.40
C VAL A 339 -0.51 -34.71 12.60
N ALA A 340 0.62 -34.02 12.49
CA ALA A 340 1.75 -34.51 11.71
C ALA A 340 2.92 -34.78 12.65
N LYS A 341 3.46 -36.00 12.59
CA LYS A 341 4.59 -36.41 13.42
C LYS A 341 5.87 -36.05 12.69
N LEU A 342 6.35 -34.84 12.91
CA LEU A 342 7.56 -34.37 12.24
C LEU A 342 8.80 -34.98 12.86
N ASP A 343 9.76 -35.32 12.00
CA ASP A 343 11.07 -35.81 12.43
C ASP A 343 12.11 -34.86 11.82
N LEU A 344 12.55 -33.88 12.62
CA LEU A 344 13.44 -32.85 12.11
C LEU A 344 14.80 -33.39 11.68
N ASN A 345 15.14 -34.62 12.09
CA ASN A 345 16.43 -35.19 11.70
C ASN A 345 16.56 -35.32 10.19
N LEU A 346 15.47 -35.65 9.50
CA LEU A 346 15.52 -35.76 8.05
C LEU A 346 15.65 -34.40 7.37
N CYS A 347 15.35 -33.31 8.09
CA CYS A 347 15.42 -31.99 7.49
C CYS A 347 16.83 -31.66 7.02
N GLN A 348 17.83 -31.91 7.88
CA GLN A 348 19.20 -31.61 7.51
C GLN A 348 19.88 -32.77 6.77
N GLN A 349 19.33 -33.97 6.87
CA GLN A 349 19.85 -35.08 6.08
C GLN A 349 19.65 -34.87 4.58
N VAL A 350 18.45 -34.45 4.18
CA VAL A 350 18.19 -34.11 2.80
C VAL A 350 18.90 -32.83 2.39
N ASN A 351 19.03 -31.87 3.32
CA ASN A 351 19.75 -30.63 3.02
C ASN A 351 21.18 -30.91 2.61
N ASP A 352 21.84 -31.83 3.32
CA ASP A 352 23.22 -32.19 3.00
C ASP A 352 23.31 -32.88 1.65
N VAL A 353 22.43 -33.86 1.40
CA VAL A 353 22.44 -34.59 0.12
C VAL A 353 22.12 -33.66 -1.02
N TRP A 354 21.03 -32.90 -0.90
CA TRP A 354 20.66 -31.90 -1.91
C TRP A 354 21.16 -30.53 -1.47
N ASN A 355 22.42 -30.24 -1.77
CA ASN A 355 23.01 -28.96 -1.38
C ASN A 355 22.52 -27.83 -2.28
N PHE A 356 21.20 -27.61 -2.25
CA PHE A 356 20.61 -26.52 -3.03
C PHE A 356 21.12 -25.18 -2.54
N LYS A 357 21.36 -25.05 -1.24
CA LYS A 357 21.95 -23.83 -0.70
C LYS A 357 23.36 -23.61 -1.25
N MET A 358 24.17 -24.67 -1.27
CA MET A 358 25.56 -24.55 -1.69
C MET A 358 25.67 -24.49 -3.22
N THR A 359 25.03 -25.44 -3.91
CA THR A 359 25.00 -25.40 -5.36
C THR A 359 24.23 -24.17 -5.86
N GLY A 360 23.40 -23.57 -5.00
CA GLY A 360 22.81 -22.29 -5.32
C GLY A 360 23.77 -21.14 -5.10
N ARG A 361 24.30 -20.60 -6.19
CA ARG A 361 25.39 -19.63 -6.12
C ARG A 361 24.86 -18.30 -5.58
N TYR A 362 24.83 -18.17 -4.25
CA TYR A 362 24.35 -16.94 -3.64
C TYR A 362 25.12 -15.72 -4.12
N GLU A 363 26.43 -15.87 -4.34
CA GLU A 363 27.22 -14.78 -4.87
C GLU A 363 26.80 -14.43 -6.29
N MET A 364 26.41 -15.43 -7.08
CA MET A 364 26.06 -15.19 -8.48
C MET A 364 24.60 -14.79 -8.62
N TYR A 365 23.78 -15.01 -7.60
CA TYR A 365 22.36 -14.71 -7.71
C TYR A 365 21.93 -13.52 -6.88
N ALA A 366 22.25 -13.53 -5.58
CA ALA A 366 21.82 -12.44 -4.70
C ALA A 366 22.49 -11.12 -5.06
N ARG A 367 23.73 -11.18 -5.56
CA ARG A 367 24.44 -9.97 -5.95
C ARG A 367 23.74 -9.25 -7.09
N GLU A 368 23.27 -10.00 -8.09
CA GLU A 368 22.59 -9.38 -9.23
C GLU A 368 21.08 -9.46 -9.06
N GLY B 3 -23.70 19.30 -3.76
CA GLY B 3 -23.27 20.58 -4.30
C GLY B 3 -22.65 20.48 -5.68
N ALA B 4 -23.49 20.34 -6.69
CA ALA B 4 -23.05 20.25 -8.08
C ALA B 4 -23.52 21.43 -8.90
N GLU B 5 -24.82 21.73 -8.86
CA GLU B 5 -25.36 22.87 -9.60
C GLU B 5 -24.79 24.18 -9.09
N TRP B 6 -24.61 24.30 -7.77
CA TRP B 6 -24.14 25.54 -7.18
C TRP B 6 -22.77 25.91 -7.73
N LYS B 7 -22.59 27.20 -8.03
CA LYS B 7 -21.38 27.70 -8.66
C LYS B 7 -20.35 28.07 -7.60
N SER B 8 -19.30 28.79 -8.01
CA SER B 8 -18.22 29.12 -7.10
C SER B 8 -18.71 30.00 -5.96
N LEU B 9 -18.04 29.89 -4.81
CA LEU B 9 -18.43 30.62 -3.61
C LEU B 9 -18.36 32.13 -3.83
N GLU B 10 -17.30 32.59 -4.48
CA GLU B 10 -17.11 34.02 -4.71
C GLU B 10 -18.27 34.60 -5.51
N GLU B 11 -18.70 33.89 -6.55
CA GLU B 11 -19.80 34.39 -7.39
C GLU B 11 -21.08 34.53 -6.57
N CYS B 12 -21.39 33.52 -5.75
CA CYS B 12 -22.59 33.58 -4.93
C CYS B 12 -22.52 34.72 -3.92
N LEU B 13 -21.37 34.88 -3.25
CA LEU B 13 -21.23 35.95 -2.27
C LEU B 13 -21.39 37.32 -2.93
N GLU B 14 -20.71 37.53 -4.06
CA GLU B 14 -20.88 38.77 -4.80
C GLU B 14 -22.32 38.96 -5.25
N LYS B 15 -23.01 37.86 -5.54
CA LYS B 15 -24.37 37.90 -6.04
C LYS B 15 -25.39 38.34 -4.99
N HIS B 16 -25.15 38.03 -3.72
CA HIS B 16 -26.21 38.21 -2.72
C HIS B 16 -25.96 39.37 -1.77
N LEU B 17 -24.85 39.36 -1.04
CA LEU B 17 -24.62 40.37 -0.03
C LEU B 17 -24.18 41.69 -0.67
N PRO B 18 -24.48 42.83 -0.04
CA PRO B 18 -24.11 44.13 -0.63
C PRO B 18 -22.61 44.36 -0.64
N LEU B 19 -22.22 45.43 -1.32
CA LEU B 19 -20.80 45.71 -1.57
C LEU B 19 -19.96 45.88 -0.31
N PRO B 20 -20.35 46.66 0.70
CA PRO B 20 -19.50 46.76 1.91
C PRO B 20 -19.34 45.43 2.63
N ASP B 21 -20.45 44.72 2.83
CA ASP B 21 -20.38 43.41 3.46
C ASP B 21 -19.59 42.43 2.60
N LEU B 22 -19.77 42.50 1.28
CA LEU B 22 -19.00 41.64 0.38
C LEU B 22 -17.51 41.90 0.51
N GLN B 23 -17.12 43.17 0.57
CA GLN B 23 -15.71 43.51 0.70
C GLN B 23 -15.15 43.02 2.04
N GLU B 24 -15.93 43.17 3.11
CA GLU B 24 -15.47 42.68 4.41
C GLU B 24 -15.31 41.17 4.41
N VAL B 25 -16.27 40.46 3.83
CA VAL B 25 -16.18 39.00 3.72
C VAL B 25 -14.98 38.60 2.87
N LYS B 26 -14.73 39.34 1.80
CA LYS B 26 -13.55 39.10 0.98
C LYS B 26 -12.28 39.25 1.81
N ARG B 27 -12.19 40.32 2.59
CA ARG B 27 -11.00 40.57 3.38
C ARG B 27 -10.82 39.55 4.51
N VAL B 28 -11.91 38.92 4.94
CA VAL B 28 -11.83 37.87 5.96
C VAL B 28 -11.45 36.54 5.35
N LEU B 29 -12.02 36.20 4.19
CA LEU B 29 -11.83 34.88 3.60
C LEU B 29 -10.64 34.85 2.64
N TYR B 30 -10.65 35.72 1.63
CA TYR B 30 -9.67 35.66 0.55
C TYR B 30 -8.46 36.54 0.83
N GLY B 31 -8.30 36.99 2.08
CA GLY B 31 -7.15 37.78 2.45
C GLY B 31 -7.30 39.23 2.03
N LYS B 32 -6.55 39.61 0.99
CA LYS B 32 -6.56 40.99 0.53
C LYS B 32 -7.14 41.06 -0.88
N GLU B 33 -7.77 42.19 -1.20
CA GLU B 33 -8.34 42.40 -2.52
C GLU B 33 -7.22 42.74 -3.52
N LEU B 34 -6.57 41.70 -4.03
CA LEU B 34 -5.52 41.88 -5.01
C LEU B 34 -6.09 42.38 -6.33
N ARG B 35 -5.27 43.14 -7.06
CA ARG B 35 -5.72 43.70 -8.33
C ARG B 35 -5.92 42.61 -9.36
N LYS B 36 -7.00 42.73 -10.13
CA LYS B 36 -7.28 41.79 -11.20
C LYS B 36 -6.29 42.01 -12.35
N LEU B 37 -5.72 40.92 -12.86
CA LEU B 37 -4.76 41.02 -13.95
C LEU B 37 -5.44 41.60 -15.19
N ASP B 38 -4.76 42.54 -15.83
CA ASP B 38 -5.26 43.16 -17.06
C ASP B 38 -4.93 42.26 -18.24
N LEU B 39 -5.91 41.43 -18.63
CA LEU B 39 -5.72 40.53 -19.74
C LEU B 39 -6.29 41.12 -21.02
N PRO B 40 -5.78 40.71 -22.18
CA PRO B 40 -6.33 41.22 -23.45
C PRO B 40 -7.82 40.92 -23.58
N ARG B 41 -8.56 41.89 -24.12
CA ARG B 41 -10.01 41.74 -24.25
C ARG B 41 -10.37 40.58 -25.18
N GLU B 42 -9.68 40.49 -26.32
CA GLU B 42 -9.99 39.43 -27.27
C GLU B 42 -9.75 38.05 -26.66
N ALA B 43 -8.75 37.93 -25.79
CA ALA B 43 -8.55 36.67 -25.07
C ALA B 43 -9.79 36.30 -24.27
N PHE B 44 -10.37 37.28 -23.56
CA PHE B 44 -11.64 37.04 -22.87
C PHE B 44 -12.71 36.57 -23.84
N GLU B 45 -12.77 37.18 -25.03
CA GLU B 45 -13.73 36.73 -26.03
C GLU B 45 -13.49 35.27 -26.38
N ALA B 46 -12.22 34.89 -26.55
CA ALA B 46 -11.90 33.49 -26.81
C ALA B 46 -12.36 32.61 -25.66
N ALA B 47 -12.21 33.09 -24.43
CA ALA B 47 -12.67 32.33 -23.27
C ALA B 47 -14.18 32.12 -23.35
N SER B 48 -14.91 33.13 -23.83
CA SER B 48 -16.35 32.97 -24.02
C SER B 48 -16.64 31.97 -25.12
N ARG B 49 -15.82 31.94 -26.17
CA ARG B 49 -16.11 31.11 -27.33
C ARG B 49 -15.80 29.64 -27.06
N GLU B 50 -14.74 29.36 -26.32
CA GLU B 50 -14.26 28.00 -26.12
C GLU B 50 -14.82 27.35 -24.86
N ASP B 51 -15.85 27.94 -24.27
CA ASP B 51 -16.60 27.33 -23.16
C ASP B 51 -15.70 27.02 -21.96
N PHE B 52 -14.80 27.95 -21.64
CA PHE B 52 -13.99 27.84 -20.44
C PHE B 52 -13.81 29.23 -19.82
N GLU B 53 -13.84 29.27 -18.50
CA GLU B 53 -13.76 30.54 -17.78
C GLU B 53 -12.31 30.98 -17.61
N LEU B 54 -12.06 32.27 -17.79
CA LEU B 54 -10.73 32.85 -17.65
C LEU B 54 -10.76 33.86 -16.50
N GLN B 55 -9.81 33.71 -15.57
CA GLN B 55 -9.70 34.60 -14.42
C GLN B 55 -8.26 35.07 -14.30
N GLY B 56 -8.09 36.37 -14.12
CA GLY B 56 -6.76 36.94 -13.97
C GLY B 56 -6.57 37.75 -12.70
N TYR B 57 -5.57 37.39 -11.91
CA TYR B 57 -5.26 38.11 -10.67
C TYR B 57 -3.76 38.31 -10.58
N ALA B 58 -3.37 39.42 -9.95
CA ALA B 58 -1.97 39.80 -9.81
C ALA B 58 -1.63 39.99 -8.35
N PHE B 59 -0.63 39.26 -7.87
CA PHE B 59 -0.17 39.42 -6.49
C PHE B 59 0.81 40.58 -6.41
N GLU B 60 0.49 41.55 -5.56
CA GLU B 60 1.36 42.72 -5.40
C GLU B 60 2.53 42.40 -4.47
N ALA B 61 3.65 43.06 -4.72
CA ALA B 61 4.86 42.84 -3.96
C ALA B 61 5.51 44.18 -3.63
N ALA B 62 6.32 44.18 -2.57
CA ALA B 62 7.02 45.38 -2.15
C ALA B 62 8.26 45.58 -3.02
N GLU B 63 8.41 46.78 -3.58
CA GLU B 63 9.55 47.08 -4.43
C GLU B 63 10.85 46.98 -3.66
N GLU B 64 11.85 46.35 -4.29
CA GLU B 64 13.18 46.22 -3.72
C GLU B 64 14.16 47.05 -4.54
N GLN B 65 14.89 47.93 -3.86
CA GLN B 65 15.79 48.85 -4.56
C GLN B 65 16.96 48.12 -5.21
N LEU B 66 17.33 46.95 -4.69
CA LEU B 66 18.48 46.21 -5.20
C LEU B 66 18.08 45.07 -6.11
N ARG B 67 16.94 44.43 -5.88
CA ARG B 67 16.50 43.29 -6.68
C ARG B 67 15.20 43.65 -7.39
N ARG B 68 15.21 43.60 -8.71
CA ARG B 68 14.00 43.84 -9.46
C ARG B 68 13.03 42.68 -9.31
N PRO B 69 11.73 42.95 -9.32
CA PRO B 69 10.74 41.87 -9.18
C PRO B 69 10.83 40.90 -10.34
N ARG B 70 10.77 39.61 -10.01
CA ARG B 70 10.81 38.54 -11.01
C ARG B 70 9.39 38.04 -11.32
N ILE B 71 8.66 38.90 -12.04
CA ILE B 71 7.27 38.63 -12.39
C ILE B 71 7.17 37.36 -13.23
N VAL B 72 6.41 36.39 -12.76
CA VAL B 72 6.16 35.13 -13.47
C VAL B 72 4.66 34.92 -13.55
N HIS B 73 4.13 34.85 -14.76
CA HIS B 73 2.72 34.52 -14.95
C HIS B 73 2.53 33.01 -14.89
N VAL B 74 1.55 32.57 -14.11
CA VAL B 74 1.30 31.16 -13.88
C VAL B 74 -0.13 30.84 -14.29
N GLY B 75 -0.30 29.76 -15.03
CA GLY B 75 -1.60 29.32 -15.48
C GLY B 75 -1.99 27.99 -14.86
N LEU B 76 -3.28 27.85 -14.54
CA LEU B 76 -3.83 26.64 -13.98
C LEU B 76 -5.06 26.25 -14.79
N VAL B 77 -5.02 25.06 -15.38
CA VAL B 77 -6.09 24.59 -16.24
C VAL B 77 -6.84 23.48 -15.52
N GLN B 78 -8.15 23.65 -15.35
CA GLN B 78 -9.02 22.59 -14.86
C GLN B 78 -10.04 22.29 -15.95
N ASN B 79 -10.09 21.03 -16.39
CA ASN B 79 -10.98 20.63 -17.46
C ASN B 79 -11.66 19.32 -17.12
N ARG B 80 -12.84 19.11 -17.69
CA ARG B 80 -13.55 17.86 -17.57
C ARG B 80 -13.06 16.89 -18.64
N ILE B 81 -13.65 15.71 -18.69
CA ILE B 81 -13.43 14.76 -19.78
C ILE B 81 -14.49 15.04 -20.85
N PRO B 82 -14.08 15.41 -22.07
CA PRO B 82 -15.09 15.72 -23.09
C PRO B 82 -15.79 14.50 -23.64
N LEU B 83 -15.24 13.31 -23.43
CA LEU B 83 -15.82 12.05 -23.87
C LEU B 83 -16.15 11.18 -22.66
N PRO B 84 -17.12 10.28 -22.79
CA PRO B 84 -17.43 9.37 -21.68
C PRO B 84 -16.27 8.43 -21.39
N ALA B 85 -16.23 7.94 -20.15
CA ALA B 85 -15.14 7.08 -19.72
C ALA B 85 -15.08 5.80 -20.53
N ASN B 86 -16.24 5.22 -20.85
CA ASN B 86 -16.31 4.00 -21.65
C ASN B 86 -16.13 4.38 -23.12
N ALA B 87 -14.90 4.76 -23.47
CA ALA B 87 -14.54 5.18 -24.81
C ALA B 87 -13.17 4.62 -25.16
N PRO B 88 -12.84 4.50 -26.44
CA PRO B 88 -11.50 4.03 -26.81
C PRO B 88 -10.42 4.96 -26.27
N VAL B 89 -9.28 4.35 -25.91
CA VAL B 89 -8.20 5.09 -25.28
C VAL B 89 -7.68 6.18 -26.21
N ALA B 90 -7.46 5.84 -27.48
CA ALA B 90 -6.90 6.79 -28.42
C ALA B 90 -7.82 7.98 -28.62
N GLU B 91 -9.13 7.74 -28.76
CA GLU B 91 -10.08 8.83 -28.97
C GLU B 91 -10.11 9.76 -27.77
N GLN B 92 -10.16 9.20 -26.56
CA GLN B 92 -10.17 10.03 -25.36
C GLN B 92 -8.89 10.85 -25.22
N VAL B 93 -7.74 10.22 -25.49
CA VAL B 93 -6.47 10.93 -25.39
C VAL B 93 -6.39 12.06 -26.40
N SER B 94 -6.83 11.80 -27.64
CA SER B 94 -6.82 12.85 -28.66
C SER B 94 -7.76 13.99 -28.30
N ALA B 95 -8.96 13.66 -27.80
CA ALA B 95 -9.91 14.70 -27.43
C ALA B 95 -9.35 15.56 -26.29
N LEU B 96 -8.74 14.92 -25.29
CA LEU B 96 -8.14 15.66 -24.20
C LEU B 96 -6.96 16.50 -24.68
N HIS B 97 -6.17 15.98 -25.63
CA HIS B 97 -5.07 16.76 -26.19
C HIS B 97 -5.59 18.02 -26.87
N ARG B 98 -6.64 17.89 -27.68
CA ARG B 98 -7.20 19.05 -28.37
C ARG B 98 -7.78 20.04 -27.37
N ARG B 99 -8.50 19.55 -26.37
CA ARG B 99 -9.10 20.44 -25.38
C ARG B 99 -8.04 21.19 -24.59
N ILE B 100 -6.97 20.50 -24.20
CA ILE B 100 -5.88 21.16 -23.48
C ILE B 100 -5.16 22.15 -24.40
N LYS B 101 -4.98 21.78 -25.67
CA LYS B 101 -4.25 22.65 -26.59
C LYS B 101 -4.99 23.96 -26.82
N ALA B 102 -6.33 23.91 -26.92
CA ALA B 102 -7.08 25.15 -27.11
C ALA B 102 -6.87 26.11 -25.95
N ILE B 103 -6.94 25.60 -24.72
CA ILE B 103 -6.73 26.44 -23.55
C ILE B 103 -5.30 26.95 -23.50
N VAL B 104 -4.34 26.12 -23.91
CA VAL B 104 -2.95 26.57 -23.98
C VAL B 104 -2.79 27.69 -24.98
N GLU B 105 -3.46 27.59 -26.13
CA GLU B 105 -3.41 28.66 -27.13
C GLU B 105 -3.97 29.96 -26.56
N VAL B 106 -5.06 29.88 -25.80
CA VAL B 106 -5.62 31.08 -25.17
C VAL B 106 -4.68 31.63 -24.10
N ALA B 107 -3.99 30.76 -23.38
CA ALA B 107 -3.09 31.21 -22.32
C ALA B 107 -1.82 31.84 -22.89
N ALA B 108 -1.35 31.33 -24.04
CA ALA B 108 -0.08 31.81 -24.60
C ALA B 108 -0.14 33.28 -24.97
N MET B 109 -1.31 33.80 -25.32
CA MET B 109 -1.48 35.21 -25.62
C MET B 109 -1.78 36.04 -24.38
N CYS B 110 -1.40 35.55 -23.20
CA CYS B 110 -1.58 36.29 -21.97
C CYS B 110 -0.31 36.36 -21.12
N GLY B 111 0.83 35.91 -21.66
CA GLY B 111 2.09 36.01 -20.98
C GLY B 111 2.42 34.89 -20.01
N VAL B 112 1.60 33.83 -19.97
CA VAL B 112 1.85 32.75 -19.02
C VAL B 112 3.18 32.09 -19.32
N ASN B 113 3.89 31.70 -18.26
CA ASN B 113 5.17 31.02 -18.38
C ASN B 113 5.15 29.60 -17.87
N ILE B 114 4.33 29.31 -16.86
CA ILE B 114 4.20 27.96 -16.30
C ILE B 114 2.73 27.60 -16.29
N ILE B 115 2.43 26.36 -16.67
CA ILE B 115 1.06 25.87 -16.73
C ILE B 115 1.00 24.50 -16.05
N CYS B 116 -0.20 24.15 -15.59
CA CYS B 116 -0.40 22.88 -14.89
C CYS B 116 -1.79 22.37 -15.17
N PHE B 117 -1.95 21.05 -15.09
CA PHE B 117 -3.21 20.38 -15.35
C PHE B 117 -3.58 19.51 -14.15
N GLN B 118 -4.80 18.99 -14.16
CA GLN B 118 -5.26 18.15 -13.07
C GLN B 118 -4.49 16.82 -13.06
N GLU B 119 -4.58 16.12 -11.94
CA GLU B 119 -3.89 14.85 -11.78
C GLU B 119 -4.38 13.85 -12.82
N ALA B 120 -3.44 13.30 -13.59
CA ALA B 120 -3.74 12.34 -14.65
C ALA B 120 -4.82 12.88 -15.59
N TRP B 121 -4.53 14.03 -16.20
CA TRP B 121 -5.50 14.66 -17.09
C TRP B 121 -5.73 13.84 -18.36
N THR B 122 -4.79 12.96 -18.70
CA THR B 122 -4.91 12.19 -19.94
C THR B 122 -5.94 11.07 -19.84
N MET B 123 -6.30 10.66 -18.62
CA MET B 123 -7.23 9.55 -18.46
C MET B 123 -8.25 9.86 -17.38
N PRO B 124 -9.48 9.39 -17.52
CA PRO B 124 -10.46 9.54 -16.44
C PRO B 124 -10.06 8.73 -15.23
N PHE B 125 -10.36 9.28 -14.05
CA PHE B 125 -10.01 8.61 -12.80
C PHE B 125 -10.85 7.37 -12.64
N ALA B 126 -10.23 6.20 -12.80
CA ALA B 126 -10.94 4.92 -12.77
C ALA B 126 -10.37 3.96 -11.73
N PHE B 127 -9.62 4.48 -10.75
CA PHE B 127 -9.07 3.61 -9.72
C PHE B 127 -10.15 3.03 -8.82
N CYS B 128 -11.33 3.66 -8.80
CA CYS B 128 -12.43 3.17 -7.99
C CYS B 128 -12.91 1.80 -8.44
N THR B 129 -12.97 1.57 -9.76
CA THR B 129 -13.51 0.32 -10.27
C THR B 129 -12.64 -0.88 -9.93
N ARG B 130 -11.38 -0.66 -9.55
CA ARG B 130 -10.46 -1.74 -9.17
C ARG B 130 -10.31 -2.77 -10.29
N GLU B 131 -10.30 -2.30 -11.53
CA GLU B 131 -10.16 -3.16 -12.70
C GLU B 131 -8.87 -2.81 -13.43
N LYS B 132 -8.06 -3.83 -13.71
CA LYS B 132 -6.81 -3.61 -14.41
C LYS B 132 -7.02 -3.32 -15.90
N LEU B 133 -8.10 -3.85 -16.48
CA LEU B 133 -8.34 -3.61 -17.89
C LEU B 133 -9.73 -3.02 -18.10
N PRO B 134 -9.87 -2.04 -19.01
CA PRO B 134 -8.81 -1.43 -19.82
C PRO B 134 -8.31 -0.12 -19.21
N TRP B 135 -8.47 0.05 -17.89
CA TRP B 135 -8.13 1.31 -17.26
C TRP B 135 -6.63 1.50 -17.06
N THR B 136 -5.83 0.43 -17.12
CA THR B 136 -4.38 0.55 -17.09
C THR B 136 -3.79 0.66 -18.49
N GLU B 137 -4.63 0.65 -19.52
CA GLU B 137 -4.15 0.79 -20.89
C GLU B 137 -3.79 2.23 -21.23
N PHE B 138 -4.31 3.19 -20.47
CA PHE B 138 -3.93 4.59 -20.66
C PHE B 138 -2.48 4.85 -20.27
N ALA B 139 -1.88 3.99 -19.46
CA ALA B 139 -0.51 4.20 -19.00
C ALA B 139 0.49 3.96 -20.11
N GLU B 140 1.47 4.86 -20.23
CA GLU B 140 2.55 4.71 -21.19
C GLU B 140 3.84 5.17 -20.53
N SER B 141 4.94 5.09 -21.28
CA SER B 141 6.23 5.54 -20.78
C SER B 141 6.22 7.05 -20.62
N ALA B 142 6.61 7.52 -19.43
CA ALA B 142 6.59 8.95 -19.16
C ALA B 142 7.59 9.71 -20.04
N GLU B 143 8.79 9.17 -20.21
CA GLU B 143 9.81 9.86 -20.99
C GLU B 143 9.49 9.81 -22.48
N ASP B 144 8.85 8.75 -22.93
CA ASP B 144 8.53 8.59 -24.36
C ASP B 144 7.09 8.06 -24.47
N GLY B 145 6.15 8.99 -24.56
CA GLY B 145 4.76 8.66 -24.77
C GLY B 145 4.10 9.62 -25.73
N PRO B 146 2.93 9.24 -26.26
CA PRO B 146 2.19 10.17 -27.13
C PRO B 146 1.83 11.46 -26.42
N THR B 147 1.41 11.37 -25.16
CA THR B 147 1.10 12.55 -24.38
C THR B 147 2.33 13.38 -24.09
N THR B 148 3.46 12.75 -23.79
CA THR B 148 4.69 13.49 -23.51
C THR B 148 5.17 14.25 -24.74
N ARG B 149 5.18 13.60 -25.90
CA ARG B 149 5.58 14.28 -27.13
C ARG B 149 4.58 15.37 -27.50
N PHE B 150 3.28 15.12 -27.32
CA PHE B 150 2.29 16.15 -27.57
C PHE B 150 2.51 17.37 -26.68
N CYS B 151 2.79 17.14 -25.40
CA CYS B 151 3.07 18.24 -24.50
C CYS B 151 4.35 18.97 -24.88
N GLN B 152 5.38 18.23 -25.31
CA GLN B 152 6.61 18.88 -25.75
C GLN B 152 6.38 19.72 -27.00
N LYS B 153 5.42 19.33 -27.83
CA LYS B 153 5.03 20.18 -28.96
C LYS B 153 4.48 21.52 -28.49
N LEU B 154 3.67 21.53 -27.44
CA LEU B 154 3.13 22.76 -26.89
C LEU B 154 4.15 23.51 -26.05
N ALA B 155 5.21 22.84 -25.59
CA ALA B 155 6.21 23.50 -24.77
C ALA B 155 7.12 24.39 -25.62
N LYS B 156 7.52 23.93 -26.80
CA LYS B 156 8.56 24.58 -27.59
C LYS B 156 8.01 25.57 -28.61
N ASN B 157 6.69 25.72 -28.69
CA ASN B 157 6.10 26.70 -29.60
C ASN B 157 5.60 27.94 -28.86
N HIS B 158 5.12 27.79 -27.63
CA HIS B 158 4.67 28.91 -26.82
C HIS B 158 5.60 29.22 -25.66
N ASP B 159 6.77 28.59 -25.60
CA ASP B 159 7.80 28.80 -24.58
C ASP B 159 7.21 28.89 -23.18
N MET B 160 6.35 27.93 -22.85
CA MET B 160 5.74 27.87 -21.52
C MET B 160 6.09 26.55 -20.86
N VAL B 161 6.44 26.61 -19.58
CA VAL B 161 6.69 25.39 -18.83
C VAL B 161 5.38 24.66 -18.59
N VAL B 162 5.33 23.39 -18.95
CA VAL B 162 4.11 22.59 -18.88
C VAL B 162 4.31 21.50 -17.84
N VAL B 163 3.35 21.40 -16.92
CA VAL B 163 3.31 20.35 -15.91
C VAL B 163 2.15 19.44 -16.27
N SER B 164 2.46 18.26 -16.79
CA SER B 164 1.44 17.33 -17.26
C SER B 164 1.41 16.09 -16.39
N PRO B 165 0.50 15.99 -15.43
CA PRO B 165 0.38 14.75 -14.65
C PRO B 165 -0.16 13.63 -15.51
N ILE B 166 0.53 12.48 -15.47
CA ILE B 166 0.17 11.32 -16.29
C ILE B 166 0.24 10.07 -15.43
N LEU B 167 0.04 8.91 -16.07
CA LEU B 167 0.14 7.62 -15.40
C LEU B 167 1.30 6.84 -16.02
N GLU B 168 2.49 7.06 -15.47
CA GLU B 168 3.71 6.46 -16.02
C GLU B 168 3.69 4.94 -15.91
N ARG B 169 3.74 4.27 -17.06
CA ARG B 169 3.91 2.82 -17.10
C ARG B 169 5.40 2.49 -17.13
N ASP B 170 5.98 2.30 -15.95
CA ASP B 170 7.40 2.04 -15.82
C ASP B 170 7.71 0.66 -16.39
N SER B 171 8.07 0.61 -17.67
CA SER B 171 8.25 -0.66 -18.38
C SER B 171 9.66 -1.20 -18.25
N GLU B 172 10.66 -0.34 -18.09
CA GLU B 172 12.03 -0.81 -17.97
C GLU B 172 12.27 -1.60 -16.69
N HIS B 173 11.39 -1.46 -15.70
CA HIS B 173 11.53 -2.16 -14.43
C HIS B 173 10.26 -2.96 -14.13
N GLY B 174 9.78 -3.70 -15.12
CA GLY B 174 8.70 -4.65 -14.91
C GLY B 174 7.30 -4.17 -15.21
N ASP B 175 7.15 -3.21 -16.13
CA ASP B 175 5.83 -2.83 -16.66
C ASP B 175 4.85 -2.46 -15.56
N VAL B 176 5.31 -1.68 -14.58
CA VAL B 176 4.48 -1.30 -13.45
C VAL B 176 4.03 0.14 -13.59
N LEU B 177 2.76 0.40 -13.31
CA LEU B 177 2.20 1.73 -13.41
C LEU B 177 2.64 2.59 -12.23
N TRP B 178 2.81 3.88 -12.48
CA TRP B 178 3.08 4.86 -11.44
C TRP B 178 2.37 6.16 -11.79
N ASN B 179 1.86 6.84 -10.77
CA ASN B 179 1.20 8.13 -10.94
C ASN B 179 2.24 9.23 -10.92
N THR B 180 2.84 9.51 -12.07
CA THR B 180 3.96 10.44 -12.18
C THR B 180 3.53 11.68 -12.96
N ALA B 181 4.09 12.83 -12.59
CA ALA B 181 3.75 14.10 -13.22
C ALA B 181 5.00 14.67 -13.86
N VAL B 182 5.12 14.50 -15.18
CA VAL B 182 6.29 14.99 -15.91
C VAL B 182 6.20 16.50 -16.06
N VAL B 183 7.35 17.16 -15.93
CA VAL B 183 7.46 18.61 -16.10
C VAL B 183 8.48 18.90 -17.19
N ILE B 184 8.04 19.56 -18.25
CA ILE B 184 8.90 19.89 -19.37
C ILE B 184 9.16 21.40 -19.38
N SER B 185 10.36 21.78 -19.80
CA SER B 185 10.74 23.19 -19.84
C SER B 185 10.10 23.87 -21.05
N ASN B 186 10.46 25.14 -21.25
CA ASN B 186 10.00 25.87 -22.43
C ASN B 186 10.71 25.39 -23.69
N SER B 187 11.79 24.63 -23.56
CA SER B 187 12.49 24.06 -24.70
C SER B 187 11.99 22.66 -25.04
N GLY B 188 10.95 22.19 -24.35
CA GLY B 188 10.39 20.88 -24.60
C GLY B 188 11.32 19.71 -24.30
N ALA B 189 12.08 19.78 -23.21
CA ALA B 189 12.96 18.70 -22.81
C ALA B 189 12.73 18.31 -21.35
N VAL B 190 11.71 17.49 -21.11
CA VAL B 190 11.51 16.70 -19.89
C VAL B 190 12.51 17.05 -18.78
N LEU B 191 12.15 18.05 -17.96
CA LEU B 191 13.01 18.44 -16.85
C LEU B 191 13.01 17.43 -15.72
N GLY B 192 11.95 16.63 -15.60
CA GLY B 192 11.86 15.65 -14.53
C GLY B 192 10.48 15.05 -14.48
N LYS B 193 10.32 14.08 -13.58
CA LYS B 193 9.07 13.36 -13.41
C LYS B 193 8.89 12.99 -11.93
N THR B 194 8.07 13.76 -11.23
CA THR B 194 7.82 13.52 -9.82
C THR B 194 6.75 12.45 -9.64
N ARG B 195 7.06 11.45 -8.80
CA ARG B 195 6.15 10.35 -8.54
C ARG B 195 5.26 10.68 -7.36
N LYS B 196 4.31 9.78 -7.08
CA LYS B 196 3.33 10.00 -6.02
C LYS B 196 3.86 9.41 -4.72
N ASN B 197 4.16 10.28 -3.75
CA ASN B 197 4.71 9.82 -2.48
C ASN B 197 3.65 9.20 -1.59
N HIS B 198 2.44 9.73 -1.60
CA HIS B 198 1.38 9.31 -0.69
C HIS B 198 0.20 8.78 -1.49
N ILE B 199 -0.36 7.66 -1.04
CA ILE B 199 -1.48 7.00 -1.72
C ILE B 199 -2.69 7.07 -0.80
N PRO B 200 -3.82 7.62 -1.26
CA PRO B 200 -5.02 7.67 -0.41
C PRO B 200 -5.79 6.36 -0.47
N ARG B 201 -5.71 5.58 0.61
CA ARG B 201 -6.44 4.30 0.69
C ARG B 201 -7.79 4.47 1.37
N VAL B 202 -8.61 5.39 0.85
CA VAL B 202 -9.88 5.73 1.49
C VAL B 202 -11.01 5.61 0.49
N GLY B 203 -12.04 4.85 0.89
CA GLY B 203 -13.30 4.85 0.16
C GLY B 203 -13.16 4.62 -1.33
N ASP B 204 -13.68 5.56 -2.14
CA ASP B 204 -13.63 5.42 -3.59
C ASP B 204 -12.20 5.47 -4.12
N PHE B 205 -11.30 6.12 -3.38
CA PHE B 205 -9.90 6.19 -3.76
C PHE B 205 -9.23 4.84 -3.52
N ASN B 206 -9.46 3.91 -4.45
CA ASN B 206 -8.76 2.62 -4.42
C ASN B 206 -7.51 2.70 -5.28
N GLU B 207 -6.67 3.69 -4.97
CA GLU B 207 -5.46 3.95 -5.73
C GLU B 207 -4.29 3.08 -5.30
N SER B 208 -4.41 2.37 -4.17
CA SER B 208 -3.35 1.48 -3.74
C SER B 208 -3.26 0.22 -4.57
N THR B 209 -4.36 -0.20 -5.19
CA THR B 209 -4.39 -1.41 -6.01
C THR B 209 -3.91 -1.17 -7.43
N TYR B 210 -3.27 -0.03 -7.69
CA TYR B 210 -2.75 0.28 -9.02
C TYR B 210 -1.27 0.63 -9.03
N TYR B 211 -0.74 1.19 -7.95
CA TYR B 211 0.67 1.55 -7.89
C TYR B 211 1.10 1.61 -6.43
N MET B 212 2.40 1.83 -6.21
CA MET B 212 2.97 1.93 -4.88
C MET B 212 3.44 3.36 -4.64
N GLU B 213 3.91 3.64 -3.43
CA GLU B 213 4.40 4.97 -3.09
C GLU B 213 5.67 5.27 -3.87
N GLY B 214 5.77 6.50 -4.37
CA GLY B 214 6.89 6.89 -5.20
C GLY B 214 8.18 6.98 -4.40
N ASN B 215 9.24 6.35 -4.91
CA ASN B 215 10.55 6.40 -4.28
C ASN B 215 11.37 7.60 -4.74
N LEU B 216 10.82 8.44 -5.63
CA LEU B 216 11.56 9.58 -6.13
C LEU B 216 11.85 10.62 -5.06
N GLY B 217 11.15 10.57 -3.93
CA GLY B 217 11.39 11.54 -2.88
C GLY B 217 10.68 12.86 -3.18
N HIS B 218 11.41 13.95 -3.00
CA HIS B 218 10.86 15.28 -3.22
C HIS B 218 11.74 16.07 -4.18
N PRO B 219 11.63 15.82 -5.48
CA PRO B 219 12.42 16.57 -6.45
C PRO B 219 11.88 17.98 -6.64
N VAL B 220 12.79 18.90 -6.94
CA VAL B 220 12.45 20.29 -7.26
C VAL B 220 13.04 20.60 -8.63
N PHE B 221 12.19 21.00 -9.56
CA PHE B 221 12.60 21.24 -10.93
C PHE B 221 12.92 22.71 -11.13
N GLN B 222 14.11 22.99 -11.66
CA GLN B 222 14.57 24.35 -11.88
C GLN B 222 14.25 24.77 -13.32
N THR B 223 13.36 25.75 -13.45
CA THR B 223 13.02 26.32 -14.75
C THR B 223 13.69 27.69 -14.88
N GLN B 224 13.78 28.18 -16.12
CA GLN B 224 14.39 29.48 -16.37
C GLN B 224 13.68 30.62 -15.64
N PHE B 225 12.40 30.45 -15.34
CA PHE B 225 11.65 31.46 -14.59
C PHE B 225 11.81 31.28 -13.08
N GLY B 226 11.62 30.07 -12.58
CA GLY B 226 11.75 29.82 -11.16
C GLY B 226 11.58 28.35 -10.83
N ARG B 227 12.05 27.97 -9.66
CA ARG B 227 11.93 26.59 -9.19
C ARG B 227 10.47 26.24 -8.96
N ILE B 228 10.06 25.07 -9.42
CA ILE B 228 8.68 24.61 -9.29
C ILE B 228 8.68 23.15 -8.84
N ALA B 229 7.77 22.80 -7.95
CA ALA B 229 7.57 21.43 -7.49
C ALA B 229 6.16 20.98 -7.81
N VAL B 230 5.94 19.66 -7.74
CA VAL B 230 4.65 19.06 -8.00
C VAL B 230 4.24 18.24 -6.80
N ASN B 231 3.03 18.49 -6.29
CA ASN B 231 2.49 17.78 -5.14
C ASN B 231 1.24 17.03 -5.59
N ILE B 232 1.26 15.71 -5.44
CA ILE B 232 0.17 14.86 -5.91
C ILE B 232 -1.00 14.95 -4.94
N CYS B 233 -2.17 14.44 -5.35
CA CYS B 233 -3.42 14.61 -4.64
C CYS B 233 -3.33 14.34 -3.14
N TYR B 234 -2.98 13.12 -2.76
CA TYR B 234 -2.99 12.76 -1.34
C TYR B 234 -1.84 13.39 -0.58
N GLY B 235 -0.76 13.76 -1.26
CA GLY B 235 0.33 14.46 -0.60
C GLY B 235 -0.06 15.83 -0.09
N ARG B 236 -1.19 16.36 -0.56
CA ARG B 236 -1.67 17.66 -0.10
C ARG B 236 -1.97 17.66 1.40
N HIS B 237 -2.55 16.57 1.90
CA HIS B 237 -3.02 16.53 3.27
C HIS B 237 -1.86 16.68 4.27
N HIS B 238 -0.74 16.02 4.00
CA HIS B 238 0.35 16.00 4.97
C HIS B 238 1.16 17.28 4.88
N PRO B 239 1.22 18.10 5.94
CA PRO B 239 2.06 19.30 5.89
C PRO B 239 3.54 19.00 5.77
N LEU B 240 3.98 17.82 6.20
CA LEU B 240 5.39 17.47 6.09
C LEU B 240 5.83 17.38 4.64
N ASN B 241 4.93 16.95 3.75
CA ASN B 241 5.25 16.92 2.33
C ASN B 241 5.57 18.32 1.81
N TRP B 242 4.71 19.29 2.14
CA TRP B 242 4.94 20.67 1.70
C TRP B 242 6.20 21.23 2.34
N LEU B 243 6.43 20.91 3.62
CA LEU B 243 7.65 21.39 4.29
C LEU B 243 8.90 20.86 3.60
N MET B 244 8.92 19.57 3.27
CA MET B 244 10.07 18.99 2.59
C MET B 244 10.25 19.60 1.20
N TYR B 245 9.14 19.85 0.49
CA TYR B 245 9.25 20.50 -0.81
C TYR B 245 9.84 21.90 -0.69
N SER B 246 9.43 22.65 0.33
CA SER B 246 9.92 24.01 0.50
C SER B 246 11.34 24.04 1.07
N ILE B 247 11.79 22.96 1.71
CA ILE B 247 13.17 22.90 2.20
C ILE B 247 14.17 22.85 1.06
N ASN B 248 13.86 22.13 -0.01
CA ASN B 248 14.76 21.99 -1.14
C ASN B 248 14.85 23.24 -2.00
N GLY B 249 14.12 24.30 -1.64
CA GLY B 249 14.20 25.56 -2.35
C GLY B 249 13.06 25.82 -3.32
N ALA B 250 12.07 24.93 -3.39
CA ALA B 250 10.96 25.12 -4.32
C ALA B 250 10.23 26.42 -4.04
N GLU B 251 9.98 27.19 -5.10
CA GLU B 251 9.32 28.48 -4.98
C GLU B 251 7.83 28.41 -5.28
N ILE B 252 7.44 27.73 -6.35
CA ILE B 252 6.04 27.59 -6.73
C ILE B 252 5.69 26.11 -6.68
N ILE B 253 4.89 25.73 -5.69
CA ILE B 253 4.50 24.33 -5.52
C ILE B 253 3.10 24.14 -6.09
N PHE B 254 2.99 23.27 -7.09
CA PHE B 254 1.71 22.93 -7.69
C PHE B 254 1.11 21.70 -7.02
N ASN B 255 -0.22 21.66 -6.98
CA ASN B 255 -0.95 20.55 -6.37
C ASN B 255 -2.03 20.07 -7.32
N PRO B 256 -1.65 19.33 -8.37
CA PRO B 256 -2.66 18.69 -9.22
C PRO B 256 -3.35 17.56 -8.47
N SER B 257 -4.67 17.65 -8.35
CA SER B 257 -5.44 16.68 -7.60
C SER B 257 -6.72 16.34 -8.37
N ALA B 258 -7.28 15.18 -8.06
CA ALA B 258 -8.55 14.73 -8.63
C ALA B 258 -9.44 14.21 -7.50
N THR B 259 -9.54 14.99 -6.42
CA THR B 259 -10.27 14.56 -5.24
C THR B 259 -11.76 14.85 -5.41
N ILE B 260 -12.58 13.97 -4.82
CA ILE B 260 -14.03 14.07 -4.92
C ILE B 260 -14.51 15.10 -3.91
N GLY B 261 -15.79 15.45 -4.01
CA GLY B 261 -16.37 16.49 -3.18
C GLY B 261 -16.61 16.02 -1.76
N ALA B 262 -17.24 16.89 -0.96
CA ALA B 262 -17.77 16.56 0.37
C ALA B 262 -16.77 16.97 1.45
N LEU B 263 -16.22 16.01 2.18
CA LEU B 263 -15.24 16.34 3.21
C LEU B 263 -14.01 17.01 2.61
N SER B 264 -13.53 16.50 1.47
CA SER B 264 -12.33 17.06 0.85
C SER B 264 -12.55 18.50 0.41
N GLU B 265 -13.80 18.86 0.11
CA GLU B 265 -14.10 20.24 -0.27
C GLU B 265 -13.81 21.20 0.88
N SER B 266 -14.04 20.77 2.11
CA SER B 266 -13.74 21.61 3.26
C SER B 266 -12.24 21.77 3.47
N LEU B 267 -11.48 20.70 3.22
CA LEU B 267 -10.02 20.76 3.38
C LEU B 267 -9.35 21.51 2.24
N TRP B 268 -10.04 21.73 1.13
CA TRP B 268 -9.44 22.34 -0.05
C TRP B 268 -8.92 23.75 0.23
N PRO B 269 -9.69 24.67 0.82
CA PRO B 269 -9.15 26.01 1.04
C PRO B 269 -8.25 26.11 2.26
N ILE B 270 -8.03 25.00 2.96
CA ILE B 270 -7.33 25.02 4.24
C ILE B 270 -5.89 24.57 4.09
N GLU B 271 -5.67 23.36 3.60
CA GLU B 271 -4.34 22.75 3.65
C GLU B 271 -3.35 23.47 2.75
N ALA B 272 -3.76 23.79 1.52
CA ALA B 272 -2.87 24.48 0.60
C ALA B 272 -2.51 25.87 1.12
N ARG B 273 -3.50 26.60 1.64
CA ARG B 273 -3.22 27.93 2.19
C ARG B 273 -2.29 27.84 3.39
N ASN B 274 -2.50 26.87 4.26
CA ASN B 274 -1.64 26.72 5.42
C ASN B 274 -0.21 26.37 5.00
N ALA B 275 -0.07 25.53 3.97
CA ALA B 275 1.26 25.22 3.46
C ALA B 275 1.95 26.47 2.93
N ALA B 276 1.22 27.29 2.17
CA ALA B 276 1.80 28.52 1.64
C ALA B 276 2.20 29.46 2.75
N ILE B 277 1.37 29.57 3.80
CA ILE B 277 1.66 30.48 4.89
C ILE B 277 2.87 30.00 5.70
N ALA B 278 2.95 28.69 5.96
CA ALA B 278 3.99 28.14 6.82
C ALA B 278 5.25 27.75 6.04
N ASN B 279 5.26 27.96 4.73
CA ASN B 279 6.47 27.71 3.94
C ASN B 279 6.94 28.93 3.18
N HIS B 280 6.16 30.01 3.15
CA HIS B 280 6.52 31.24 2.45
C HIS B 280 6.85 30.99 0.98
N CYS B 281 6.13 30.07 0.35
CA CYS B 281 6.30 29.78 -1.06
C CYS B 281 4.92 29.68 -1.71
N PHE B 282 4.79 30.21 -2.92
CA PHE B 282 3.52 30.18 -3.62
C PHE B 282 3.07 28.74 -3.85
N THR B 283 1.80 28.48 -3.56
CA THR B 283 1.21 27.17 -3.75
C THR B 283 0.01 27.28 -4.69
N CYS B 284 -0.08 26.34 -5.62
CA CYS B 284 -1.19 26.28 -6.56
C CYS B 284 -2.00 25.02 -6.30
N ALA B 285 -3.32 25.13 -6.45
CA ALA B 285 -4.23 24.02 -6.21
C ALA B 285 -5.05 23.76 -7.46
N ILE B 286 -5.00 22.54 -7.95
CA ILE B 286 -5.69 22.15 -9.19
C ILE B 286 -6.55 20.93 -8.90
N ASN B 287 -7.81 21.00 -9.31
CA ASN B 287 -8.74 19.88 -9.19
C ASN B 287 -9.63 19.84 -10.42
N ARG B 288 -9.80 18.65 -10.98
CA ARG B 288 -10.60 18.51 -12.19
C ARG B 288 -12.07 18.77 -11.87
N VAL B 289 -12.82 19.11 -12.91
CA VAL B 289 -14.23 19.42 -12.79
C VAL B 289 -15.05 18.34 -13.49
N GLY B 290 -16.35 18.31 -13.20
CA GLY B 290 -17.27 17.39 -13.83
C GLY B 290 -17.43 16.10 -13.05
N THR B 291 -18.23 15.20 -13.62
CA THR B 291 -18.50 13.91 -13.02
C THR B 291 -18.15 12.80 -14.01
N GLU B 292 -17.59 11.71 -13.51
CA GLU B 292 -17.19 10.57 -14.32
C GLU B 292 -18.18 9.43 -14.14
N HIS B 293 -18.63 8.86 -15.25
CA HIS B 293 -19.59 7.77 -15.24
C HIS B 293 -18.94 6.52 -15.81
N PHE B 294 -19.27 5.37 -15.21
CA PHE B 294 -18.70 4.10 -15.64
C PHE B 294 -19.83 3.11 -15.94
N PRO B 295 -19.64 2.21 -16.90
CA PRO B 295 -20.65 1.16 -17.14
C PRO B 295 -20.82 0.23 -15.96
N ASN B 296 -19.77 -0.01 -15.17
CA ASN B 296 -19.85 -0.89 -14.02
C ASN B 296 -20.03 -0.08 -12.74
N GLU B 297 -20.45 -0.76 -11.68
CA GLU B 297 -20.63 -0.16 -10.37
C GLU B 297 -19.51 -0.58 -9.43
N PHE B 298 -19.19 0.29 -8.48
CA PHE B 298 -18.13 0.03 -7.51
C PHE B 298 -18.62 0.41 -6.12
N THR B 299 -18.27 -0.42 -5.14
CA THR B 299 -18.62 -0.17 -3.74
C THR B 299 -17.44 0.46 -3.03
N SER B 300 -17.68 1.57 -2.35
CA SER B 300 -16.64 2.25 -1.58
C SER B 300 -16.10 1.37 -0.47
N HIS B 307 -21.59 2.01 -7.59
CA HIS B 307 -22.41 2.98 -8.31
C HIS B 307 -21.76 3.40 -9.62
N GLN B 308 -22.58 3.77 -10.60
CA GLN B 308 -22.10 4.12 -11.93
C GLN B 308 -21.25 5.38 -11.94
N ASP B 309 -21.63 6.38 -11.17
CA ASP B 309 -20.92 7.66 -11.17
C ASP B 309 -19.77 7.63 -10.18
N PHE B 310 -18.87 8.61 -10.30
CA PHE B 310 -17.75 8.74 -9.38
C PHE B 310 -17.89 10.03 -8.57
N GLY B 311 -19.10 10.32 -8.13
CA GLY B 311 -19.35 11.53 -7.37
C GLY B 311 -19.17 12.77 -8.23
N TYR B 312 -19.14 13.91 -7.56
CA TYR B 312 -18.99 15.20 -8.25
C TYR B 312 -17.63 15.80 -7.88
N PHE B 313 -17.05 16.51 -8.83
CA PHE B 313 -15.76 17.19 -8.64
C PHE B 313 -16.03 18.68 -8.52
N TYR B 314 -15.63 19.26 -7.38
CA TYR B 314 -15.96 20.65 -7.10
C TYR B 314 -14.98 21.62 -7.77
N GLY B 315 -13.93 21.08 -8.39
CA GLY B 315 -12.93 21.92 -9.01
C GLY B 315 -12.35 22.97 -8.09
N SER B 316 -12.77 24.22 -8.29
CA SER B 316 -12.39 25.34 -7.44
C SER B 316 -10.88 25.46 -7.33
N SER B 317 -10.21 25.58 -8.47
CA SER B 317 -8.76 25.75 -8.49
C SER B 317 -8.40 27.16 -8.07
N TYR B 318 -7.33 27.28 -7.30
CA TYR B 318 -6.87 28.58 -6.80
C TYR B 318 -5.38 28.52 -6.52
N VAL B 319 -4.79 29.71 -6.38
CA VAL B 319 -3.38 29.86 -6.07
C VAL B 319 -3.26 30.66 -4.77
N ALA B 320 -2.47 30.15 -3.83
CA ALA B 320 -2.23 30.84 -2.58
C ALA B 320 -0.86 31.50 -2.60
N ALA B 321 -0.71 32.54 -1.77
CA ALA B 321 0.51 33.32 -1.73
C ALA B 321 1.11 33.32 -0.32
N PRO B 322 2.43 33.54 -0.21
CA PRO B 322 3.06 33.54 1.12
C PRO B 322 2.53 34.61 2.06
N ASP B 323 1.90 35.67 1.53
CA ASP B 323 1.36 36.73 2.38
C ASP B 323 -0.11 36.53 2.69
N SER B 324 -0.53 35.27 2.80
CA SER B 324 -1.88 34.89 3.23
C SER B 324 -2.97 35.33 2.26
N SER B 325 -2.59 35.74 1.06
CA SER B 325 -3.58 36.10 0.04
C SER B 325 -3.77 34.95 -0.94
N ARG B 326 -5.00 34.78 -1.40
CA ARG B 326 -5.32 33.70 -2.34
C ARG B 326 -6.18 34.26 -3.47
N THR B 327 -6.02 33.68 -4.65
CA THR B 327 -6.92 33.97 -5.75
C THR B 327 -8.29 33.35 -5.49
N PRO B 328 -9.38 34.01 -5.88
CA PRO B 328 -10.70 33.40 -5.74
C PRO B 328 -10.78 32.10 -6.54
N GLY B 329 -11.47 31.12 -5.95
CA GLY B 329 -11.58 29.82 -6.60
C GLY B 329 -12.37 29.90 -7.89
N LEU B 330 -12.00 29.05 -8.85
CA LEU B 330 -12.71 28.98 -10.11
C LEU B 330 -14.08 28.35 -9.93
N SER B 331 -14.90 28.42 -10.97
CA SER B 331 -16.24 27.88 -10.92
C SER B 331 -16.21 26.38 -10.66
N ARG B 332 -17.22 25.90 -9.93
CA ARG B 332 -17.27 24.50 -9.54
C ARG B 332 -17.84 23.58 -10.62
N SER B 333 -18.45 24.15 -11.66
CA SER B 333 -19.08 23.34 -12.70
C SER B 333 -18.35 23.42 -14.02
N ARG B 334 -18.17 24.63 -14.56
CA ARG B 334 -17.55 24.79 -15.87
C ARG B 334 -16.03 24.71 -15.75
N ASP B 335 -15.42 24.02 -16.72
CA ASP B 335 -13.96 24.00 -16.81
C ASP B 335 -13.44 25.39 -17.12
N GLY B 336 -12.22 25.67 -16.68
CA GLY B 336 -11.67 26.99 -16.87
C GLY B 336 -10.17 27.04 -16.72
N LEU B 337 -9.64 28.26 -16.81
CA LEU B 337 -8.22 28.54 -16.70
C LEU B 337 -8.01 29.77 -15.84
N LEU B 338 -7.05 29.70 -14.92
CA LEU B 338 -6.71 30.80 -14.03
C LEU B 338 -5.30 31.30 -14.36
N VAL B 339 -5.17 32.61 -14.52
CA VAL B 339 -3.89 33.23 -14.83
C VAL B 339 -3.52 34.11 -13.65
N ALA B 340 -2.45 33.74 -12.94
CA ALA B 340 -2.00 34.45 -11.75
C ALA B 340 -0.65 35.08 -12.02
N LYS B 341 -0.56 36.39 -11.79
CA LYS B 341 0.69 37.13 -12.00
C LYS B 341 1.50 37.09 -10.71
N LEU B 342 2.33 36.06 -10.59
CA LEU B 342 3.13 35.87 -9.39
C LEU B 342 4.32 36.83 -9.38
N ASP B 343 4.60 37.36 -8.19
CA ASP B 343 5.78 38.20 -7.95
C ASP B 343 6.60 37.52 -6.87
N LEU B 344 7.60 36.74 -7.28
CA LEU B 344 8.38 35.95 -6.33
C LEU B 344 9.16 36.79 -5.35
N ASN B 345 9.33 38.09 -5.61
CA ASN B 345 10.07 38.95 -4.70
C ASN B 345 9.41 39.01 -3.33
N LEU B 346 8.08 39.00 -3.27
CA LEU B 346 7.38 39.01 -1.99
C LEU B 346 7.52 37.69 -1.24
N CYS B 347 7.91 36.62 -1.93
CA CYS B 347 8.03 35.32 -1.29
C CYS B 347 9.06 35.35 -0.17
N GLN B 348 10.24 35.90 -0.46
CA GLN B 348 11.29 35.95 0.55
C GLN B 348 11.19 37.18 1.45
N GLN B 349 10.46 38.21 1.01
CA GLN B 349 10.22 39.37 1.88
C GLN B 349 9.39 38.99 3.10
N VAL B 350 8.31 38.25 2.90
CA VAL B 350 7.51 37.76 4.00
C VAL B 350 8.24 36.67 4.79
N ASN B 351 9.05 35.86 4.11
CA ASN B 351 9.83 34.84 4.80
C ASN B 351 10.77 35.46 5.83
N ASP B 352 11.41 36.56 5.46
CA ASP B 352 12.31 37.24 6.39
C ASP B 352 11.56 37.84 7.57
N VAL B 353 10.44 38.53 7.29
CA VAL B 353 9.64 39.15 8.35
C VAL B 353 9.06 38.08 9.27
N TRP B 354 8.41 37.08 8.69
CA TRP B 354 7.87 35.95 9.45
C TRP B 354 8.87 34.79 9.40
N ASN B 355 9.85 34.82 10.30
CA ASN B 355 10.88 33.78 10.33
C ASN B 355 10.32 32.50 10.95
N PHE B 356 9.30 31.94 10.31
CA PHE B 356 8.72 30.69 10.78
C PHE B 356 9.73 29.55 10.70
N LYS B 357 10.59 29.59 9.68
CA LYS B 357 11.67 28.60 9.58
C LYS B 357 12.64 28.73 10.76
N MET B 358 13.02 29.96 11.09
CA MET B 358 14.00 30.18 12.14
C MET B 358 13.37 30.05 13.52
N THR B 359 12.26 30.74 13.75
CA THR B 359 11.54 30.59 15.01
C THR B 359 10.98 29.18 15.16
N GLY B 360 10.86 28.44 14.05
CA GLY B 360 10.56 27.03 14.13
C GLY B 360 11.76 26.19 14.48
N ARG B 361 11.82 25.74 15.73
CA ARG B 361 13.02 25.09 16.26
C ARG B 361 13.19 23.71 15.63
N TYR B 362 13.83 23.67 14.46
CA TYR B 362 14.06 22.41 13.77
C TYR B 362 14.78 21.41 14.66
N GLU B 363 15.75 21.87 15.47
CA GLU B 363 16.43 20.98 16.39
C GLU B 363 15.48 20.44 17.44
N MET B 364 14.52 21.25 17.88
CA MET B 364 13.61 20.83 18.94
C MET B 364 12.42 20.05 18.40
N TYR B 365 12.17 20.11 17.09
CA TYR B 365 11.01 19.45 16.52
C TYR B 365 11.38 18.24 15.67
N ALA B 366 12.26 18.43 14.69
CA ALA B 366 12.62 17.34 13.79
C ALA B 366 13.35 16.22 14.52
N ARG B 367 14.12 16.57 15.54
CA ARG B 367 14.85 15.56 16.31
C ARG B 367 13.90 14.60 17.02
N GLU B 368 12.83 15.12 17.61
CA GLU B 368 11.86 14.27 18.29
C GLU B 368 10.74 13.87 17.35
N ALA C 4 -14.63 46.77 12.80
CA ALA C 4 -14.95 46.78 14.23
C ALA C 4 -16.45 46.69 14.47
N GLU C 5 -17.22 47.57 13.83
CA GLU C 5 -18.67 47.55 13.98
C GLU C 5 -19.27 46.25 13.45
N TRP C 6 -18.74 45.74 12.33
CA TRP C 6 -19.28 44.54 11.71
C TRP C 6 -19.22 43.37 12.68
N LYS C 7 -20.31 42.59 12.71
CA LYS C 7 -20.46 41.48 13.64
C LYS C 7 -19.86 40.21 13.04
N SER C 8 -20.17 39.07 13.66
CA SER C 8 -19.58 37.80 13.23
C SER C 8 -20.03 37.46 11.81
N LEU C 9 -19.17 36.72 11.11
CA LEU C 9 -19.41 36.36 9.72
C LEU C 9 -20.69 35.53 9.58
N GLU C 10 -20.87 34.57 10.48
CA GLU C 10 -22.03 33.69 10.41
C GLU C 10 -23.33 34.48 10.50
N GLU C 11 -23.39 35.45 11.41
CA GLU C 11 -24.60 36.25 11.56
C GLU C 11 -24.92 37.02 10.30
N CYS C 12 -23.89 37.63 9.68
CA CYS C 12 -24.11 38.38 8.44
C CYS C 12 -24.58 37.47 7.31
N LEU C 13 -23.94 36.30 7.16
CA LEU C 13 -24.32 35.38 6.11
C LEU C 13 -25.75 34.90 6.29
N GLU C 14 -26.11 34.51 7.51
CA GLU C 14 -27.49 34.13 7.79
C GLU C 14 -28.44 35.29 7.55
N LYS C 15 -27.97 36.52 7.77
CA LYS C 15 -28.81 37.70 7.65
C LYS C 15 -29.15 38.04 6.21
N HIS C 16 -28.26 37.73 5.26
CA HIS C 16 -28.44 38.25 3.90
C HIS C 16 -28.87 37.19 2.88
N LEU C 17 -28.07 36.14 2.72
CA LEU C 17 -28.37 35.17 1.67
C LEU C 17 -29.51 34.24 2.10
N PRO C 18 -30.27 33.71 1.16
CA PRO C 18 -31.41 32.84 1.51
C PRO C 18 -30.95 31.51 2.08
N LEU C 19 -31.93 30.76 2.59
CA LEU C 19 -31.66 29.52 3.32
C LEU C 19 -30.90 28.46 2.52
N PRO C 20 -31.27 28.13 1.28
CA PRO C 20 -30.48 27.10 0.56
C PRO C 20 -29.05 27.54 0.31
N ASP C 21 -28.86 28.78 -0.16
CA ASP C 21 -27.52 29.29 -0.37
C ASP C 21 -26.76 29.39 0.94
N LEU C 22 -27.45 29.80 2.01
CA LEU C 22 -26.81 29.87 3.33
C LEU C 22 -26.33 28.49 3.77
N GLN C 23 -27.16 27.46 3.57
CA GLN C 23 -26.76 26.11 3.95
C GLN C 23 -25.58 25.63 3.13
N GLU C 24 -25.57 25.93 1.83
CA GLU C 24 -24.44 25.53 0.99
C GLU C 24 -23.17 26.23 1.42
N VAL C 25 -23.25 27.53 1.72
CA VAL C 25 -22.08 28.27 2.19
C VAL C 25 -21.62 27.72 3.53
N LYS C 26 -22.56 27.37 4.41
CA LYS C 26 -22.20 26.73 5.67
C LYS C 26 -21.43 25.44 5.43
N ARG C 27 -21.93 24.60 4.52
CA ARG C 27 -21.28 23.32 4.25
C ARG C 27 -19.92 23.49 3.58
N VAL C 28 -19.69 24.61 2.91
CA VAL C 28 -18.40 24.89 2.30
C VAL C 28 -17.41 25.45 3.32
N LEU C 29 -17.88 26.36 4.18
CA LEU C 29 -16.98 27.06 5.09
C LEU C 29 -16.86 26.34 6.43
N TYR C 30 -17.98 26.11 7.11
CA TYR C 30 -17.97 25.59 8.48
C TYR C 30 -18.04 24.07 8.51
N GLY C 31 -17.80 23.42 7.37
CA GLY C 31 -17.80 21.97 7.34
C GLY C 31 -19.20 21.39 7.30
N LYS C 32 -19.62 20.81 8.43
CA LYS C 32 -20.92 20.17 8.50
C LYS C 32 -21.82 20.93 9.47
N GLU C 33 -23.13 20.88 9.22
CA GLU C 33 -24.09 21.53 10.11
C GLU C 33 -24.30 20.68 11.36
N LEU C 34 -23.40 20.83 12.32
CA LEU C 34 -23.51 20.11 13.58
C LEU C 34 -24.71 20.60 14.38
N ARG C 35 -25.28 19.70 15.18
CA ARG C 35 -26.45 20.03 15.97
C ARG C 35 -26.10 21.03 17.06
N LYS C 36 -26.97 22.01 17.26
CA LYS C 36 -26.79 22.99 18.31
C LYS C 36 -27.03 22.34 19.67
N LEU C 37 -26.12 22.59 20.62
CA LEU C 37 -26.26 22.02 21.94
C LEU C 37 -27.52 22.52 22.62
N ASP C 38 -28.26 21.61 23.24
CA ASP C 38 -29.49 21.96 23.95
C ASP C 38 -29.13 22.46 25.35
N LEU C 39 -29.04 23.78 25.49
CA LEU C 39 -28.69 24.39 26.76
C LEU C 39 -29.96 24.81 27.50
N PRO C 40 -29.89 24.90 28.83
CA PRO C 40 -31.06 25.35 29.59
C PRO C 40 -31.51 26.74 29.17
N ARG C 41 -32.83 26.93 29.10
CA ARG C 41 -33.39 28.20 28.66
C ARG C 41 -33.01 29.33 29.60
N GLU C 42 -33.12 29.10 30.91
CA GLU C 42 -32.80 30.15 31.87
C GLU C 42 -31.34 30.57 31.76
N ALA C 43 -30.45 29.63 31.44
CA ALA C 43 -29.06 29.99 31.20
C ALA C 43 -28.95 31.01 30.06
N PHE C 44 -29.69 30.78 28.97
CA PHE C 44 -29.74 31.77 27.91
C PHE C 44 -30.24 33.11 28.42
N GLU C 45 -31.24 33.10 29.30
CA GLU C 45 -31.71 34.34 29.89
C GLU C 45 -30.58 35.03 30.65
N ALA C 46 -29.80 34.25 31.41
CA ALA C 46 -28.66 34.83 32.10
C ALA C 46 -27.67 35.43 31.12
N ALA C 47 -27.47 34.75 29.98
CA ALA C 47 -26.58 35.28 28.95
C ALA C 47 -27.09 36.63 28.46
N SER C 48 -28.41 36.77 28.33
CA SER C 48 -28.96 38.05 27.94
C SER C 48 -28.76 39.10 29.03
N ARG C 49 -28.82 38.68 30.29
CA ARG C 49 -28.78 39.64 31.39
C ARG C 49 -27.36 40.14 31.64
N GLU C 50 -26.36 39.26 31.49
CA GLU C 50 -24.98 39.57 31.84
C GLU C 50 -24.17 40.10 30.67
N ASP C 51 -24.83 40.47 29.57
CA ASP C 51 -24.20 41.16 28.44
C ASP C 51 -23.07 40.32 27.82
N PHE C 52 -23.29 39.02 27.69
CA PHE C 52 -22.35 38.15 27.00
C PHE C 52 -23.13 37.11 26.20
N GLU C 53 -22.62 36.80 25.01
CA GLU C 53 -23.31 35.88 24.11
C GLU C 53 -22.96 34.43 24.46
N LEU C 54 -23.97 33.57 24.41
CA LEU C 54 -23.82 32.15 24.69
C LEU C 54 -24.14 31.35 23.44
N GLN C 55 -23.24 30.46 23.04
CA GLN C 55 -23.42 29.62 21.86
C GLN C 55 -23.13 28.17 22.23
N GLY C 56 -24.02 27.27 21.83
CA GLY C 56 -23.84 25.87 22.13
C GLY C 56 -23.88 24.99 20.89
N TYR C 57 -22.83 24.19 20.69
CA TYR C 57 -22.75 23.27 19.57
C TYR C 57 -22.25 21.92 20.05
N ALA C 58 -22.69 20.87 19.39
CA ALA C 58 -22.34 19.50 19.76
C ALA C 58 -21.74 18.78 18.57
N PHE C 59 -20.52 18.27 18.73
CA PHE C 59 -19.88 17.50 17.68
C PHE C 59 -20.36 16.06 17.73
N GLU C 60 -20.92 15.57 16.62
CA GLU C 60 -21.41 14.21 16.55
C GLU C 60 -20.27 13.24 16.30
N ALA C 61 -20.43 12.02 16.83
CA ALA C 61 -19.41 10.98 16.71
C ALA C 61 -20.07 9.66 16.37
N ALA C 62 -19.29 8.77 15.77
CA ALA C 62 -19.77 7.44 15.41
C ALA C 62 -19.76 6.54 16.63
N GLU C 63 -20.90 5.89 16.89
CA GLU C 63 -21.02 5.01 18.04
C GLU C 63 -20.04 3.85 17.93
N GLU C 64 -19.39 3.52 19.04
CA GLU C 64 -18.47 2.39 19.12
C GLU C 64 -19.06 1.34 20.05
N GLN C 65 -19.17 0.11 19.55
CA GLN C 65 -19.81 -0.96 20.30
C GLN C 65 -19.01 -1.34 21.54
N LEU C 66 -17.69 -1.13 21.51
CA LEU C 66 -16.83 -1.53 22.62
C LEU C 66 -16.46 -0.37 23.53
N ARG C 67 -16.35 0.85 23.01
CA ARG C 67 -15.94 2.01 23.80
C ARG C 67 -17.09 3.02 23.79
N ARG C 68 -17.59 3.35 24.98
CA ARG C 68 -18.63 4.35 25.08
C ARG C 68 -18.04 5.74 24.83
N PRO C 69 -18.83 6.64 24.23
CA PRO C 69 -18.32 7.99 23.96
C PRO C 69 -17.98 8.72 25.25
N ARG C 70 -16.84 9.40 25.24
CA ARG C 70 -16.39 10.18 26.39
C ARG C 70 -16.73 11.66 26.20
N ILE C 71 -18.03 11.95 26.33
CA ILE C 71 -18.56 13.29 26.13
C ILE C 71 -17.93 14.26 27.13
N VAL C 72 -17.28 15.30 26.62
CA VAL C 72 -16.68 16.35 27.45
C VAL C 72 -17.19 17.69 26.95
N HIS C 73 -17.86 18.43 27.82
CA HIS C 73 -18.27 19.79 27.49
C HIS C 73 -17.13 20.76 27.72
N VAL C 74 -16.86 21.60 26.73
CA VAL C 74 -15.74 22.53 26.76
C VAL C 74 -16.27 23.95 26.61
N GLY C 75 -15.78 24.85 27.45
CA GLY C 75 -16.18 26.25 27.40
C GLY C 75 -15.01 27.14 27.02
N LEU C 76 -15.33 28.17 26.25
CA LEU C 76 -14.34 29.16 25.81
C LEU C 76 -14.89 30.55 26.11
N VAL C 77 -14.18 31.30 26.94
CA VAL C 77 -14.62 32.63 27.36
C VAL C 77 -13.74 33.67 26.68
N GLN C 78 -14.37 34.58 25.95
CA GLN C 78 -13.69 35.76 25.41
C GLN C 78 -14.33 36.99 26.02
N ASN C 79 -13.53 37.83 26.68
CA ASN C 79 -14.05 39.01 27.36
C ASN C 79 -13.13 40.19 27.10
N ARG C 80 -13.71 41.38 27.16
CA ARG C 80 -12.96 42.62 27.07
C ARG C 80 -12.44 43.00 28.44
N ILE C 81 -11.76 44.14 28.51
CA ILE C 81 -11.36 44.72 29.79
C ILE C 81 -12.48 45.66 30.23
N PRO C 82 -13.12 45.41 31.38
CA PRO C 82 -14.23 46.28 31.79
C PRO C 82 -13.78 47.65 32.28
N LEU C 83 -12.50 47.81 32.60
CA LEU C 83 -11.93 49.06 33.05
C LEU C 83 -10.86 49.53 32.06
N PRO C 84 -10.60 50.83 32.00
CA PRO C 84 -9.54 51.33 31.11
C PRO C 84 -8.18 50.84 31.56
N ALA C 85 -7.25 50.80 30.59
CA ALA C 85 -5.91 50.28 30.89
C ALA C 85 -5.21 51.13 31.94
N ASN C 86 -5.36 52.45 31.87
CA ASN C 86 -4.76 53.36 32.84
C ASN C 86 -5.60 53.35 34.12
N ALA C 87 -5.52 52.23 34.83
CA ALA C 87 -6.27 52.02 36.06
C ALA C 87 -5.38 51.29 37.06
N PRO C 88 -5.68 51.39 38.36
CA PRO C 88 -4.89 50.65 39.35
C PRO C 88 -4.94 49.16 39.10
N VAL C 89 -3.82 48.49 39.40
CA VAL C 89 -3.69 47.06 39.10
C VAL C 89 -4.73 46.26 39.88
N ALA C 90 -4.90 46.57 41.17
CA ALA C 90 -5.81 45.81 42.00
C ALA C 90 -7.25 45.94 41.51
N GLU C 91 -7.67 47.16 41.15
CA GLU C 91 -9.03 47.38 40.68
C GLU C 91 -9.29 46.62 39.39
N GLN C 92 -8.36 46.68 38.44
CA GLN C 92 -8.52 45.96 37.18
C GLN C 92 -8.57 44.46 37.39
N VAL C 93 -7.69 43.93 38.26
CA VAL C 93 -7.67 42.49 38.52
C VAL C 93 -8.98 42.06 39.17
N SER C 94 -9.47 42.83 40.14
CA SER C 94 -10.73 42.49 40.79
C SER C 94 -11.90 42.53 39.81
N ALA C 95 -11.94 43.56 38.96
CA ALA C 95 -13.02 43.66 37.98
C ALA C 95 -12.99 42.49 37.01
N LEU C 96 -11.80 42.13 36.54
CA LEU C 96 -11.68 40.98 35.65
C LEU C 96 -12.05 39.68 36.36
N HIS C 97 -11.71 39.55 37.64
CA HIS C 97 -12.09 38.36 38.39
C HIS C 97 -13.60 38.25 38.48
N ARG C 98 -14.29 39.35 38.80
CA ARG C 98 -15.74 39.31 38.89
C ARG C 98 -16.37 39.01 37.52
N ARG C 99 -15.86 39.64 36.46
CA ARG C 99 -16.41 39.40 35.14
C ARG C 99 -16.23 37.96 34.70
N ILE C 100 -15.06 37.39 34.96
CA ILE C 100 -14.82 35.99 34.63
C ILE C 100 -15.69 35.08 35.49
N LYS C 101 -15.85 35.41 36.78
CA LYS C 101 -16.63 34.57 37.68
C LYS C 101 -18.08 34.50 37.26
N ALA C 102 -18.66 35.62 36.80
CA ALA C 102 -20.04 35.60 36.36
C ALA C 102 -20.24 34.62 35.20
N ILE C 103 -19.35 34.68 34.21
CA ILE C 103 -19.45 33.78 33.06
C ILE C 103 -19.22 32.34 33.49
N VAL C 104 -18.32 32.12 34.45
CA VAL C 104 -18.11 30.77 34.97
C VAL C 104 -19.37 30.26 35.65
N GLU C 105 -20.05 31.12 36.41
CA GLU C 105 -21.30 30.72 37.05
C GLU C 105 -22.35 30.32 36.01
N VAL C 106 -22.43 31.08 34.92
CA VAL C 106 -23.36 30.72 33.84
C VAL C 106 -22.96 29.43 33.16
N ALA C 107 -21.66 29.17 33.01
CA ALA C 107 -21.20 27.96 32.35
C ALA C 107 -21.39 26.72 33.23
N ALA C 108 -21.26 26.88 34.55
CA ALA C 108 -21.35 25.74 35.45
C ALA C 108 -22.70 25.06 35.40
N MET C 109 -23.77 25.80 35.09
CA MET C 109 -25.10 25.23 34.96
C MET C 109 -25.37 24.73 33.54
N CYS C 110 -24.32 24.42 32.78
CA CYS C 110 -24.47 23.89 31.43
C CYS C 110 -23.63 22.63 31.21
N GLY C 111 -23.02 22.09 32.25
CA GLY C 111 -22.27 20.85 32.16
C GLY C 111 -20.82 20.99 31.71
N VAL C 112 -20.30 22.21 31.59
CA VAL C 112 -18.94 22.39 31.13
C VAL C 112 -17.96 21.75 32.10
N ASN C 113 -16.91 21.15 31.55
CA ASN C 113 -15.86 20.52 32.34
C ASN C 113 -14.51 21.20 32.23
N ILE C 114 -14.21 21.79 31.08
CA ILE C 114 -12.96 22.50 30.86
C ILE C 114 -13.29 23.89 30.32
N ILE C 115 -12.58 24.89 30.83
CA ILE C 115 -12.80 26.27 30.43
C ILE C 115 -11.45 26.92 30.14
N CYS C 116 -11.48 27.97 29.33
CA CYS C 116 -10.26 28.66 28.93
C CYS C 116 -10.55 30.13 28.73
N PHE C 117 -9.53 30.96 28.92
CA PHE C 117 -9.64 32.41 28.78
C PHE C 117 -8.60 32.91 27.78
N GLN C 118 -8.71 34.18 27.41
CA GLN C 118 -7.77 34.76 26.47
C GLN C 118 -6.39 34.87 27.10
N GLU C 119 -5.38 35.06 26.24
CA GLU C 119 -4.00 35.17 26.69
C GLU C 119 -3.85 36.34 27.64
N ALA C 120 -3.34 36.07 28.83
CA ALA C 120 -3.13 37.08 29.87
C ALA C 120 -4.42 37.86 30.12
N TRP C 121 -5.47 37.14 30.50
CA TRP C 121 -6.76 37.78 30.73
C TRP C 121 -6.74 38.70 31.95
N THR C 122 -5.78 38.51 32.85
CA THR C 122 -5.73 39.30 34.07
C THR C 122 -5.22 40.72 33.83
N MET C 123 -4.55 40.97 32.72
CA MET C 123 -3.99 42.28 32.45
C MET C 123 -4.23 42.69 31.01
N PRO C 124 -4.42 43.98 30.74
CA PRO C 124 -4.52 44.43 29.35
C PRO C 124 -3.18 44.27 28.64
N PHE C 125 -3.25 43.93 27.35
CA PHE C 125 -2.04 43.74 26.55
C PHE C 125 -1.33 45.08 26.36
N ALA C 126 -0.20 45.25 27.05
CA ALA C 126 0.53 46.51 27.03
C ALA C 126 1.98 46.34 26.59
N PHE C 127 2.30 45.23 25.91
CA PHE C 127 3.66 45.02 25.44
C PHE C 127 4.03 46.00 24.34
N CYS C 128 3.03 46.60 23.69
CA CYS C 128 3.30 47.57 22.63
C CYS C 128 4.00 48.82 23.17
N THR C 129 3.61 49.28 24.34
CA THR C 129 4.16 50.52 24.89
C THR C 129 5.65 50.41 25.22
N ARG C 130 6.16 49.19 25.36
CA ARG C 130 7.58 48.95 25.67
C ARG C 130 8.00 49.65 26.97
N GLU C 131 7.10 49.67 27.95
CA GLU C 131 7.36 50.29 29.23
C GLU C 131 7.32 49.24 30.32
N LYS C 132 8.37 49.21 31.15
CA LYS C 132 8.43 48.24 32.22
C LYS C 132 7.49 48.59 33.38
N LEU C 133 7.20 49.88 33.57
CA LEU C 133 6.33 50.27 34.65
C LEU C 133 5.17 51.10 34.12
N PRO C 134 3.95 50.89 34.63
CA PRO C 134 3.56 49.88 35.63
C PRO C 134 3.00 48.62 34.98
N TRP C 135 3.33 48.37 33.72
CA TRP C 135 2.73 47.24 33.00
C TRP C 135 3.30 45.89 33.41
N THR C 136 4.48 45.86 34.04
CA THR C 136 5.01 44.62 34.58
C THR C 136 4.59 44.40 36.03
N GLU C 137 3.81 45.32 36.59
CA GLU C 137 3.32 45.17 37.96
C GLU C 137 2.19 44.16 38.06
N PHE C 138 1.50 43.88 36.95
CA PHE C 138 0.47 42.85 36.94
C PHE C 138 1.04 41.46 37.14
N ALA C 139 2.33 41.26 36.88
CA ALA C 139 2.93 39.93 36.98
C ALA C 139 3.09 39.52 38.43
N GLU C 140 2.74 38.27 38.72
CA GLU C 140 2.91 37.69 40.05
C GLU C 140 3.38 36.25 39.89
N SER C 141 3.59 35.58 41.02
CA SER C 141 4.00 34.18 41.02
C SER C 141 2.85 33.33 40.50
N ALA C 142 3.14 32.48 39.51
CA ALA C 142 2.10 31.65 38.91
C ALA C 142 1.55 30.64 39.92
N GLU C 143 2.42 30.00 40.69
CA GLU C 143 1.96 28.98 41.63
C GLU C 143 1.25 29.61 42.82
N ASP C 144 1.64 30.82 43.22
CA ASP C 144 1.04 31.49 44.37
C ASP C 144 0.79 32.95 44.00
N GLY C 145 -0.40 33.22 43.47
CA GLY C 145 -0.80 34.57 43.17
C GLY C 145 -2.26 34.80 43.50
N PRO C 146 -2.67 36.06 43.57
CA PRO C 146 -4.10 36.34 43.81
C PRO C 146 -4.99 35.77 42.73
N THR C 147 -4.56 35.87 41.47
CA THR C 147 -5.32 35.30 40.36
C THR C 147 -5.35 33.77 40.42
N THR C 148 -4.23 33.15 40.78
CA THR C 148 -4.17 31.70 40.86
C THR C 148 -5.10 31.17 41.96
N ARG C 149 -5.05 31.78 43.14
CA ARG C 149 -5.95 31.37 44.22
C ARG C 149 -7.40 31.67 43.88
N PHE C 150 -7.68 32.80 43.23
CA PHE C 150 -9.04 33.09 42.80
C PHE C 150 -9.55 32.04 41.82
N CYS C 151 -8.70 31.65 40.86
CA CYS C 151 -9.09 30.61 39.92
C CYS C 151 -9.29 29.27 40.61
N GLN C 152 -8.44 28.94 41.59
CA GLN C 152 -8.61 27.71 42.33
C GLN C 152 -9.91 27.71 43.13
N LYS C 153 -10.36 28.89 43.55
CA LYS C 153 -11.67 28.99 44.18
C LYS C 153 -12.79 28.59 43.22
N LEU C 154 -12.70 29.00 41.97
CA LEU C 154 -13.69 28.63 40.96
C LEU C 154 -13.50 27.21 40.47
N ALA C 155 -12.32 26.62 40.66
CA ALA C 155 -12.08 25.27 40.20
C ALA C 155 -12.76 24.24 41.09
N LYS C 156 -12.72 24.45 42.41
CA LYS C 156 -13.12 23.43 43.38
C LYS C 156 -14.57 23.57 43.81
N ASN C 157 -15.29 24.57 43.30
CA ASN C 157 -16.72 24.70 43.61
C ASN C 157 -17.62 24.25 42.47
N HIS C 158 -17.18 24.44 41.23
CA HIS C 158 -17.93 24.01 40.06
C HIS C 158 -17.29 22.83 39.35
N ASP C 159 -16.26 22.22 39.94
CA ASP C 159 -15.56 21.05 39.41
C ASP C 159 -15.31 21.15 37.92
N MET C 160 -14.75 22.29 37.49
CA MET C 160 -14.42 22.51 36.10
C MET C 160 -12.93 22.80 35.98
N VAL C 161 -12.29 22.19 34.99
CA VAL C 161 -10.89 22.48 34.72
C VAL C 161 -10.78 23.88 34.15
N VAL C 162 -9.92 24.71 34.74
CA VAL C 162 -9.78 26.11 34.37
C VAL C 162 -8.38 26.32 33.79
N VAL C 163 -8.32 26.93 32.62
CA VAL C 163 -7.07 27.30 31.96
C VAL C 163 -6.99 28.82 32.03
N SER C 164 -6.13 29.33 32.89
CA SER C 164 -6.02 30.78 33.11
C SER C 164 -4.67 31.28 32.63
N PRO C 165 -4.57 31.85 31.43
CA PRO C 165 -3.30 32.44 31.00
C PRO C 165 -3.00 33.69 31.81
N ILE C 166 -1.78 33.76 32.33
CA ILE C 166 -1.34 34.86 33.17
C ILE C 166 0.06 35.30 32.75
N LEU C 167 0.62 36.24 33.51
CA LEU C 167 1.98 36.73 33.27
C LEU C 167 2.85 36.34 34.47
N GLU C 168 3.42 35.14 34.44
CA GLU C 168 4.17 34.63 35.57
C GLU C 168 5.43 35.45 35.82
N ARG C 169 5.52 36.03 37.01
CA ARG C 169 6.72 36.70 37.47
C ARG C 169 7.62 35.69 38.19
N ASP C 170 8.51 35.06 37.44
CA ASP C 170 9.38 34.03 37.99
C ASP C 170 10.39 34.67 38.94
N SER C 171 10.03 34.69 40.22
CA SER C 171 10.82 35.41 41.22
C SER C 171 11.93 34.55 41.82
N GLU C 172 11.73 33.23 41.88
CA GLU C 172 12.73 32.35 42.47
C GLU C 172 14.01 32.30 41.63
N HIS C 173 13.94 32.72 40.36
CA HIS C 173 15.09 32.69 39.47
C HIS C 173 15.32 34.08 38.88
N GLY C 174 15.29 35.10 39.74
CA GLY C 174 15.68 36.43 39.32
C GLY C 174 14.57 37.37 38.89
N ASP C 175 13.36 37.18 39.41
CA ASP C 175 12.26 38.15 39.24
C ASP C 175 12.00 38.49 37.78
N VAL C 176 11.99 37.46 36.93
CA VAL C 176 11.80 37.66 35.49
C VAL C 176 10.39 37.26 35.09
N LEU C 177 9.77 38.09 34.24
CA LEU C 177 8.42 37.83 33.78
C LEU C 177 8.42 36.74 32.72
N TRP C 178 7.34 35.95 32.71
CA TRP C 178 7.12 34.96 31.67
C TRP C 178 5.63 34.89 31.37
N ASN C 179 5.29 34.70 30.10
CA ASN C 179 3.90 34.56 29.67
C ASN C 179 3.47 33.11 29.82
N THR C 180 3.03 32.74 31.01
CA THR C 180 2.71 31.36 31.34
C THR C 180 1.20 31.21 31.55
N ALA C 181 0.68 30.04 31.18
CA ALA C 181 -0.75 29.76 31.28
C ALA C 181 -0.94 28.58 32.24
N VAL C 182 -1.31 28.89 33.48
CA VAL C 182 -1.50 27.84 34.49
C VAL C 182 -2.82 27.12 34.22
N VAL C 183 -2.80 25.81 34.43
CA VAL C 183 -3.98 24.97 34.27
C VAL C 183 -4.24 24.24 35.58
N ILE C 184 -5.41 24.46 36.17
CA ILE C 184 -5.78 23.85 37.44
C ILE C 184 -6.87 22.82 37.18
N SER C 185 -6.84 21.73 37.95
CA SER C 185 -7.83 20.67 37.80
C SER C 185 -9.15 21.08 38.45
N ASN C 186 -10.10 20.14 38.47
CA ASN C 186 -11.37 20.39 39.13
C ASN C 186 -11.23 20.36 40.65
N SER C 187 -10.09 19.88 41.16
CA SER C 187 -9.82 19.90 42.59
C SER C 187 -9.06 21.15 43.02
N GLY C 188 -8.83 22.07 42.09
CA GLY C 188 -8.12 23.31 42.41
C GLY C 188 -6.67 23.12 42.80
N ALA C 189 -5.95 22.23 42.14
CA ALA C 189 -4.53 22.02 42.41
C ALA C 189 -3.71 22.08 41.13
N VAL C 190 -3.37 23.30 40.69
CA VAL C 190 -2.32 23.60 39.73
C VAL C 190 -1.72 22.37 39.07
N LEU C 191 -2.32 21.92 37.97
CA LEU C 191 -1.79 20.76 37.26
C LEU C 191 -0.52 21.06 36.50
N GLY C 192 -0.27 22.32 36.17
CA GLY C 192 0.92 22.68 35.42
C GLY C 192 0.84 24.12 34.95
N LYS C 193 1.92 24.56 34.33
CA LYS C 193 2.03 25.93 33.82
C LYS C 193 2.88 25.94 32.54
N THR C 194 2.20 26.01 31.40
CA THR C 194 2.88 26.02 30.12
C THR C 194 3.37 27.43 29.78
N ARG C 195 4.64 27.54 29.42
CA ARG C 195 5.25 28.82 29.07
C ARG C 195 5.10 29.09 27.59
N LYS C 196 5.52 30.28 27.16
CA LYS C 196 5.38 30.71 25.78
C LYS C 196 6.63 30.30 24.99
N ASN C 197 6.46 29.37 24.06
CA ASN C 197 7.59 28.88 23.28
C ASN C 197 8.03 29.87 22.20
N HIS C 198 7.07 30.55 21.59
CA HIS C 198 7.34 31.43 20.45
C HIS C 198 6.92 32.86 20.80
N ILE C 199 7.77 33.82 20.44
CA ILE C 199 7.54 35.23 20.73
C ILE C 199 7.35 35.97 19.41
N PRO C 200 6.23 36.67 19.21
CA PRO C 200 6.05 37.41 17.96
C PRO C 200 6.74 38.77 17.99
N ARG C 201 7.85 38.89 17.28
CA ARG C 201 8.60 40.15 17.21
C ARG C 201 8.16 40.99 16.02
N VAL C 202 6.87 41.27 15.91
CA VAL C 202 6.31 41.95 14.75
C VAL C 202 5.51 43.16 15.19
N GLY C 203 5.84 44.31 14.59
CA GLY C 203 5.00 45.50 14.72
C GLY C 203 4.63 45.85 16.14
N ASP C 204 3.32 45.94 16.40
CA ASP C 204 2.83 46.30 17.73
C ASP C 204 3.18 45.25 18.77
N PHE C 205 3.36 43.99 18.34
CA PHE C 205 3.74 42.92 19.24
C PHE C 205 5.20 43.06 19.63
N ASN C 206 5.47 43.96 20.58
CA ASN C 206 6.80 44.11 21.15
C ASN C 206 6.91 43.26 22.40
N GLU C 207 6.61 41.97 22.24
CA GLU C 207 6.60 41.03 23.34
C GLU C 207 7.98 40.46 23.65
N SER C 208 8.96 40.69 22.80
CA SER C 208 10.31 40.22 23.05
C SER C 208 11.02 41.03 24.13
N THR C 209 10.63 42.29 24.32
CA THR C 209 11.23 43.16 25.31
C THR C 209 10.64 42.97 26.71
N TYR C 210 9.90 41.88 26.93
CA TYR C 210 9.31 41.61 28.24
C TYR C 210 9.65 40.23 28.77
N TYR C 211 9.88 39.25 27.91
CA TYR C 211 10.23 37.89 28.34
C TYR C 211 10.98 37.19 27.23
N MET C 212 11.46 35.97 27.53
CA MET C 212 12.17 35.16 26.57
C MET C 212 11.32 33.93 26.21
N GLU C 213 11.81 33.13 25.27
CA GLU C 213 11.09 31.93 24.86
C GLU C 213 11.07 30.92 25.99
N GLY C 214 9.91 30.28 26.18
CA GLY C 214 9.74 29.34 27.27
C GLY C 214 10.54 28.08 27.09
N ASN C 215 11.29 27.70 28.12
CA ASN C 215 12.08 26.47 28.10
C ASN C 215 11.27 25.26 28.55
N LEU C 216 9.99 25.44 28.89
CA LEU C 216 9.17 24.34 29.38
C LEU C 216 8.92 23.29 28.31
N GLY C 217 9.15 23.61 27.04
CA GLY C 217 8.90 22.65 25.98
C GLY C 217 7.42 22.58 25.64
N HIS C 218 6.93 21.34 25.51
CA HIS C 218 5.53 21.10 25.15
C HIS C 218 4.88 20.18 26.17
N PRO C 219 4.49 20.71 27.33
CA PRO C 219 3.81 19.88 28.33
C PRO C 219 2.37 19.59 27.94
N VAL C 220 1.89 18.42 28.36
CA VAL C 220 0.51 18.00 28.16
C VAL C 220 -0.07 17.67 29.53
N PHE C 221 -1.14 18.36 29.90
CA PHE C 221 -1.73 18.20 31.22
C PHE C 221 -2.86 17.19 31.18
N GLN C 222 -2.79 16.20 32.07
CA GLN C 222 -3.79 15.14 32.12
C GLN C 222 -4.86 15.49 33.15
N THR C 223 -6.08 15.70 32.67
CA THR C 223 -7.22 15.95 33.53
C THR C 223 -8.09 14.70 33.59
N GLN C 224 -8.97 14.64 34.59
CA GLN C 224 -9.86 13.49 34.76
C GLN C 224 -10.76 13.27 33.55
N PHE C 225 -11.05 14.32 32.79
CA PHE C 225 -11.86 14.20 31.59
C PHE C 225 -11.02 13.83 30.37
N GLY C 226 -9.91 14.53 30.14
CA GLY C 226 -9.06 14.24 29.01
C GLY C 226 -7.82 15.11 29.00
N ARG C 227 -6.81 14.66 28.26
CA ARG C 227 -5.57 15.41 28.13
C ARG C 227 -5.82 16.73 27.40
N ILE C 228 -5.25 17.81 27.92
CA ILE C 228 -5.41 19.13 27.35
C ILE C 228 -4.05 19.83 27.31
N ALA C 229 -3.80 20.56 26.23
CA ALA C 229 -2.59 21.36 26.07
C ALA C 229 -2.96 22.82 25.87
N VAL C 230 -1.97 23.69 26.04
CA VAL C 230 -2.16 25.12 25.89
C VAL C 230 -1.16 25.63 24.85
N ASN C 231 -1.67 26.34 23.85
CA ASN C 231 -0.85 26.92 22.78
C ASN C 231 -0.96 28.43 22.85
N ILE C 232 0.17 29.11 23.04
CA ILE C 232 0.18 30.56 23.20
C ILE C 232 0.02 31.22 21.84
N CYS C 233 -0.23 32.53 21.85
CA CYS C 233 -0.62 33.29 20.67
C CYS C 233 0.27 33.03 19.45
N TYR C 234 1.57 33.32 19.56
CA TYR C 234 2.43 33.21 18.40
C TYR C 234 2.75 31.76 18.04
N GLY C 235 2.62 30.84 19.01
CA GLY C 235 2.80 29.44 18.70
C GLY C 235 1.75 28.87 17.77
N ARG C 236 0.65 29.60 17.58
CA ARG C 236 -0.41 29.18 16.67
C ARG C 236 0.09 29.07 15.24
N HIS C 237 0.93 30.02 14.82
CA HIS C 237 1.34 30.10 13.42
C HIS C 237 2.13 28.87 12.99
N HIS C 238 3.03 28.39 13.84
CA HIS C 238 3.92 27.30 13.46
C HIS C 238 3.19 25.96 13.57
N PRO C 239 3.01 25.22 12.46
CA PRO C 239 2.38 23.91 12.55
C PRO C 239 3.20 22.91 13.35
N LEU C 240 4.52 23.10 13.42
CA LEU C 240 5.36 22.19 14.19
C LEU C 240 5.00 22.20 15.67
N ASN C 241 4.59 23.37 16.19
CA ASN C 241 4.15 23.45 17.57
C ASN C 241 2.95 22.55 17.82
N TRP C 242 1.94 22.64 16.95
CA TRP C 242 0.76 21.79 17.09
C TRP C 242 1.11 20.32 16.92
N LEU C 243 2.00 20.01 15.98
CA LEU C 243 2.42 18.64 15.77
C LEU C 243 3.09 18.07 17.01
N MET C 244 3.99 18.84 17.63
CA MET C 244 4.66 18.39 18.84
C MET C 244 3.67 18.22 19.99
N TYR C 245 2.71 19.13 20.09
CA TYR C 245 1.68 18.99 21.12
C TYR C 245 0.86 17.73 20.92
N SER C 246 0.51 17.41 19.68
CA SER C 246 -0.29 16.22 19.40
C SER C 246 0.52 14.94 19.50
N ILE C 247 1.85 15.02 19.37
CA ILE C 247 2.68 13.84 19.52
C ILE C 247 2.68 13.31 20.95
N ASN C 248 2.67 14.22 21.94
CA ASN C 248 2.70 13.82 23.34
C ASN C 248 1.37 13.25 23.82
N GLY C 249 0.36 13.18 22.95
CA GLY C 249 -0.91 12.59 23.30
C GLY C 249 -2.01 13.58 23.63
N ALA C 250 -1.75 14.88 23.49
CA ALA C 250 -2.76 15.89 23.81
C ALA C 250 -4.01 15.69 22.95
N GLU C 251 -5.16 15.73 23.59
CA GLU C 251 -6.43 15.51 22.90
C GLU C 251 -7.14 16.81 22.56
N ILE C 252 -7.21 17.75 23.51
CA ILE C 252 -7.86 19.04 23.29
C ILE C 252 -6.80 20.12 23.46
N ILE C 253 -6.42 20.75 22.36
CA ILE C 253 -5.40 21.79 22.38
C ILE C 253 -6.07 23.15 22.35
N PHE C 254 -5.83 23.95 23.38
CA PHE C 254 -6.37 25.30 23.47
C PHE C 254 -5.36 26.30 22.93
N ASN C 255 -5.88 27.38 22.36
CA ASN C 255 -5.05 28.44 21.78
C ASN C 255 -5.51 29.81 22.29
N PRO C 256 -5.21 30.14 23.54
CA PRO C 256 -5.48 31.49 24.02
C PRO C 256 -4.55 32.50 23.36
N SER C 257 -5.15 33.48 22.68
CA SER C 257 -4.37 34.47 21.94
C SER C 257 -4.98 35.84 22.16
N ALA C 258 -4.15 36.86 21.95
CA ALA C 258 -4.57 38.26 22.02
C ALA C 258 -4.07 39.00 20.79
N THR C 259 -4.28 38.41 19.62
CA THR C 259 -3.75 38.96 18.38
C THR C 259 -4.68 40.05 17.84
N ILE C 260 -4.09 41.06 17.21
CA ILE C 260 -4.82 42.18 16.66
C ILE C 260 -5.44 41.78 15.33
N GLY C 261 -6.30 42.64 14.80
CA GLY C 261 -7.04 42.34 13.58
C GLY C 261 -6.16 42.47 12.36
N ALA C 262 -6.78 42.32 11.19
CA ALA C 262 -6.20 42.62 9.87
C ALA C 262 -5.65 41.35 9.23
N LEU C 263 -4.34 41.26 9.04
CA LEU C 263 -3.75 40.06 8.47
C LEU C 263 -4.01 38.84 9.35
N SER C 264 -3.88 38.99 10.67
CA SER C 264 -4.07 37.86 11.56
C SER C 264 -5.50 37.35 11.52
N GLU C 265 -6.46 38.23 11.19
CA GLU C 265 -7.85 37.79 11.07
C GLU C 265 -8.01 36.77 9.95
N SER C 266 -7.24 36.92 8.87
CA SER C 266 -7.30 35.95 7.78
C SER C 266 -6.70 34.61 8.18
N LEU C 267 -5.63 34.63 8.97
CA LEU C 267 -5.00 33.40 9.43
C LEU C 267 -5.79 32.71 10.52
N TRP C 268 -6.72 33.40 11.15
CA TRP C 268 -7.45 32.85 12.29
C TRP C 268 -8.24 31.59 11.93
N PRO C 269 -9.06 31.57 10.87
CA PRO C 269 -9.82 30.35 10.58
C PRO C 269 -9.00 29.30 9.84
N ILE C 270 -7.72 29.56 9.59
CA ILE C 270 -6.90 28.70 8.75
C ILE C 270 -5.99 27.81 9.58
N GLU C 271 -5.12 28.43 10.40
CA GLU C 271 -4.05 27.67 11.05
C GLU C 271 -4.58 26.69 12.08
N ALA C 272 -5.53 27.13 12.91
CA ALA C 272 -6.08 26.23 13.92
C ALA C 272 -6.83 25.07 13.28
N ARG C 273 -7.63 25.34 12.24
CA ARG C 273 -8.34 24.27 11.55
C ARG C 273 -7.36 23.29 10.91
N ASN C 274 -6.31 23.81 10.28
CA ASN C 274 -5.33 22.92 9.66
C ASN C 274 -4.62 22.06 10.70
N ALA C 275 -4.33 22.64 11.86
CA ALA C 275 -3.72 21.86 12.94
C ALA C 275 -4.65 20.74 13.40
N ALA C 276 -5.94 21.05 13.56
CA ALA C 276 -6.90 20.03 13.97
C ALA C 276 -7.02 18.93 12.92
N ILE C 277 -7.02 19.31 11.64
CA ILE C 277 -7.16 18.32 10.57
C ILE C 277 -5.92 17.43 10.49
N ALA C 278 -4.73 18.02 10.60
CA ALA C 278 -3.48 17.29 10.42
C ALA C 278 -2.96 16.68 11.71
N ASN C 279 -3.67 16.85 12.82
CA ASN C 279 -3.29 16.20 14.07
C ASN C 279 -4.39 15.31 14.64
N HIS C 280 -5.60 15.37 14.09
CA HIS C 280 -6.72 14.55 14.56
C HIS C 280 -7.00 14.77 16.03
N CYS C 281 -6.83 16.00 16.52
CA CYS C 281 -7.12 16.35 17.90
C CYS C 281 -7.90 17.66 17.92
N PHE C 282 -8.89 17.73 18.81
CA PHE C 282 -9.69 18.94 18.91
C PHE C 282 -8.83 20.14 19.26
N THR C 283 -9.05 21.23 18.54
CA THR C 283 -8.34 22.48 18.78
C THR C 283 -9.33 23.59 19.08
N CYS C 284 -9.00 24.40 20.08
CA CYS C 284 -9.81 25.53 20.47
C CYS C 284 -9.04 26.82 20.22
N ALA C 285 -9.76 27.86 19.78
CA ALA C 285 -9.15 29.14 19.45
C ALA C 285 -9.83 30.22 20.28
N ILE C 286 -9.03 30.98 21.03
CA ILE C 286 -9.54 32.02 21.92
C ILE C 286 -8.81 33.31 21.60
N ASN C 287 -9.56 34.39 21.42
CA ASN C 287 -9.01 35.71 21.20
C ASN C 287 -9.88 36.73 21.93
N ARG C 288 -9.23 37.66 22.63
CA ARG C 288 -9.96 38.66 23.39
C ARG C 288 -10.67 39.63 22.45
N VAL C 289 -11.71 40.27 22.97
CA VAL C 289 -12.51 41.22 22.20
C VAL C 289 -12.28 42.62 22.74
N GLY C 290 -12.69 43.61 21.95
CA GLY C 290 -12.61 45.01 22.36
C GLY C 290 -11.32 45.67 21.90
N THR C 291 -11.18 46.93 22.30
CA THR C 291 -10.01 47.72 21.97
C THR C 291 -9.39 48.27 23.25
N GLU C 292 -8.06 48.31 23.29
CA GLU C 292 -7.32 48.79 24.46
C GLU C 292 -6.75 50.17 24.16
N HIS C 293 -6.95 51.10 25.09
CA HIS C 293 -6.48 52.47 24.95
C HIS C 293 -5.44 52.76 26.01
N PHE C 294 -4.41 53.52 25.63
CA PHE C 294 -3.33 53.86 26.53
C PHE C 294 -3.13 55.38 26.57
N PRO C 295 -2.75 55.93 27.72
CA PRO C 295 -2.43 57.37 27.76
C PRO C 295 -1.26 57.76 26.87
N ASN C 296 -0.30 56.87 26.67
CA ASN C 296 0.86 57.15 25.84
C ASN C 296 0.66 56.56 24.45
N GLU C 297 1.48 57.02 23.51
CA GLU C 297 1.47 56.54 22.14
C GLU C 297 2.68 55.66 21.88
N PHE C 298 2.52 54.70 20.97
CA PHE C 298 3.58 53.77 20.62
C PHE C 298 3.66 53.64 19.10
N THR C 299 4.88 53.59 18.58
CA THR C 299 5.12 53.42 17.15
C THR C 299 5.42 51.95 16.87
N SER C 300 4.71 51.38 15.90
CA SER C 300 4.93 50.00 15.49
C SER C 300 6.34 49.80 14.95
N HIS C 307 0.49 55.50 18.78
CA HIS C 307 -0.94 55.78 18.84
C HIS C 307 -1.55 55.32 20.16
N GLN C 308 -2.61 56.01 20.58
CA GLN C 308 -3.25 55.74 21.87
C GLN C 308 -3.89 54.37 21.93
N ASP C 309 -4.54 53.93 20.85
CA ASP C 309 -5.25 52.67 20.84
C ASP C 309 -4.32 51.53 20.46
N PHE C 310 -4.78 50.30 20.70
CA PHE C 310 -4.01 49.12 20.32
C PHE C 310 -4.77 48.33 19.24
N GLY C 311 -5.33 49.05 18.28
CA GLY C 311 -6.09 48.42 17.22
C GLY C 311 -7.36 47.79 17.76
N TYR C 312 -7.99 46.99 16.91
CA TYR C 312 -9.23 46.32 17.27
C TYR C 312 -8.99 44.82 17.35
N PHE C 313 -9.72 44.16 18.26
CA PHE C 313 -9.62 42.72 18.46
C PHE C 313 -10.88 42.09 17.88
N TYR C 314 -10.70 41.19 16.92
CA TYR C 314 -11.84 40.63 16.20
C TYR C 314 -12.47 39.47 16.96
N GLY C 315 -11.85 39.05 18.05
CA GLY C 315 -12.37 37.94 18.83
C GLY C 315 -12.57 36.68 18.00
N SER C 316 -13.84 36.38 17.71
CA SER C 316 -14.21 35.26 16.84
C SER C 316 -13.62 33.95 17.34
N SER C 317 -13.90 33.62 18.59
CA SER C 317 -13.42 32.36 19.17
C SER C 317 -14.24 31.19 18.61
N TYR C 318 -13.55 30.09 18.35
CA TYR C 318 -14.19 28.91 17.79
C TYR C 318 -13.39 27.67 18.17
N VAL C 319 -14.02 26.51 18.01
CA VAL C 319 -13.41 25.22 18.27
C VAL C 319 -13.47 24.39 17.00
N ALA C 320 -12.32 23.82 16.62
CA ALA C 320 -12.24 22.96 15.45
C ALA C 320 -12.20 21.51 15.87
N ALA C 321 -12.61 20.62 14.96
CA ALA C 321 -12.71 19.20 15.24
C ALA C 321 -11.86 18.40 14.26
N PRO C 322 -11.43 17.19 14.64
CA PRO C 322 -10.60 16.39 13.73
C PRO C 322 -11.29 16.02 12.44
N ASP C 323 -12.62 16.06 12.38
CA ASP C 323 -13.35 15.71 11.17
C ASP C 323 -13.69 16.93 10.33
N SER C 324 -12.81 17.94 10.36
CA SER C 324 -12.90 19.14 9.52
C SER C 324 -14.13 19.99 9.82
N SER C 325 -14.80 19.74 10.93
CA SER C 325 -15.94 20.56 11.32
C SER C 325 -15.51 21.57 12.38
N ARG C 326 -16.09 22.77 12.33
CA ARG C 326 -15.76 23.83 13.27
C ARG C 326 -17.03 24.48 13.77
N THR C 327 -17.00 24.94 15.02
CA THR C 327 -18.09 25.74 15.54
C THR C 327 -18.07 27.13 14.90
N PRO C 328 -19.23 27.73 14.64
CA PRO C 328 -19.24 29.10 14.12
C PRO C 328 -18.56 30.06 15.09
N GLY C 329 -17.83 31.01 14.54
CA GLY C 329 -17.11 31.96 15.37
C GLY C 329 -18.05 32.85 16.16
N LEU C 330 -17.60 33.23 17.35
CA LEU C 330 -18.39 34.13 18.19
C LEU C 330 -18.38 35.54 17.60
N SER C 331 -19.23 36.39 18.18
CA SER C 331 -19.35 37.76 17.69
C SER C 331 -18.03 38.50 17.84
N ARG C 332 -17.77 39.41 16.91
CA ARG C 332 -16.50 40.13 16.88
C ARG C 332 -16.47 41.34 17.81
N SER C 333 -17.62 41.75 18.34
CA SER C 333 -17.67 42.95 19.17
C SER C 333 -17.99 42.62 20.62
N ARG C 334 -19.09 41.93 20.88
CA ARG C 334 -19.51 41.65 22.24
C ARG C 334 -18.75 40.45 22.80
N ASP C 335 -18.35 40.54 24.06
CA ASP C 335 -17.75 39.41 24.75
C ASP C 335 -18.77 38.29 24.90
N GLY C 336 -18.28 37.06 24.95
CA GLY C 336 -19.19 35.93 25.03
C GLY C 336 -18.52 34.67 25.52
N LEU C 337 -19.31 33.59 25.50
CA LEU C 337 -18.88 32.27 25.93
C LEU C 337 -19.42 31.23 24.96
N LEU C 338 -18.56 30.29 24.58
CA LEU C 338 -18.93 29.21 23.67
C LEU C 338 -18.86 27.88 24.41
N VAL C 339 -19.93 27.09 24.31
CA VAL C 339 -20.02 25.79 24.96
C VAL C 339 -20.06 24.74 23.86
N ALA C 340 -19.01 23.93 23.76
CA ALA C 340 -18.89 22.90 22.74
C ALA C 340 -18.94 21.52 23.38
N LYS C 341 -19.85 20.68 22.91
CA LYS C 341 -20.01 19.32 23.42
C LYS C 341 -19.08 18.40 22.63
N LEU C 342 -17.84 18.27 23.13
CA LEU C 342 -16.85 17.45 22.45
C LEU C 342 -17.11 15.97 22.68
N ASP C 343 -16.90 15.17 21.64
CA ASP C 343 -16.97 13.72 21.71
C ASP C 343 -15.62 13.19 21.26
N LEU C 344 -14.75 12.89 22.22
CA LEU C 344 -13.39 12.48 21.90
C LEU C 344 -13.32 11.17 21.15
N ASN C 345 -14.40 10.39 21.14
CA ASN C 345 -14.39 9.11 20.44
C ASN C 345 -14.14 9.29 18.95
N LEU C 346 -14.67 10.35 18.35
CA LEU C 346 -14.44 10.61 16.94
C LEU C 346 -13.01 11.06 16.66
N CYS C 347 -12.28 11.49 17.69
CA CYS C 347 -10.91 11.97 17.48
C CYS C 347 -10.03 10.86 16.92
N GLN C 348 -10.09 9.67 17.52
CA GLN C 348 -9.25 8.58 17.06
C GLN C 348 -9.92 7.77 15.93
N GLN C 349 -11.23 7.89 15.77
CA GLN C 349 -11.89 7.24 14.64
C GLN C 349 -11.43 7.84 13.31
N VAL C 350 -11.39 9.17 13.21
CA VAL C 350 -10.87 9.83 12.03
C VAL C 350 -9.36 9.66 11.90
N ASN C 351 -8.65 9.60 13.03
CA ASN C 351 -7.21 9.38 13.00
C ASN C 351 -6.88 8.06 12.33
N ASP C 352 -7.64 7.01 12.65
CA ASP C 352 -7.41 5.71 12.04
C ASP C 352 -7.71 5.72 10.55
N VAL C 353 -8.86 6.30 10.16
CA VAL C 353 -9.24 6.35 8.76
C VAL C 353 -8.26 7.20 7.96
N TRP C 354 -7.97 8.41 8.46
CA TRP C 354 -6.98 9.28 7.83
C TRP C 354 -5.65 9.13 8.56
N ASN C 355 -4.87 8.12 8.17
CA ASN C 355 -3.59 7.86 8.82
C ASN C 355 -2.54 8.86 8.34
N PHE C 356 -2.80 10.14 8.62
CA PHE C 356 -1.85 11.19 8.28
C PHE C 356 -0.54 11.02 9.05
N LYS C 357 -0.62 10.53 10.29
CA LYS C 357 0.58 10.22 11.05
C LYS C 357 1.38 9.12 10.39
N MET C 358 0.70 8.05 9.95
CA MET C 358 1.39 6.90 9.38
C MET C 358 1.80 7.17 7.94
N THR C 359 0.87 7.62 7.12
CA THR C 359 1.21 8.00 5.75
C THR C 359 2.17 9.19 5.73
N GLY C 360 2.24 9.94 6.83
CA GLY C 360 3.27 10.96 6.97
C GLY C 360 4.61 10.35 7.36
N ARG C 361 5.53 10.27 6.40
CA ARG C 361 6.77 9.55 6.59
C ARG C 361 7.68 10.31 7.54
N TYR C 362 7.51 10.07 8.84
CA TYR C 362 8.32 10.75 9.84
C TYR C 362 9.81 10.50 9.61
N GLU C 363 10.17 9.30 9.18
CA GLU C 363 11.57 9.01 8.87
C GLU C 363 12.05 9.84 7.68
N MET C 364 11.17 10.07 6.70
CA MET C 364 11.55 10.79 5.49
C MET C 364 11.45 12.30 5.67
N TYR C 365 10.75 12.76 6.70
CA TYR C 365 10.55 14.19 6.87
C TYR C 365 11.31 14.75 8.06
N ALA C 366 11.13 14.16 9.26
CA ALA C 366 11.78 14.68 10.45
C ALA C 366 13.30 14.54 10.37
N ARG C 367 13.78 13.48 9.72
CA ARG C 367 15.21 13.28 9.58
C ARG C 367 15.87 14.41 8.80
N GLY D 3 4.96 -48.53 -12.61
CA GLY D 3 5.41 -47.20 -12.97
C GLY D 3 5.79 -47.06 -14.42
N ALA D 4 6.80 -47.83 -14.85
CA ALA D 4 7.21 -47.81 -16.25
C ALA D 4 6.05 -48.13 -17.18
N GLU D 5 5.34 -49.22 -16.92
CA GLU D 5 4.20 -49.59 -17.76
C GLU D 5 3.08 -48.55 -17.67
N TRP D 6 2.87 -48.00 -16.48
CA TRP D 6 1.78 -47.03 -16.27
C TRP D 6 1.97 -45.82 -17.17
N LYS D 7 0.87 -45.37 -17.77
CA LYS D 7 0.89 -44.29 -18.73
C LYS D 7 0.74 -42.95 -18.01
N SER D 8 0.48 -41.88 -18.77
CA SER D 8 0.41 -40.55 -18.21
C SER D 8 -0.73 -40.44 -17.20
N LEU D 9 -0.56 -39.54 -16.23
CA LEU D 9 -1.53 -39.37 -15.15
C LEU D 9 -2.88 -38.93 -15.70
N GLU D 10 -2.88 -38.00 -16.65
CA GLU D 10 -4.11 -37.47 -17.21
C GLU D 10 -4.94 -38.57 -17.84
N GLU D 11 -4.29 -39.46 -18.60
CA GLU D 11 -5.00 -40.54 -19.27
C GLU D 11 -5.67 -41.46 -18.24
N CYS D 12 -4.94 -41.82 -17.18
CA CYS D 12 -5.50 -42.69 -16.15
C CYS D 12 -6.68 -42.03 -15.44
N LEU D 13 -6.54 -40.75 -15.10
CA LEU D 13 -7.62 -40.04 -14.41
C LEU D 13 -8.86 -39.96 -15.29
N GLU D 14 -8.68 -39.59 -16.55
CA GLU D 14 -9.80 -39.58 -17.48
C GLU D 14 -10.39 -40.97 -17.66
N LYS D 15 -9.55 -42.00 -17.54
CA LYS D 15 -9.99 -43.37 -17.74
C LYS D 15 -10.87 -43.90 -16.62
N HIS D 16 -10.67 -43.42 -15.39
CA HIS D 16 -11.32 -44.08 -14.25
C HIS D 16 -12.45 -43.25 -13.64
N LEU D 17 -12.16 -42.04 -13.19
CA LEU D 17 -13.17 -41.27 -12.48
C LEU D 17 -14.16 -40.65 -13.46
N PRO D 18 -15.41 -40.43 -13.04
CA PRO D 18 -16.42 -39.88 -13.95
C PRO D 18 -16.14 -38.43 -14.33
N LEU D 19 -16.92 -37.95 -15.30
CA LEU D 19 -16.68 -36.63 -15.89
C LEU D 19 -16.72 -35.47 -14.90
N PRO D 20 -17.71 -35.33 -14.01
CA PRO D 20 -17.68 -34.20 -13.07
C PRO D 20 -16.48 -34.23 -12.13
N ASP D 21 -16.21 -35.40 -11.56
CA ASP D 21 -15.05 -35.56 -10.70
C ASP D 21 -13.77 -35.35 -11.47
N LEU D 22 -13.71 -35.84 -12.72
CA LEU D 22 -12.53 -35.63 -13.55
C LEU D 22 -12.29 -34.15 -13.80
N GLN D 23 -13.36 -33.41 -14.10
CA GLN D 23 -13.23 -31.97 -14.33
C GLN D 23 -12.77 -31.25 -13.09
N GLU D 24 -13.30 -31.63 -11.92
CA GLU D 24 -12.87 -30.99 -10.68
C GLU D 24 -11.40 -31.29 -10.39
N VAL D 25 -10.97 -32.54 -10.60
CA VAL D 25 -9.57 -32.89 -10.40
C VAL D 25 -8.69 -32.15 -11.39
N LYS D 26 -9.15 -31.99 -12.63
CA LYS D 26 -8.43 -31.19 -13.61
C LYS D 26 -8.26 -29.76 -13.12
N ARG D 27 -9.34 -29.16 -12.62
CA ARG D 27 -9.27 -27.77 -12.17
C ARG D 27 -8.41 -27.61 -10.92
N VAL D 28 -8.24 -28.67 -10.15
CA VAL D 28 -7.37 -28.64 -8.96
C VAL D 28 -5.92 -28.83 -9.35
N LEU D 29 -5.63 -29.76 -10.26
CA LEU D 29 -4.26 -30.12 -10.60
C LEU D 29 -3.72 -29.30 -11.75
N TYR D 30 -4.39 -29.34 -12.90
CA TYR D 30 -3.87 -28.74 -14.12
C TYR D 30 -4.33 -27.30 -14.29
N GLY D 31 -4.85 -26.69 -13.23
CA GLY D 31 -5.25 -25.30 -13.30
C GLY D 31 -6.61 -25.13 -13.98
N LYS D 32 -6.58 -24.61 -15.20
CA LYS D 32 -7.81 -24.34 -15.93
C LYS D 32 -7.88 -25.24 -17.17
N GLU D 33 -9.10 -25.59 -17.57
CA GLU D 33 -9.32 -26.39 -18.77
C GLU D 33 -9.13 -25.55 -20.02
N LEU D 34 -7.87 -25.39 -20.42
CA LEU D 34 -7.55 -24.62 -21.62
C LEU D 34 -8.04 -25.36 -22.87
N ARG D 35 -8.38 -24.59 -23.90
CA ARG D 35 -8.89 -25.17 -25.13
C ARG D 35 -7.80 -25.96 -25.84
N LYS D 36 -8.17 -27.12 -26.37
CA LYS D 36 -7.23 -27.94 -27.14
C LYS D 36 -6.97 -27.28 -28.49
N LEU D 37 -5.70 -27.20 -28.86
CA LEU D 37 -5.33 -26.59 -30.13
C LEU D 37 -5.92 -27.38 -31.29
N ASP D 38 -6.50 -26.65 -32.25
CA ASP D 38 -7.08 -27.27 -33.44
C ASP D 38 -5.97 -27.55 -34.45
N LEU D 39 -5.48 -28.79 -34.44
CA LEU D 39 -4.41 -29.18 -35.34
C LEU D 39 -5.00 -29.87 -36.57
N PRO D 40 -4.29 -29.84 -37.70
CA PRO D 40 -4.78 -30.54 -38.90
C PRO D 40 -4.97 -32.02 -38.64
N ARG D 41 -6.05 -32.57 -39.20
CA ARG D 41 -6.38 -33.98 -38.99
C ARG D 41 -5.30 -34.89 -39.56
N GLU D 42 -4.83 -34.60 -40.77
CA GLU D 42 -3.82 -35.45 -41.39
C GLU D 42 -2.53 -35.46 -40.57
N ALA D 43 -2.21 -34.34 -39.91
CA ALA D 43 -1.06 -34.33 -39.01
C ALA D 43 -1.24 -35.36 -37.91
N PHE D 44 -2.43 -35.41 -37.32
CA PHE D 44 -2.72 -36.46 -36.34
C PHE D 44 -2.50 -37.84 -36.94
N GLU D 45 -2.94 -38.04 -38.18
CA GLU D 45 -2.70 -39.32 -38.84
C GLU D 45 -1.22 -39.62 -38.92
N ALA D 46 -0.41 -38.61 -39.26
CA ALA D 46 1.03 -38.79 -39.28
C ALA D 46 1.54 -39.17 -37.91
N ALA D 47 1.00 -38.54 -36.86
CA ALA D 47 1.38 -38.88 -35.50
C ALA D 47 1.09 -40.35 -35.21
N SER D 48 -0.03 -40.86 -35.72
CA SER D 48 -0.33 -42.28 -35.57
C SER D 48 0.65 -43.14 -36.34
N ARG D 49 1.09 -42.66 -37.51
CA ARG D 49 1.92 -43.48 -38.38
C ARG D 49 3.35 -43.56 -37.88
N GLU D 50 3.88 -42.46 -37.34
CA GLU D 50 5.28 -42.36 -36.96
C GLU D 50 5.54 -42.72 -35.51
N ASP D 51 4.56 -43.34 -34.84
CA ASP D 51 4.75 -43.91 -33.50
C ASP D 51 5.16 -42.84 -32.48
N PHE D 52 4.56 -41.66 -32.57
CA PHE D 52 4.77 -40.63 -31.56
C PHE D 52 3.46 -39.90 -31.31
N GLU D 53 3.22 -39.55 -30.05
CA GLU D 53 1.98 -38.91 -29.65
C GLU D 53 2.03 -37.41 -29.89
N LEU D 54 0.92 -36.86 -30.39
CA LEU D 54 0.80 -35.43 -30.66
C LEU D 54 -0.29 -34.86 -29.77
N GLN D 55 0.03 -33.78 -29.06
CA GLN D 55 -0.91 -33.11 -28.18
C GLN D 55 -0.90 -31.62 -28.45
N GLY D 56 -2.07 -31.03 -28.59
CA GLY D 56 -2.18 -29.61 -28.86
C GLY D 56 -3.04 -28.86 -27.87
N TYR D 57 -2.48 -27.83 -27.25
CA TYR D 57 -3.20 -27.01 -26.29
C TYR D 57 -2.91 -25.55 -26.56
N ALA D 58 -3.89 -24.70 -26.27
CA ALA D 58 -3.79 -23.26 -26.53
C ALA D 58 -4.06 -22.50 -25.24
N PHE D 59 -3.11 -21.66 -24.84
CA PHE D 59 -3.29 -20.83 -23.66
C PHE D 59 -4.05 -19.57 -24.03
N GLU D 60 -5.18 -19.34 -23.36
CA GLU D 60 -6.01 -18.18 -23.64
C GLU D 60 -5.44 -16.95 -22.94
N ALA D 61 -5.66 -15.78 -23.56
CA ALA D 61 -5.14 -14.53 -23.04
C ALA D 61 -6.22 -13.45 -23.15
N ALA D 62 -6.10 -12.43 -22.32
CA ALA D 62 -7.04 -11.32 -22.32
C ALA D 62 -6.69 -10.36 -23.45
N GLU D 63 -7.69 -10.03 -24.26
CA GLU D 63 -7.48 -9.14 -25.39
C GLU D 63 -7.05 -7.75 -24.91
N GLU D 64 -6.06 -7.19 -25.58
CA GLU D 64 -5.56 -5.85 -25.29
C GLU D 64 -5.90 -4.93 -26.47
N GLN D 65 -6.58 -3.81 -26.16
CA GLN D 65 -7.03 -2.92 -27.20
C GLN D 65 -5.88 -2.23 -27.93
N LEU D 66 -4.74 -2.08 -27.26
CA LEU D 66 -3.60 -1.38 -27.84
C LEU D 66 -2.54 -2.32 -28.38
N ARG D 67 -2.36 -3.49 -27.78
CA ARG D 67 -1.33 -4.44 -28.21
C ARG D 67 -2.01 -5.72 -28.68
N ARG D 68 -1.77 -6.09 -29.94
CA ARG D 68 -2.31 -7.33 -30.46
C ARG D 68 -1.57 -8.52 -29.85
N PRO D 69 -2.26 -9.64 -29.64
CA PRO D 69 -1.59 -10.81 -29.07
C PRO D 69 -0.50 -11.33 -29.99
N ARG D 70 0.65 -11.67 -29.38
CA ARG D 70 1.79 -12.21 -30.13
C ARG D 70 1.81 -13.74 -30.01
N ILE D 71 0.87 -14.37 -30.73
CA ILE D 71 0.70 -15.81 -30.71
C ILE D 71 1.97 -16.49 -31.22
N VAL D 72 2.55 -17.36 -30.39
CA VAL D 72 3.73 -18.13 -30.76
C VAL D 72 3.44 -19.59 -30.48
N HIS D 73 3.50 -20.43 -31.50
CA HIS D 73 3.37 -21.87 -31.31
C HIS D 73 4.70 -22.45 -30.90
N VAL D 74 4.69 -23.27 -29.85
CA VAL D 74 5.90 -23.85 -29.28
C VAL D 74 5.77 -25.37 -29.29
N GLY D 75 6.83 -26.04 -29.73
CA GLY D 75 6.85 -27.49 -29.79
C GLY D 75 7.88 -28.05 -28.83
N LEU D 76 7.55 -29.19 -28.24
CA LEU D 76 8.43 -29.90 -27.32
C LEU D 76 8.48 -31.36 -27.75
N VAL D 77 9.68 -31.83 -28.08
CA VAL D 77 9.88 -33.19 -28.56
C VAL D 77 10.57 -34.00 -27.48
N GLN D 78 9.95 -35.10 -27.08
CA GLN D 78 10.58 -36.07 -26.20
C GLN D 78 10.67 -37.40 -26.96
N ASN D 79 11.89 -37.92 -27.10
CA ASN D 79 12.10 -39.15 -27.84
C ASN D 79 13.07 -40.05 -27.10
N ARG D 80 12.94 -41.35 -27.34
CA ARG D 80 13.86 -42.34 -26.82
C ARG D 80 15.06 -42.45 -27.74
N ILE D 81 15.98 -43.35 -27.41
CA ILE D 81 17.08 -43.72 -28.29
C ILE D 81 16.61 -44.89 -29.16
N PRO D 82 16.56 -44.74 -30.48
CA PRO D 82 16.07 -45.85 -31.31
C PRO D 82 17.06 -47.00 -31.43
N LEU D 83 18.32 -46.78 -31.10
CA LEU D 83 19.35 -47.79 -31.12
C LEU D 83 19.90 -48.03 -29.71
N PRO D 84 20.44 -49.21 -29.44
CA PRO D 84 21.04 -49.46 -28.12
C PRO D 84 22.25 -48.58 -27.90
N ALA D 85 22.56 -48.36 -26.62
CA ALA D 85 23.67 -47.48 -26.26
C ALA D 85 25.00 -48.03 -26.79
N ASN D 86 25.19 -49.34 -26.71
CA ASN D 86 26.42 -49.98 -27.21
C ASN D 86 26.32 -50.10 -28.72
N ALA D 87 26.43 -48.95 -29.40
CA ALA D 87 26.33 -48.86 -30.84
C ALA D 87 27.35 -47.85 -31.35
N PRO D 88 27.74 -47.94 -32.61
CA PRO D 88 28.67 -46.94 -33.17
C PRO D 88 28.10 -45.53 -33.07
N VAL D 89 28.99 -44.57 -32.83
CA VAL D 89 28.57 -43.19 -32.63
C VAL D 89 27.85 -42.65 -33.85
N ALA D 90 28.42 -42.89 -35.04
CA ALA D 90 27.83 -42.35 -36.26
C ALA D 90 26.44 -42.91 -36.50
N GLU D 91 26.27 -44.22 -36.31
CA GLU D 91 24.95 -44.83 -36.53
C GLU D 91 23.91 -44.27 -35.58
N GLN D 92 24.25 -44.14 -34.30
CA GLN D 92 23.32 -43.59 -33.32
C GLN D 92 22.97 -42.14 -33.64
N VAL D 93 23.97 -41.33 -34.01
CA VAL D 93 23.72 -39.93 -34.33
C VAL D 93 22.82 -39.82 -35.55
N SER D 94 23.08 -40.64 -36.58
CA SER D 94 22.25 -40.59 -37.78
C SER D 94 20.82 -41.03 -37.48
N ALA D 95 20.66 -42.09 -36.68
CA ALA D 95 19.32 -42.56 -36.34
C ALA D 95 18.56 -41.50 -35.55
N LEU D 96 19.22 -40.85 -34.60
CA LEU D 96 18.58 -39.78 -33.84
C LEU D 96 18.26 -38.59 -34.72
N HIS D 97 19.13 -38.27 -35.69
CA HIS D 97 18.83 -37.18 -36.62
C HIS D 97 17.59 -37.48 -37.43
N ARG D 98 17.46 -38.71 -37.95
CA ARG D 98 16.28 -39.06 -38.73
C ARG D 98 15.02 -39.04 -37.86
N ARG D 99 15.12 -39.59 -36.64
CA ARG D 99 13.96 -39.61 -35.76
C ARG D 99 13.51 -38.20 -35.41
N ILE D 100 14.46 -37.31 -35.10
CA ILE D 100 14.11 -35.93 -34.79
C ILE D 100 13.54 -35.23 -36.03
N LYS D 101 14.11 -35.51 -37.20
CA LYS D 101 13.67 -34.84 -38.42
C LYS D 101 12.23 -35.20 -38.76
N ALA D 102 11.84 -36.46 -38.55
CA ALA D 102 10.47 -36.86 -38.83
C ALA D 102 9.48 -36.07 -37.98
N ILE D 103 9.77 -35.95 -36.68
CA ILE D 103 8.90 -35.20 -35.78
C ILE D 103 8.89 -33.73 -36.16
N VAL D 104 10.04 -33.20 -36.58
CA VAL D 104 10.09 -31.81 -37.02
C VAL D 104 9.22 -31.61 -38.26
N GLU D 105 9.25 -32.56 -39.20
CA GLU D 105 8.41 -32.47 -40.38
C GLU D 105 6.93 -32.45 -39.99
N VAL D 106 6.54 -33.29 -39.03
CA VAL D 106 5.16 -33.27 -38.55
C VAL D 106 4.81 -31.98 -37.85
N ALA D 107 5.76 -31.38 -37.12
CA ALA D 107 5.50 -30.14 -36.40
C ALA D 107 5.42 -28.95 -37.35
N ALA D 108 6.19 -28.96 -38.44
CA ALA D 108 6.24 -27.83 -39.34
C ALA D 108 4.90 -27.55 -40.00
N MET D 109 4.07 -28.57 -40.19
CA MET D 109 2.74 -28.40 -40.75
C MET D 109 1.69 -28.10 -39.67
N CYS D 110 2.12 -27.56 -38.52
CA CYS D 110 1.21 -27.20 -37.45
C CYS D 110 1.45 -25.78 -36.94
N GLY D 111 2.32 -25.02 -37.60
CA GLY D 111 2.56 -23.64 -37.24
C GLY D 111 3.59 -23.41 -36.16
N VAL D 112 4.30 -24.45 -35.71
CA VAL D 112 5.27 -24.28 -34.64
C VAL D 112 6.36 -23.32 -35.06
N ASN D 113 6.82 -22.50 -34.12
CA ASN D 113 7.90 -21.55 -34.37
C ASN D 113 9.16 -21.84 -33.57
N ILE D 114 9.03 -22.41 -32.37
CA ILE D 114 10.16 -22.77 -31.53
C ILE D 114 10.00 -24.22 -31.13
N ILE D 115 11.12 -24.95 -31.16
CA ILE D 115 11.13 -26.37 -30.83
C ILE D 115 12.29 -26.64 -29.88
N CYS D 116 12.17 -27.71 -29.11
CA CYS D 116 13.19 -28.08 -28.14
C CYS D 116 13.24 -29.59 -28.00
N PHE D 117 14.40 -30.09 -27.61
CA PHE D 117 14.65 -31.51 -27.44
C PHE D 117 15.18 -31.78 -26.04
N GLN D 118 15.25 -33.05 -25.68
CA GLN D 118 15.75 -33.42 -24.36
C GLN D 118 17.24 -33.11 -24.24
N GLU D 119 17.72 -33.08 -22.99
CA GLU D 119 19.12 -32.77 -22.72
C GLU D 119 20.02 -33.79 -23.40
N ALA D 120 20.95 -33.30 -24.22
CA ALA D 120 21.88 -34.13 -24.97
C ALA D 120 21.15 -35.22 -25.75
N TRP D 121 20.25 -34.79 -26.63
CA TRP D 121 19.46 -35.73 -27.40
C TRP D 121 20.32 -36.53 -28.39
N THR D 122 21.50 -36.01 -28.74
CA THR D 122 22.34 -36.67 -29.73
C THR D 122 23.03 -37.91 -29.18
N MET D 123 23.12 -38.04 -27.85
CA MET D 123 23.83 -39.17 -27.27
C MET D 123 23.06 -39.73 -26.09
N PRO D 124 23.12 -41.03 -25.86
CA PRO D 124 22.50 -41.60 -24.65
C PRO D 124 23.23 -41.14 -23.40
N PHE D 125 22.46 -40.93 -22.33
CA PHE D 125 23.03 -40.47 -21.07
C PHE D 125 23.90 -41.56 -20.47
N ALA D 126 25.22 -41.37 -20.52
CA ALA D 126 26.17 -42.39 -20.07
C ALA D 126 27.12 -41.85 -19.00
N PHE D 127 26.76 -40.76 -18.33
CA PHE D 127 27.62 -40.21 -17.29
C PHE D 127 27.67 -41.14 -16.07
N CYS D 128 26.69 -42.04 -15.95
CA CYS D 128 26.68 -42.97 -14.82
C CYS D 128 27.85 -43.93 -14.86
N THR D 129 28.23 -44.40 -16.06
CA THR D 129 29.28 -45.40 -16.17
C THR D 129 30.65 -44.86 -15.77
N ARG D 130 30.81 -43.53 -15.72
CA ARG D 130 32.07 -42.90 -15.33
C ARG D 130 33.24 -43.36 -16.21
N GLU D 131 32.96 -43.55 -17.50
CA GLU D 131 33.96 -43.99 -18.47
C GLU D 131 34.16 -42.90 -19.51
N LYS D 132 35.42 -42.53 -19.74
CA LYS D 132 35.72 -41.50 -20.72
C LYS D 132 35.59 -42.02 -22.15
N LEU D 133 35.79 -43.31 -22.36
CA LEU D 133 35.68 -43.85 -23.71
C LEU D 133 34.69 -45.01 -23.73
N PRO D 134 33.86 -45.09 -24.79
CA PRO D 134 33.75 -44.16 -25.91
C PRO D 134 32.61 -43.16 -25.71
N TRP D 135 32.22 -42.91 -24.46
CA TRP D 135 31.06 -42.05 -24.19
C TRP D 135 31.36 -40.57 -24.36
N THR D 136 32.63 -40.16 -24.36
CA THR D 136 33.00 -38.80 -24.67
C THR D 136 33.28 -38.60 -26.15
N GLU D 137 33.15 -39.65 -26.96
CA GLU D 137 33.36 -39.53 -28.39
C GLU D 137 32.19 -38.87 -29.10
N PHE D 138 31.00 -38.87 -28.47
CA PHE D 138 29.86 -38.16 -29.02
C PHE D 138 30.05 -36.66 -29.02
N ALA D 139 30.94 -36.14 -28.19
CA ALA D 139 31.13 -34.69 -28.08
C ALA D 139 31.84 -34.14 -29.31
N GLU D 140 31.34 -33.02 -29.82
CA GLU D 140 31.96 -32.32 -30.93
C GLU D 140 31.88 -30.82 -30.68
N SER D 141 32.42 -30.04 -31.61
CA SER D 141 32.37 -28.59 -31.50
C SER D 141 30.93 -28.11 -31.67
N ALA D 142 30.47 -27.30 -30.72
CA ALA D 142 29.08 -26.83 -30.75
C ALA D 142 28.82 -25.95 -31.96
N GLU D 143 29.76 -25.04 -32.27
CA GLU D 143 29.54 -24.11 -33.38
C GLU D 143 29.69 -24.81 -34.73
N ASP D 144 30.52 -25.84 -34.80
CA ASP D 144 30.76 -26.57 -36.05
C ASP D 144 30.78 -28.06 -35.74
N GLY D 145 29.61 -28.69 -35.82
CA GLY D 145 29.49 -30.11 -35.66
C GLY D 145 28.50 -30.71 -36.63
N PRO D 146 28.54 -32.03 -36.81
CA PRO D 146 27.54 -32.67 -37.68
C PRO D 146 26.12 -32.45 -37.19
N THR D 147 25.91 -32.52 -35.88
CA THR D 147 24.58 -32.26 -35.32
C THR D 147 24.18 -30.80 -35.49
N THR D 148 25.11 -29.87 -35.30
CA THR D 148 24.79 -28.45 -35.46
C THR D 148 24.40 -28.12 -36.89
N ARG D 149 25.18 -28.60 -37.86
CA ARG D 149 24.83 -28.38 -39.26
C ARG D 149 23.53 -29.08 -39.64
N PHE D 150 23.30 -30.29 -39.13
CA PHE D 150 22.04 -30.98 -39.39
C PHE D 150 20.86 -30.18 -38.84
N CYS D 151 21.00 -29.65 -37.62
CA CYS D 151 19.94 -28.83 -37.06
C CYS D 151 19.74 -27.54 -37.86
N GLN D 152 20.82 -26.93 -38.32
CA GLN D 152 20.69 -25.72 -39.15
C GLN D 152 20.00 -26.03 -40.46
N LYS D 153 20.15 -27.25 -40.97
CA LYS D 153 19.38 -27.66 -42.14
C LYS D 153 17.88 -27.66 -41.86
N LEU D 154 17.47 -28.12 -40.69
CA LEU D 154 16.06 -28.10 -40.31
C LEU D 154 15.59 -26.72 -39.88
N ALA D 155 16.50 -25.83 -39.53
CA ALA D 155 16.11 -24.49 -39.10
C ALA D 155 15.69 -23.62 -40.28
N LYS D 156 16.42 -23.71 -41.40
CA LYS D 156 16.27 -22.78 -42.51
C LYS D 156 15.30 -23.28 -43.58
N ASN D 157 14.72 -24.46 -43.41
CA ASN D 157 13.72 -24.96 -44.35
C ASN D 157 12.30 -24.88 -43.81
N HIS D 158 12.13 -25.02 -42.50
CA HIS D 158 10.82 -24.90 -41.87
C HIS D 158 10.69 -23.64 -41.02
N ASP D 159 11.66 -22.73 -41.09
CA ASP D 159 11.67 -21.45 -40.37
C ASP D 159 11.20 -21.58 -38.93
N MET D 160 11.77 -22.56 -38.22
CA MET D 160 11.44 -22.79 -36.82
C MET D 160 12.71 -22.67 -36.00
N VAL D 161 12.60 -21.98 -34.85
CA VAL D 161 13.73 -21.90 -33.93
C VAL D 161 13.93 -23.26 -33.28
N VAL D 162 15.15 -23.76 -33.33
CA VAL D 162 15.49 -25.09 -32.84
C VAL D 162 16.43 -24.95 -31.65
N VAL D 163 16.08 -25.61 -30.55
CA VAL D 163 16.91 -25.67 -29.36
C VAL D 163 17.43 -27.10 -29.26
N SER D 164 18.70 -27.31 -29.58
CA SER D 164 19.29 -28.64 -29.62
C SER D 164 20.33 -28.79 -28.52
N PRO D 165 19.99 -29.40 -27.39
CA PRO D 165 21.01 -29.65 -26.36
C PRO D 165 22.00 -30.71 -26.82
N ILE D 166 23.28 -30.40 -26.69
CA ILE D 166 24.35 -31.27 -27.14
C ILE D 166 25.44 -31.35 -26.08
N LEU D 167 26.53 -32.03 -26.41
CA LEU D 167 27.68 -32.14 -25.51
C LEU D 167 28.88 -31.46 -26.18
N GLU D 168 29.00 -30.16 -25.97
CA GLU D 168 30.03 -29.36 -26.62
C GLU D 168 31.43 -29.79 -26.19
N ARG D 169 32.22 -30.24 -27.15
CA ARG D 169 33.65 -30.52 -26.93
C ARG D 169 34.46 -29.26 -27.20
N ASP D 170 34.67 -28.46 -26.16
CA ASP D 170 35.38 -27.19 -26.30
C ASP D 170 36.84 -27.47 -26.61
N SER D 171 37.17 -27.49 -27.89
CA SER D 171 38.50 -27.88 -28.34
C SER D 171 39.47 -26.71 -28.40
N GLU D 172 38.97 -25.50 -28.64
CA GLU D 172 39.85 -24.34 -28.73
C GLU D 172 40.50 -24.00 -27.39
N HIS D 173 39.95 -24.51 -26.29
CA HIS D 173 40.47 -24.24 -24.95
C HIS D 173 40.76 -25.55 -24.23
N GLY D 174 41.43 -26.47 -24.92
CA GLY D 174 41.92 -27.68 -24.28
C GLY D 174 41.05 -28.91 -24.37
N ASP D 175 40.23 -29.03 -25.42
CA ASP D 175 39.51 -30.27 -25.73
C ASP D 175 38.68 -30.76 -24.54
N VAL D 176 37.98 -29.86 -23.87
CA VAL D 176 37.20 -30.20 -22.69
C VAL D 176 35.72 -30.24 -23.05
N LEU D 177 35.02 -31.25 -22.55
CA LEU D 177 33.60 -31.42 -22.80
C LEU D 177 32.79 -30.44 -21.96
N TRP D 178 31.67 -29.98 -22.51
CA TRP D 178 30.71 -29.17 -21.78
C TRP D 178 29.31 -29.54 -22.24
N ASN D 179 28.37 -29.53 -21.30
CA ASN D 179 26.98 -29.82 -21.60
C ASN D 179 26.29 -28.52 -22.03
N THR D 180 26.39 -28.21 -23.32
CA THR D 180 25.89 -26.95 -23.84
C THR D 180 24.70 -27.20 -24.76
N ALA D 181 23.76 -26.26 -24.77
CA ALA D 181 22.55 -26.36 -25.56
C ALA D 181 22.51 -25.22 -26.58
N VAL D 182 22.89 -25.52 -27.82
CA VAL D 182 22.92 -24.49 -28.86
C VAL D 182 21.50 -24.18 -29.30
N VAL D 183 21.25 -22.90 -29.58
CA VAL D 183 19.95 -22.43 -30.06
C VAL D 183 20.17 -21.70 -31.38
N ILE D 184 19.53 -22.19 -32.44
CA ILE D 184 19.66 -21.61 -33.77
C ILE D 184 18.34 -20.94 -34.14
N SER D 185 18.44 -19.84 -34.87
CA SER D 185 17.26 -19.10 -35.30
C SER D 185 16.57 -19.80 -36.46
N ASN D 186 15.53 -19.16 -36.99
CA ASN D 186 14.86 -19.70 -38.18
C ASN D 186 15.70 -19.52 -39.43
N SER D 187 16.75 -18.72 -39.36
CA SER D 187 17.67 -18.55 -40.48
C SER D 187 18.85 -19.51 -40.41
N GLY D 188 18.87 -20.41 -39.43
CA GLY D 188 19.94 -21.37 -39.27
C GLY D 188 21.29 -20.77 -38.94
N ALA D 189 21.33 -19.76 -38.08
CA ALA D 189 22.59 -19.16 -37.65
C ALA D 189 22.68 -19.08 -36.13
N VAL D 190 23.08 -20.20 -35.51
CA VAL D 190 23.58 -20.27 -34.14
C VAL D 190 23.44 -18.96 -33.36
N LEU D 191 22.28 -18.77 -32.72
CA LEU D 191 22.05 -17.57 -31.93
C LEU D 191 22.84 -17.57 -30.63
N GLY D 192 23.23 -18.73 -30.12
CA GLY D 192 23.97 -18.81 -28.89
C GLY D 192 24.06 -20.24 -28.41
N LYS D 193 24.80 -20.42 -27.32
CA LYS D 193 25.03 -21.73 -26.73
C LYS D 193 25.12 -21.61 -25.20
N THR D 194 24.03 -21.95 -24.52
CA THR D 194 23.99 -21.87 -23.07
C THR D 194 24.62 -23.11 -22.44
N ARG D 195 25.54 -22.89 -21.51
CA ARG D 195 26.23 -23.98 -20.83
C ARG D 195 25.47 -24.39 -19.58
N LYS D 196 25.95 -25.44 -18.93
CA LYS D 196 25.29 -25.99 -17.74
C LYS D 196 25.85 -25.33 -16.49
N ASN D 197 25.01 -24.53 -15.82
CA ASN D 197 25.44 -23.81 -14.62
C ASN D 197 25.56 -24.73 -13.41
N HIS D 198 24.65 -25.70 -13.28
CA HIS D 198 24.58 -26.55 -12.10
C HIS D 198 24.79 -28.00 -12.50
N ILE D 199 25.58 -28.72 -11.71
CA ILE D 199 25.92 -30.11 -11.99
C ILE D 199 25.34 -30.97 -10.86
N PRO D 200 24.50 -31.96 -11.18
CA PRO D 200 23.94 -32.82 -10.12
C PRO D 200 24.92 -33.92 -9.73
N ARG D 201 25.53 -33.79 -8.56
CA ARG D 201 26.46 -34.79 -8.06
C ARG D 201 25.77 -35.81 -7.16
N VAL D 202 24.72 -36.44 -7.66
CA VAL D 202 23.88 -37.33 -6.86
C VAL D 202 23.76 -38.68 -7.55
N GLY D 203 24.05 -39.74 -6.79
CA GLY D 203 23.74 -41.09 -7.22
C GLY D 203 24.20 -41.43 -8.63
N ASP D 204 23.27 -41.86 -9.47
CA ASP D 204 23.59 -42.23 -10.84
C ASP D 204 24.09 -41.05 -11.65
N PHE D 205 23.69 -39.84 -11.29
CA PHE D 205 24.14 -38.63 -11.96
C PHE D 205 25.60 -38.34 -11.59
N ASN D 206 26.51 -39.06 -12.23
CA ASN D 206 27.94 -38.80 -12.08
C ASN D 206 28.40 -37.86 -13.19
N GLU D 207 27.71 -36.72 -13.27
CA GLU D 207 27.97 -35.73 -14.32
C GLU D 207 29.12 -34.79 -13.97
N SER D 208 29.59 -34.82 -12.72
CA SER D 208 30.71 -33.97 -12.35
C SER D 208 32.04 -34.47 -12.90
N THR D 209 32.14 -35.78 -13.17
CA THR D 209 33.37 -36.37 -13.68
C THR D 209 33.48 -36.25 -15.20
N TYR D 210 32.68 -35.39 -15.82
CA TYR D 210 32.73 -35.19 -17.26
C TYR D 210 32.90 -33.73 -17.67
N TYR D 211 32.41 -32.79 -16.86
CA TYR D 211 32.54 -31.38 -17.18
C TYR D 211 32.42 -30.57 -15.89
N MET D 212 32.63 -29.26 -16.01
CA MET D 212 32.55 -28.35 -14.88
C MET D 212 31.34 -27.44 -15.05
N GLU D 213 31.08 -26.60 -14.05
CA GLU D 213 29.95 -25.68 -14.13
C GLU D 213 30.20 -24.62 -15.20
N GLY D 214 29.14 -24.32 -15.96
CA GLY D 214 29.27 -23.40 -17.06
C GLY D 214 29.50 -21.96 -16.61
N ASN D 215 30.52 -21.32 -17.19
CA ASN D 215 30.82 -19.93 -16.88
C ASN D 215 30.03 -18.96 -17.73
N LEU D 216 29.18 -19.46 -18.64
CA LEU D 216 28.43 -18.58 -19.52
C LEU D 216 27.41 -17.72 -18.78
N GLY D 217 27.09 -18.07 -17.54
CA GLY D 217 26.11 -17.30 -16.80
C GLY D 217 24.69 -17.64 -17.21
N HIS D 218 23.88 -16.62 -17.42
CA HIS D 218 22.49 -16.79 -17.80
C HIS D 218 22.17 -16.01 -19.06
N PRO D 219 22.54 -16.54 -20.23
CA PRO D 219 22.22 -15.85 -21.48
C PRO D 219 20.75 -15.99 -21.85
N VAL D 220 20.24 -14.97 -22.53
CA VAL D 220 18.88 -14.96 -23.05
C VAL D 220 18.96 -14.71 -24.54
N PHE D 221 18.43 -15.62 -25.33
CA PHE D 221 18.53 -15.55 -26.79
C PHE D 221 17.28 -14.88 -27.36
N GLN D 222 17.48 -13.86 -28.17
CA GLN D 222 16.39 -13.10 -28.77
C GLN D 222 16.09 -13.65 -30.16
N THR D 223 14.90 -14.23 -30.31
CA THR D 223 14.42 -14.71 -31.59
C THR D 223 13.38 -13.75 -32.14
N GLN D 224 13.12 -13.85 -33.44
CA GLN D 224 12.14 -12.99 -34.10
C GLN D 224 10.75 -13.11 -33.49
N PHE D 225 10.44 -14.26 -32.89
CA PHE D 225 9.15 -14.45 -32.22
C PHE D 225 9.17 -13.95 -30.79
N GLY D 226 10.17 -14.34 -30.01
CA GLY D 226 10.27 -13.91 -28.62
C GLY D 226 11.53 -14.41 -27.97
N ARG D 227 11.89 -13.76 -26.87
CA ARG D 227 13.07 -14.15 -26.11
C ARG D 227 12.88 -15.53 -25.50
N ILE D 228 13.90 -16.38 -25.61
CA ILE D 228 13.85 -17.73 -25.09
C ILE D 228 15.17 -18.03 -24.36
N ALA D 229 15.06 -18.73 -23.24
CA ALA D 229 16.21 -19.18 -22.47
C ALA D 229 16.20 -20.70 -22.37
N VAL D 230 17.35 -21.26 -21.98
CA VAL D 230 17.52 -22.69 -21.84
C VAL D 230 17.99 -22.98 -20.42
N ASN D 231 17.29 -23.88 -19.74
CA ASN D 231 17.62 -24.29 -18.37
C ASN D 231 17.97 -25.76 -18.39
N ILE D 232 19.19 -26.09 -17.95
CA ILE D 232 19.68 -27.46 -17.99
C ILE D 232 19.08 -28.24 -16.83
N CYS D 233 19.23 -29.57 -16.87
CA CYS D 233 18.55 -30.50 -15.96
C CYS D 233 18.63 -30.09 -14.50
N TYR D 234 19.84 -30.00 -13.95
CA TYR D 234 19.99 -29.73 -12.53
C TYR D 234 19.68 -28.28 -12.17
N GLY D 235 19.79 -27.37 -13.14
CA GLY D 235 19.40 -26.00 -12.88
C GLY D 235 17.92 -25.82 -12.60
N ARG D 236 17.12 -26.83 -12.91
CA ARG D 236 15.68 -26.77 -12.65
C ARG D 236 15.40 -26.65 -11.16
N HIS D 237 16.16 -27.36 -10.33
CA HIS D 237 15.85 -27.42 -8.90
C HIS D 237 15.96 -26.05 -8.24
N HIS D 238 16.99 -25.28 -8.59
CA HIS D 238 17.24 -24.03 -7.90
C HIS D 238 16.32 -22.94 -8.43
N PRO D 239 15.45 -22.37 -7.61
CA PRO D 239 14.60 -21.26 -8.08
C PRO D 239 15.38 -20.02 -8.45
N LEU D 240 16.58 -19.84 -7.87
CA LEU D 240 17.39 -18.68 -8.21
C LEU D 240 17.80 -18.69 -9.67
N ASN D 241 18.03 -19.88 -10.23
CA ASN D 241 18.36 -19.96 -11.66
C ASN D 241 17.22 -19.42 -12.51
N TRP D 242 15.99 -19.84 -12.23
CA TRP D 242 14.84 -19.35 -12.98
C TRP D 242 14.65 -17.85 -12.76
N LEU D 243 14.86 -17.38 -11.52
CA LEU D 243 14.72 -15.96 -11.24
C LEU D 243 15.73 -15.15 -12.05
N MET D 244 16.98 -15.59 -12.11
CA MET D 244 18.00 -14.88 -12.87
C MET D 244 17.66 -14.91 -14.36
N TYR D 245 17.17 -16.04 -14.86
CA TYR D 245 16.77 -16.11 -16.26
C TYR D 245 15.64 -15.13 -16.57
N SER D 246 14.66 -15.02 -15.66
CA SER D 246 13.54 -14.12 -15.89
C SER D 246 13.90 -12.66 -15.66
N ILE D 247 14.98 -12.38 -14.92
CA ILE D 247 15.42 -11.01 -14.72
C ILE D 247 15.96 -10.41 -16.02
N ASN D 248 16.66 -11.20 -16.82
CA ASN D 248 17.26 -10.71 -18.06
C ASN D 248 16.22 -10.49 -19.16
N GLY D 249 14.94 -10.76 -18.89
CA GLY D 249 13.88 -10.53 -19.85
C GLY D 249 13.39 -11.74 -20.59
N ALA D 250 13.90 -12.93 -20.26
CA ALA D 250 13.49 -14.16 -20.95
C ALA D 250 11.98 -14.36 -20.80
N GLU D 251 11.33 -14.66 -21.92
CA GLU D 251 9.89 -14.85 -21.94
C GLU D 251 9.49 -16.33 -21.89
N ILE D 252 10.14 -17.17 -22.68
CA ILE D 252 9.85 -18.60 -22.72
C ILE D 252 11.11 -19.35 -22.29
N ILE D 253 11.08 -19.93 -21.08
CA ILE D 253 12.23 -20.64 -20.55
C ILE D 253 12.02 -22.13 -20.76
N PHE D 254 12.92 -22.75 -21.49
CA PHE D 254 12.89 -24.20 -21.72
C PHE D 254 13.75 -24.91 -20.70
N ASN D 255 13.35 -26.14 -20.37
CA ASN D 255 14.05 -26.97 -19.39
C ASN D 255 14.27 -28.36 -19.97
N PRO D 256 15.23 -28.50 -20.89
CA PRO D 256 15.60 -29.85 -21.36
C PRO D 256 16.33 -30.60 -20.25
N SER D 257 15.79 -31.75 -19.88
CA SER D 257 16.35 -32.54 -18.79
C SER D 257 16.33 -34.01 -19.19
N ALA D 258 17.20 -34.79 -18.52
CA ALA D 258 17.26 -36.24 -18.70
C ALA D 258 17.30 -36.90 -17.33
N THR D 259 16.41 -36.48 -16.44
CA THR D 259 16.40 -36.96 -15.06
C THR D 259 15.66 -38.28 -14.97
N ILE D 260 16.13 -39.14 -14.05
CA ILE D 260 15.57 -40.47 -13.85
C ILE D 260 14.31 -40.34 -13.00
N GLY D 261 13.57 -41.43 -12.89
CA GLY D 261 12.29 -41.44 -12.20
C GLY D 261 12.47 -41.41 -10.70
N ALA D 262 11.35 -41.52 -9.98
CA ALA D 262 11.29 -41.75 -8.54
C ALA D 262 11.10 -40.43 -7.81
N LEU D 263 12.08 -40.01 -7.01
CA LEU D 263 11.97 -38.73 -6.31
C LEU D 263 11.84 -37.57 -7.29
N SER D 264 12.62 -37.58 -8.37
CA SER D 264 12.58 -36.49 -9.33
C SER D 264 11.22 -36.39 -10.01
N GLU D 265 10.50 -37.51 -10.11
CA GLU D 265 9.17 -37.49 -10.71
C GLU D 265 8.21 -36.63 -9.88
N SER D 266 8.38 -36.64 -8.56
CA SER D 266 7.54 -35.81 -7.70
C SER D 266 7.87 -34.33 -7.86
N LEU D 267 9.14 -34.01 -8.03
CA LEU D 267 9.55 -32.62 -8.21
C LEU D 267 9.23 -32.08 -9.59
N TRP D 268 8.94 -32.96 -10.55
CA TRP D 268 8.72 -32.55 -11.93
C TRP D 268 7.55 -31.58 -12.08
N PRO D 269 6.36 -31.86 -11.54
CA PRO D 269 5.25 -30.91 -11.74
C PRO D 269 5.29 -29.74 -10.77
N ILE D 270 6.31 -29.67 -9.93
CA ILE D 270 6.35 -28.67 -8.86
C ILE D 270 7.27 -27.51 -9.20
N GLU D 271 8.55 -27.80 -9.47
CA GLU D 271 9.55 -26.74 -9.57
C GLU D 271 9.32 -25.87 -10.80
N ALA D 272 9.05 -26.49 -11.95
CA ALA D 272 8.82 -25.71 -13.17
C ALA D 272 7.58 -24.84 -13.04
N ARG D 273 6.50 -25.39 -12.49
CA ARG D 273 5.28 -24.62 -12.30
C ARG D 273 5.51 -23.46 -11.34
N ASN D 274 6.24 -23.70 -10.25
CA ASN D 274 6.51 -22.63 -9.30
C ASN D 274 7.36 -21.54 -9.93
N ALA D 275 8.33 -21.93 -10.78
CA ALA D 275 9.13 -20.93 -11.48
C ALA D 275 8.27 -20.08 -12.39
N ALA D 276 7.36 -20.72 -13.14
CA ALA D 276 6.47 -19.98 -14.02
C ALA D 276 5.58 -19.03 -13.25
N ILE D 277 5.06 -19.49 -12.10
CA ILE D 277 4.17 -18.66 -11.30
C ILE D 277 4.91 -17.48 -10.70
N ALA D 278 6.12 -17.71 -10.18
CA ALA D 278 6.87 -16.67 -9.48
C ALA D 278 7.75 -15.85 -10.40
N ASN D 279 7.75 -16.12 -11.70
CA ASN D 279 8.48 -15.31 -12.65
C ASN D 279 7.60 -14.72 -13.74
N HIS D 280 6.33 -15.14 -13.83
CA HIS D 280 5.39 -14.63 -14.84
C HIS D 280 5.93 -14.81 -16.25
N CYS D 281 6.63 -15.90 -16.50
CA CYS D 281 7.14 -16.21 -17.82
C CYS D 281 6.87 -17.68 -18.12
N PHE D 282 6.49 -17.97 -19.37
CA PHE D 282 6.19 -19.33 -19.77
C PHE D 282 7.41 -20.23 -19.57
N THR D 283 7.19 -21.39 -18.98
CA THR D 283 8.25 -22.36 -18.76
C THR D 283 7.86 -23.68 -19.41
N CYS D 284 8.84 -24.30 -20.08
CA CYS D 284 8.65 -25.58 -20.73
C CYS D 284 9.53 -26.61 -20.05
N ALA D 285 9.01 -27.84 -19.93
CA ALA D 285 9.71 -28.92 -19.27
C ALA D 285 9.83 -30.10 -20.24
N ILE D 286 11.07 -30.54 -20.47
CA ILE D 286 11.36 -31.61 -21.42
C ILE D 286 12.17 -32.68 -20.70
N ASN D 287 11.74 -33.93 -20.82
CA ASN D 287 12.47 -35.07 -20.28
C ASN D 287 12.36 -36.23 -21.26
N ARG D 288 13.50 -36.88 -21.51
CA ARG D 288 13.52 -37.99 -22.45
C ARG D 288 12.75 -39.18 -21.89
N VAL D 289 12.31 -40.05 -22.80
CA VAL D 289 11.53 -41.23 -22.44
C VAL D 289 12.37 -42.47 -22.71
N GLY D 290 11.92 -43.59 -22.14
CA GLY D 290 12.57 -44.88 -22.37
C GLY D 290 13.61 -45.20 -21.31
N THR D 291 14.26 -46.33 -21.50
CA THR D 291 15.30 -46.80 -20.59
C THR D 291 16.57 -47.06 -21.39
N GLU D 292 17.71 -46.74 -20.78
CA GLU D 292 19.01 -46.91 -21.42
C GLU D 292 19.73 -48.10 -20.78
N HIS D 293 20.27 -48.98 -21.62
CA HIS D 293 20.96 -50.18 -21.19
C HIS D 293 22.43 -50.09 -21.60
N PHE D 294 23.31 -50.56 -20.72
CA PHE D 294 24.74 -50.53 -20.97
C PHE D 294 25.33 -51.92 -20.81
N PRO D 295 26.36 -52.27 -21.59
CA PRO D 295 27.03 -53.56 -21.37
C PRO D 295 27.69 -53.69 -20.00
N ASN D 296 28.15 -52.58 -19.43
CA ASN D 296 28.80 -52.59 -18.13
C ASN D 296 27.81 -52.17 -17.05
N GLU D 297 28.17 -52.47 -15.80
CA GLU D 297 27.37 -52.11 -14.64
C GLU D 297 28.02 -50.94 -13.90
N PHE D 298 27.18 -50.14 -13.24
CA PHE D 298 27.65 -48.98 -12.48
C PHE D 298 26.95 -48.95 -11.13
N THR D 299 27.71 -48.60 -10.10
CA THR D 299 27.18 -48.48 -8.74
C THR D 299 26.89 -47.02 -8.45
N SER D 300 25.68 -46.73 -7.98
CA SER D 300 25.29 -45.38 -7.61
C SER D 300 26.15 -44.83 -6.49
N HIS D 307 24.67 -51.62 -12.24
CA HIS D 307 23.57 -52.28 -12.96
C HIS D 307 23.58 -51.91 -14.44
N GLN D 308 23.09 -52.82 -15.27
CA GLN D 308 23.10 -52.64 -16.71
C GLN D 308 22.21 -51.50 -17.17
N ASP D 309 21.04 -51.35 -16.57
CA ASP D 309 20.08 -50.33 -16.99
C ASP D 309 20.37 -49.00 -16.29
N PHE D 310 19.76 -47.94 -16.80
CA PHE D 310 19.89 -46.62 -16.19
C PHE D 310 18.54 -46.16 -15.66
N GLY D 311 17.80 -47.06 -15.04
CA GLY D 311 16.49 -46.74 -14.52
C GLY D 311 15.51 -46.46 -15.64
N TYR D 312 14.36 -45.91 -15.25
CA TYR D 312 13.31 -45.59 -16.20
C TYR D 312 13.14 -44.08 -16.27
N PHE D 313 12.80 -43.58 -17.46
CA PHE D 313 12.57 -42.16 -17.68
C PHE D 313 11.07 -41.94 -17.82
N TYR D 314 10.51 -41.08 -16.96
CA TYR D 314 9.06 -40.92 -16.91
C TYR D 314 8.58 -39.93 -17.96
N GLY D 315 9.50 -39.27 -18.66
CA GLY D 315 9.14 -38.28 -19.66
C GLY D 315 8.23 -37.20 -19.11
N SER D 316 6.95 -37.28 -19.48
CA SER D 316 5.92 -36.38 -18.98
C SER D 316 6.29 -34.92 -19.22
N SER D 317 6.56 -34.58 -20.48
CA SER D 317 6.88 -33.21 -20.84
C SER D 317 5.63 -32.36 -20.82
N TYR D 318 5.78 -31.12 -20.33
CA TYR D 318 4.65 -30.20 -20.24
C TYR D 318 5.16 -28.78 -20.27
N VAL D 319 4.23 -27.84 -20.52
CA VAL D 319 4.51 -26.41 -20.55
C VAL D 319 3.64 -25.74 -19.51
N ALA D 320 4.25 -24.90 -18.68
CA ALA D 320 3.52 -24.14 -17.67
C ALA D 320 3.36 -22.70 -18.12
N ALA D 321 2.34 -22.04 -17.59
CA ALA D 321 2.00 -20.68 -17.98
C ALA D 321 2.03 -19.75 -16.77
N PRO D 322 2.24 -18.44 -16.98
CA PRO D 322 2.27 -17.51 -15.84
C PRO D 322 0.97 -17.43 -15.07
N ASP D 323 -0.15 -17.84 -15.65
CA ASP D 323 -1.45 -17.80 -14.96
C ASP D 323 -1.79 -19.13 -14.30
N SER D 324 -0.77 -19.86 -13.84
CA SER D 324 -0.91 -21.08 -13.07
C SER D 324 -1.55 -22.22 -13.86
N SER D 325 -1.66 -22.08 -15.17
CA SER D 325 -2.19 -23.16 -16.00
C SER D 325 -1.04 -23.93 -16.65
N ARG D 326 -1.23 -25.24 -16.79
CA ARG D 326 -0.22 -26.09 -17.40
C ARG D 326 -0.87 -27.02 -18.40
N THR D 327 -0.11 -27.38 -19.44
CA THR D 327 -0.55 -28.40 -20.36
C THR D 327 -0.46 -29.76 -19.69
N PRO D 328 -1.38 -30.68 -19.97
CA PRO D 328 -1.27 -32.04 -19.43
C PRO D 328 0.03 -32.70 -19.89
N GLY D 329 0.64 -33.46 -18.99
CA GLY D 329 1.89 -34.11 -19.30
C GLY D 329 1.73 -35.16 -20.39
N LEU D 330 2.77 -35.32 -21.19
CA LEU D 330 2.77 -36.34 -22.23
C LEU D 330 2.88 -37.72 -21.62
N SER D 331 2.67 -38.73 -22.47
CA SER D 331 2.72 -40.12 -22.01
C SER D 331 4.11 -40.45 -21.46
N ARG D 332 4.12 -41.32 -20.45
CA ARG D 332 5.36 -41.67 -19.77
C ARG D 332 6.16 -42.75 -20.48
N SER D 333 5.57 -43.43 -21.47
CA SER D 333 6.26 -44.52 -22.14
C SER D 333 6.60 -44.19 -23.59
N ARG D 334 5.60 -43.81 -24.39
CA ARG D 334 5.83 -43.55 -25.80
C ARG D 334 6.40 -42.15 -26.01
N ASP D 335 7.37 -42.04 -26.92
CA ASP D 335 7.89 -40.74 -27.31
C ASP D 335 6.80 -39.93 -28.01
N GLY D 336 6.89 -38.62 -27.90
CA GLY D 336 5.86 -37.78 -28.49
C GLY D 336 6.30 -36.34 -28.68
N LEU D 337 5.35 -35.53 -29.12
CA LEU D 337 5.54 -34.11 -29.38
C LEU D 337 4.34 -33.33 -28.86
N LEU D 338 4.62 -32.22 -28.18
CA LEU D 338 3.58 -31.35 -27.64
C LEU D 338 3.63 -30.01 -28.35
N VAL D 339 2.47 -29.56 -28.82
CA VAL D 339 2.36 -28.27 -29.52
C VAL D 339 1.50 -27.36 -28.64
N ALA D 340 2.11 -26.31 -28.12
CA ALA D 340 1.44 -25.36 -27.24
C ALA D 340 1.33 -24.01 -27.92
N LYS D 341 0.11 -23.48 -27.99
CA LYS D 341 -0.14 -22.18 -28.62
C LYS D 341 0.00 -21.10 -27.55
N LEU D 342 1.23 -20.61 -27.40
CA LEU D 342 1.50 -19.61 -26.38
C LEU D 342 1.00 -18.24 -26.82
N ASP D 343 0.45 -17.49 -25.87
CA ASP D 343 0.02 -16.11 -26.07
C ASP D 343 0.79 -15.26 -25.06
N LEU D 344 1.90 -14.67 -25.51
CA LEU D 344 2.77 -13.93 -24.60
C LEU D 344 2.11 -12.70 -24.00
N ASN D 345 1.00 -12.25 -24.56
CA ASN D 345 0.32 -11.08 -24.03
C ASN D 345 -0.14 -11.29 -22.59
N LEU D 346 -0.58 -12.50 -22.25
CA LEU D 346 -0.99 -12.79 -20.89
C LEU D 346 0.19 -12.84 -19.92
N CYS D 347 1.42 -12.99 -20.44
CA CYS D 347 2.58 -13.08 -19.58
C CYS D 347 2.75 -11.82 -18.74
N GLN D 348 2.66 -10.65 -19.38
CA GLN D 348 2.84 -9.41 -18.66
C GLN D 348 1.53 -8.90 -18.04
N GLN D 349 0.38 -9.38 -18.51
CA GLN D 349 -0.88 -9.03 -17.88
C GLN D 349 -0.98 -9.58 -16.46
N VAL D 350 -0.62 -10.85 -16.26
CA VAL D 350 -0.57 -11.42 -14.93
C VAL D 350 0.58 -10.85 -14.12
N ASN D 351 1.70 -10.53 -14.76
CA ASN D 351 2.83 -9.92 -14.06
C ASN D 351 2.42 -8.61 -13.40
N ASP D 352 1.65 -7.79 -14.12
CA ASP D 352 1.19 -6.53 -13.57
C ASP D 352 0.22 -6.73 -12.41
N VAL D 353 -0.75 -7.62 -12.58
CA VAL D 353 -1.73 -7.88 -11.54
C VAL D 353 -1.05 -8.49 -10.31
N TRP D 354 -0.25 -9.53 -10.52
CA TRP D 354 0.51 -10.15 -9.43
C TRP D 354 1.93 -9.58 -9.45
N ASN D 355 2.13 -8.42 -8.81
CA ASN D 355 3.43 -7.78 -8.77
C ASN D 355 4.36 -8.48 -7.79
N PHE D 356 4.62 -9.76 -8.08
CA PHE D 356 5.54 -10.53 -7.24
C PHE D 356 6.95 -9.95 -7.29
N LYS D 357 7.34 -9.43 -8.46
CA LYS D 357 8.63 -8.74 -8.57
C LYS D 357 8.67 -7.51 -7.68
N MET D 358 7.61 -6.71 -7.70
CA MET D 358 7.60 -5.45 -6.96
C MET D 358 7.32 -5.70 -5.48
N THR D 359 6.27 -6.46 -5.17
CA THR D 359 6.01 -6.83 -3.78
C THR D 359 7.13 -7.71 -3.23
N GLY D 360 7.92 -8.32 -4.10
CA GLY D 360 9.12 -9.00 -3.66
C GLY D 360 10.26 -8.03 -3.41
N ARG D 361 10.54 -7.78 -2.13
CA ARG D 361 11.47 -6.72 -1.75
C ARG D 361 12.90 -7.13 -2.09
N TYR D 362 13.31 -6.87 -3.33
CA TYR D 362 14.66 -7.22 -3.78
C TYR D 362 15.72 -6.60 -2.88
N GLU D 363 15.49 -5.37 -2.41
CA GLU D 363 16.42 -4.73 -1.49
C GLU D 363 16.48 -5.49 -0.16
N MET D 364 15.34 -6.02 0.29
CA MET D 364 15.29 -6.69 1.58
C MET D 364 15.70 -8.15 1.49
N TYR D 365 15.73 -8.71 0.27
CA TYR D 365 16.04 -10.12 0.12
C TYR D 365 17.40 -10.37 -0.51
N ALA D 366 17.66 -9.76 -1.68
CA ALA D 366 18.91 -10.00 -2.38
C ALA D 366 20.10 -9.45 -1.60
N ARG D 367 19.90 -8.36 -0.87
CA ARG D 367 20.98 -7.77 -0.08
C ARG D 367 21.46 -8.74 1.00
#